data_7ZBO
#
_entry.id   7ZBO
#
_cell.length_a   91.098
_cell.length_b   112.195
_cell.length_c   153.146
_cell.angle_alpha   90.000
_cell.angle_beta   90.000
_cell.angle_gamma   90.000
#
_symmetry.space_group_name_H-M   'P 21 21 21'
#
loop_
_entity.id
_entity.type
_entity.pdbx_description
1 polymer 'Amine Dehydrogenase'
2 non-polymer 'NADP NICOTINAMIDE-ADENINE-DINUCLEOTIDE PHOSPHATE'
3 water water
#
_entity_poly.entity_id   1
_entity_poly.type   'polypeptide(L)'
_entity_poly.pdbx_seq_one_letter_code
;MHHHHHHSPLRVALYGFGNQNKEMAKMLVERKDVEIVAVISNKSNVGKDFGEVIGLAPQGILVTAGLDAAETLRTTNPQI
AMLSTLSTVGDIESQLRACAENKVNVYTIAEELTFSWTSAPEKTKEMDELFKEHNVSLIGGGFLDGACCDMARTMAAMMH
KIDKLDGGLQYNVDHYGQVLAIAHGVGLSEEEFYAENGPGWTSPTSYPKSYVYNMNDWFASAFGLTVIKTEEVKTPTKAP
IELYSEAIGRAIPVGQCTGMIVTATTTTEEGVIIVEKQVGKCYEDGDEDMVFMNLEGNPTGGVGFTMKNPPTPAMTNTIA
ISRMFQTVDAPAGYITTDKLPTMEAYVHGRL
;
_entity_poly.pdbx_strand_id   A,B,C,D
#
loop_
_chem_comp.id
_chem_comp.type
_chem_comp.name
_chem_comp.formula
NAP non-polymer 'NADP NICOTINAMIDE-ADENINE-DINUCLEOTIDE PHOSPHATE' 'C21 H28 N7 O17 P3'
#
# COMPACT_ATOMS: atom_id res chain seq x y z
N HIS A 4 -43.76 6.07 -28.95
CA HIS A 4 -42.99 5.19 -27.99
C HIS A 4 -43.88 4.86 -26.77
N HIS A 5 -44.24 3.58 -26.58
CA HIS A 5 -45.07 3.10 -25.42
C HIS A 5 -44.34 3.45 -24.12
N HIS A 6 -45.09 3.76 -23.06
CA HIS A 6 -44.55 4.12 -21.73
C HIS A 6 -43.79 2.92 -21.15
N HIS A 7 -42.59 3.18 -20.62
CA HIS A 7 -41.83 2.21 -19.77
C HIS A 7 -41.94 2.71 -18.32
N SER A 8 -42.15 1.83 -17.34
CA SER A 8 -42.11 2.22 -15.90
C SER A 8 -40.78 2.92 -15.64
N PRO A 9 -40.70 3.95 -14.75
CA PRO A 9 -39.42 4.60 -14.47
C PRO A 9 -38.36 3.64 -13.89
N LEU A 10 -37.11 3.80 -14.31
CA LEU A 10 -35.98 2.99 -13.80
C LEU A 10 -35.92 3.16 -12.27
N ARG A 11 -35.91 2.05 -11.54
CA ARG A 11 -35.80 2.02 -10.05
C ARG A 11 -34.30 2.11 -9.68
N VAL A 12 -33.92 3.21 -9.02
CA VAL A 12 -32.50 3.60 -8.80
C VAL A 12 -32.24 3.72 -7.29
N ALA A 13 -31.19 3.06 -6.79
CA ALA A 13 -30.63 3.27 -5.44
C ALA A 13 -29.38 4.15 -5.55
N LEU A 14 -29.24 5.09 -4.62
CA LEU A 14 -27.98 5.84 -4.37
C LEU A 14 -27.23 5.13 -3.24
N TYR A 15 -26.15 4.41 -3.57
CA TYR A 15 -25.34 3.63 -2.60
C TYR A 15 -24.13 4.48 -2.26
N GLY A 16 -24.17 5.06 -1.05
CA GLY A 16 -23.34 6.22 -0.66
C GLY A 16 -24.10 7.51 -0.89
N PHE A 17 -23.82 8.54 -0.10
CA PHE A 17 -24.58 9.82 -0.12
C PHE A 17 -23.70 10.98 0.37
N GLY A 18 -22.49 11.06 -0.16
CA GLY A 18 -21.51 12.13 0.13
C GLY A 18 -21.55 13.20 -0.94
N ASN A 19 -20.42 13.88 -1.20
CA ASN A 19 -20.32 15.00 -2.17
C ASN A 19 -20.93 14.62 -3.52
N GLN A 20 -20.61 13.42 -4.02
CA GLN A 20 -21.01 13.01 -5.39
C GLN A 20 -22.51 12.70 -5.44
N ASN A 21 -23.01 11.79 -4.60
CA ASN A 21 -24.40 11.24 -4.73
C ASN A 21 -25.44 12.24 -4.21
N LYS A 22 -25.06 13.17 -3.33
CA LYS A 22 -25.92 14.32 -2.97
C LYS A 22 -26.26 15.10 -4.25
N GLU A 23 -25.23 15.50 -5.01
CA GLU A 23 -25.38 16.26 -6.28
C GLU A 23 -26.05 15.35 -7.34
N MET A 24 -25.72 14.06 -7.39
CA MET A 24 -26.33 13.11 -8.37
C MET A 24 -27.84 13.03 -8.11
N ALA A 25 -28.25 13.06 -6.84
CA ALA A 25 -29.66 12.95 -6.39
C ALA A 25 -30.48 14.13 -6.95
N LYS A 26 -29.96 15.35 -6.84
CA LYS A 26 -30.66 16.58 -7.32
C LYS A 26 -31.07 16.43 -8.80
N MET A 27 -30.19 15.84 -9.62
CA MET A 27 -30.41 15.64 -11.07
C MET A 27 -31.38 14.48 -11.29
N LEU A 28 -31.24 13.37 -10.56
CA LEU A 28 -32.10 12.17 -10.78
C LEU A 28 -33.53 12.48 -10.35
N VAL A 29 -33.72 13.40 -9.40
CA VAL A 29 -35.05 13.85 -8.94
C VAL A 29 -35.76 14.52 -10.13
N GLU A 30 -35.06 15.39 -10.88
CA GLU A 30 -35.58 16.12 -12.08
C GLU A 30 -35.88 15.13 -13.23
N ARG A 31 -35.20 13.98 -13.30
CA ARG A 31 -35.35 13.03 -14.44
C ARG A 31 -36.67 12.26 -14.30
N LYS A 32 -37.60 12.46 -15.21
CA LYS A 32 -38.96 11.87 -15.16
C LYS A 32 -38.93 10.39 -15.61
N ASP A 33 -37.81 9.90 -16.17
CA ASP A 33 -37.65 8.46 -16.56
C ASP A 33 -37.05 7.63 -15.42
N VAL A 34 -36.88 8.23 -14.24
CA VAL A 34 -36.19 7.62 -13.06
C VAL A 34 -37.06 7.78 -11.80
N GLU A 35 -37.01 6.78 -10.92
CA GLU A 35 -37.61 6.80 -9.56
C GLU A 35 -36.55 6.37 -8.53
N ILE A 36 -36.10 7.29 -7.68
CA ILE A 36 -35.20 6.98 -6.54
C ILE A 36 -36.01 6.15 -5.54
N VAL A 37 -35.51 4.96 -5.20
CA VAL A 37 -36.22 3.90 -4.44
C VAL A 37 -35.50 3.68 -3.09
N ALA A 38 -34.27 4.18 -2.93
CA ALA A 38 -33.38 3.94 -1.77
C ALA A 38 -32.18 4.91 -1.81
N VAL A 39 -31.75 5.44 -0.66
CA VAL A 39 -30.46 6.17 -0.54
C VAL A 39 -29.76 5.71 0.75
N ILE A 40 -28.63 5.01 0.57
CA ILE A 40 -27.79 4.36 1.62
C ILE A 40 -26.59 5.28 1.88
N SER A 41 -26.27 5.53 3.16
CA SER A 41 -25.01 6.16 3.63
C SER A 41 -24.32 5.15 4.54
N ASN A 42 -23.20 5.50 5.14
CA ASN A 42 -22.62 4.67 6.23
C ASN A 42 -23.34 5.01 7.54
N LYS A 43 -23.13 6.24 8.04
CA LYS A 43 -23.73 6.77 9.31
C LYS A 43 -24.34 8.16 9.05
N SER A 44 -23.68 9.02 8.26
CA SER A 44 -24.09 10.43 7.99
C SER A 44 -25.54 10.49 7.49
N ASN A 45 -26.33 11.42 8.06
CA ASN A 45 -27.70 11.80 7.66
C ASN A 45 -28.69 10.62 7.76
N VAL A 46 -28.30 9.50 8.38
CA VAL A 46 -29.12 8.26 8.41
C VAL A 46 -30.37 8.60 9.24
N GLY A 47 -31.56 8.51 8.64
CA GLY A 47 -32.81 8.79 9.37
C GLY A 47 -33.51 10.02 8.83
N LYS A 48 -32.77 10.97 8.25
CA LYS A 48 -33.34 12.19 7.59
C LYS A 48 -33.85 11.84 6.18
N ASP A 49 -34.79 12.65 5.68
CA ASP A 49 -35.34 12.54 4.31
C ASP A 49 -34.30 13.10 3.33
N PHE A 50 -33.89 12.31 2.33
CA PHE A 50 -32.74 12.64 1.44
C PHE A 50 -32.98 13.98 0.73
N GLY A 51 -34.23 14.33 0.42
CA GLY A 51 -34.54 15.63 -0.22
C GLY A 51 -34.17 16.82 0.65
N GLU A 52 -34.48 16.73 1.96
CA GLU A 52 -34.24 17.82 2.95
C GLU A 52 -32.73 18.00 3.13
N VAL A 53 -31.99 16.89 3.10
CA VAL A 53 -30.50 16.88 3.19
C VAL A 53 -29.92 17.84 2.15
N ILE A 54 -30.49 17.86 0.94
CA ILE A 54 -29.96 18.54 -0.28
C ILE A 54 -30.84 19.75 -0.67
N GLY A 55 -31.54 20.37 0.30
CA GLY A 55 -32.25 21.65 0.14
C GLY A 55 -33.57 21.54 -0.63
N LEU A 56 -34.15 20.34 -0.74
CA LEU A 56 -35.37 20.04 -1.54
C LEU A 56 -36.55 19.73 -0.63
N ALA A 57 -37.76 19.69 -1.22
CA ALA A 57 -39.01 19.25 -0.56
C ALA A 57 -38.90 17.76 -0.22
N PRO A 58 -39.56 17.31 0.88
CA PRO A 58 -39.54 15.91 1.27
C PRO A 58 -39.88 14.97 0.10
N GLN A 59 -39.10 13.91 -0.07
CA GLN A 59 -39.23 12.98 -1.22
C GLN A 59 -39.98 11.71 -0.82
N GLY A 60 -40.06 11.43 0.49
CA GLY A 60 -40.76 10.25 1.04
C GLY A 60 -39.84 9.04 1.13
N ILE A 61 -38.53 9.28 1.25
CA ILE A 61 -37.48 8.24 1.30
C ILE A 61 -36.40 8.71 2.28
N LEU A 62 -36.15 7.90 3.32
CA LEU A 62 -35.18 8.20 4.41
C LEU A 62 -33.83 7.58 4.03
N VAL A 63 -32.76 8.30 4.35
CA VAL A 63 -31.36 7.82 4.26
C VAL A 63 -31.20 6.60 5.19
N THR A 64 -30.92 5.44 4.62
CA THR A 64 -30.73 4.14 5.31
C THR A 64 -29.23 3.93 5.63
N ALA A 65 -28.92 3.05 6.59
CA ALA A 65 -27.55 2.82 7.12
C ALA A 65 -26.80 1.75 6.30
N GLY A 66 -25.46 1.87 6.28
CA GLY A 66 -24.51 0.99 5.58
C GLY A 66 -24.73 -0.47 5.90
N LEU A 67 -24.80 -0.81 7.19
CA LEU A 67 -24.90 -2.22 7.70
C LEU A 67 -26.20 -2.89 7.18
N ASP A 68 -27.25 -2.11 6.91
CA ASP A 68 -28.60 -2.60 6.51
C ASP A 68 -28.80 -2.57 4.98
N ALA A 69 -27.74 -2.24 4.22
CA ALA A 69 -27.78 -2.15 2.75
C ALA A 69 -28.50 -3.36 2.13
N ALA A 70 -28.15 -4.59 2.50
CA ALA A 70 -28.69 -5.83 1.88
C ALA A 70 -30.22 -5.90 2.07
N GLU A 71 -30.71 -5.58 3.27
CA GLU A 71 -32.16 -5.58 3.61
C GLU A 71 -32.88 -4.48 2.79
N THR A 72 -32.34 -3.26 2.78
CA THR A 72 -32.92 -2.11 2.03
C THR A 72 -33.03 -2.44 0.53
N LEU A 73 -32.00 -3.03 -0.08
CA LEU A 73 -31.98 -3.41 -1.52
C LEU A 73 -32.94 -4.58 -1.77
N ARG A 74 -33.24 -5.38 -0.75
CA ARG A 74 -34.17 -6.55 -0.89
C ARG A 74 -35.61 -6.04 -0.96
N THR A 75 -35.99 -5.08 -0.11
CA THR A 75 -37.40 -4.60 0.09
C THR A 75 -37.75 -3.53 -0.95
N THR A 76 -36.93 -2.48 -1.04
CA THR A 76 -36.87 -1.57 -2.22
C THR A 76 -36.26 -2.43 -3.31
N ASN A 77 -36.80 -2.42 -4.54
CA ASN A 77 -36.38 -3.44 -5.55
C ASN A 77 -35.68 -2.70 -6.68
N PRO A 78 -34.52 -2.06 -6.44
CA PRO A 78 -33.89 -1.23 -7.47
C PRO A 78 -33.38 -2.14 -8.60
N GLN A 79 -33.38 -1.60 -9.83
CA GLN A 79 -32.76 -2.27 -10.99
C GLN A 79 -31.27 -1.89 -11.04
N ILE A 80 -30.92 -0.73 -10.47
CA ILE A 80 -29.51 -0.27 -10.48
C ILE A 80 -29.19 0.48 -9.19
N ALA A 81 -27.96 0.33 -8.73
CA ALA A 81 -27.37 1.11 -7.62
C ALA A 81 -26.24 1.94 -8.18
N MET A 82 -26.28 3.23 -7.85
CA MET A 82 -25.23 4.20 -8.23
C MET A 82 -24.26 4.21 -7.07
N LEU A 83 -23.20 3.41 -7.17
CA LEU A 83 -22.25 3.14 -6.07
C LEU A 83 -21.19 4.25 -6.07
N SER A 84 -21.33 5.21 -5.17
CA SER A 84 -20.36 6.33 -5.01
C SER A 84 -19.85 6.37 -3.55
N THR A 85 -18.98 5.39 -3.22
CA THR A 85 -18.48 5.08 -1.85
C THR A 85 -16.95 5.15 -1.83
N LEU A 86 -16.25 4.15 -2.39
CA LEU A 86 -14.79 3.99 -2.28
C LEU A 86 -14.19 3.70 -3.68
N SER A 87 -12.86 3.61 -3.79
CA SER A 87 -12.07 3.78 -5.03
C SER A 87 -11.56 2.45 -5.59
N THR A 88 -11.66 1.37 -4.84
CA THR A 88 -10.88 0.12 -5.04
C THR A 88 -11.87 -1.03 -5.16
N VAL A 89 -11.56 -2.07 -5.94
CA VAL A 89 -12.51 -3.21 -6.07
C VAL A 89 -12.60 -3.93 -4.71
N GLY A 90 -11.47 -4.05 -4.00
CA GLY A 90 -11.40 -4.59 -2.61
C GLY A 90 -12.32 -3.85 -1.63
N ASP A 91 -12.25 -2.53 -1.59
CA ASP A 91 -12.95 -1.69 -0.58
C ASP A 91 -14.45 -1.62 -0.91
N ILE A 92 -14.86 -1.82 -2.16
CA ILE A 92 -16.32 -1.75 -2.52
C ILE A 92 -16.92 -3.16 -2.51
N GLU A 93 -16.10 -4.22 -2.37
CA GLU A 93 -16.53 -5.65 -2.41
C GLU A 93 -17.80 -5.84 -1.58
N SER A 94 -17.85 -5.32 -0.35
CA SER A 94 -18.98 -5.58 0.58
C SER A 94 -20.25 -4.92 0.02
N GLN A 95 -20.13 -3.73 -0.56
CA GLN A 95 -21.28 -3.04 -1.22
C GLN A 95 -21.67 -3.82 -2.49
N LEU A 96 -20.71 -4.23 -3.30
CA LEU A 96 -20.95 -5.02 -4.54
C LEU A 96 -21.74 -6.29 -4.17
N ARG A 97 -21.36 -6.99 -3.10
CA ARG A 97 -21.98 -8.27 -2.65
C ARG A 97 -23.44 -8.01 -2.28
N ALA A 98 -23.72 -6.92 -1.56
CA ALA A 98 -25.10 -6.53 -1.17
C ALA A 98 -25.98 -6.36 -2.42
N CYS A 99 -25.41 -5.76 -3.47
CA CYS A 99 -26.08 -5.50 -4.78
C CYS A 99 -26.27 -6.81 -5.53
N ALA A 100 -25.19 -7.55 -5.81
CA ALA A 100 -25.22 -8.78 -6.62
C ALA A 100 -26.24 -9.76 -6.03
N GLU A 101 -26.23 -9.97 -4.71
CA GLU A 101 -27.04 -11.03 -4.03
C GLU A 101 -28.53 -10.69 -4.17
N ASN A 102 -28.86 -9.40 -4.31
CA ASN A 102 -30.24 -8.89 -4.50
C ASN A 102 -30.53 -8.56 -5.99
N LYS A 103 -29.76 -9.13 -6.93
CA LYS A 103 -29.92 -8.91 -8.40
C LYS A 103 -30.05 -7.40 -8.72
N VAL A 104 -29.18 -6.58 -8.16
CA VAL A 104 -29.10 -5.12 -8.44
C VAL A 104 -27.84 -4.82 -9.25
N ASN A 105 -28.03 -4.29 -10.48
CA ASN A 105 -26.92 -3.84 -11.36
C ASN A 105 -26.18 -2.69 -10.66
N VAL A 106 -24.91 -2.49 -11.01
CA VAL A 106 -24.07 -1.40 -10.41
C VAL A 106 -23.37 -0.61 -11.52
N TYR A 107 -23.55 0.70 -11.50
CA TYR A 107 -22.53 1.65 -12.02
C TYR A 107 -21.89 2.33 -10.81
N THR A 108 -20.57 2.21 -10.71
CA THR A 108 -19.75 2.81 -9.64
C THR A 108 -18.82 3.87 -10.24
N ILE A 109 -18.56 4.93 -9.47
CA ILE A 109 -17.53 5.93 -9.85
C ILE A 109 -16.18 5.54 -9.23
N ALA A 110 -16.08 4.35 -8.63
CA ALA A 110 -14.79 3.78 -8.17
C ALA A 110 -13.76 3.90 -9.30
N GLU A 111 -12.78 4.80 -9.14
CA GLU A 111 -11.71 5.04 -10.13
C GLU A 111 -11.18 3.71 -10.67
N GLU A 112 -10.83 2.75 -9.83
CA GLU A 112 -10.11 1.54 -10.27
C GLU A 112 -10.95 0.78 -11.29
N LEU A 113 -12.28 0.90 -11.25
CA LEU A 113 -13.17 0.01 -12.06
C LEU A 113 -13.37 0.53 -13.48
N THR A 114 -12.74 1.65 -13.83
CA THR A 114 -12.40 2.00 -15.23
C THR A 114 -11.91 0.73 -15.93
N PHE A 115 -10.97 0.01 -15.30
CA PHE A 115 -10.34 -1.24 -15.82
C PHE A 115 -9.45 -1.83 -14.73
N SER A 116 -10.02 -2.71 -13.91
CA SER A 116 -9.39 -3.29 -12.69
C SER A 116 -8.76 -4.67 -12.96
N TRP A 117 -8.93 -5.24 -14.16
CA TRP A 117 -8.51 -6.62 -14.50
C TRP A 117 -7.03 -6.88 -14.17
N THR A 118 -6.11 -5.93 -14.35
CA THR A 118 -4.65 -6.22 -14.13
C THR A 118 -4.19 -5.62 -12.80
N SER A 119 -4.81 -4.54 -12.32
CA SER A 119 -4.42 -3.91 -11.04
C SER A 119 -4.88 -4.80 -9.88
N ALA A 120 -6.01 -5.49 -10.05
CA ALA A 120 -6.59 -6.40 -9.04
C ALA A 120 -7.15 -7.64 -9.75
N PRO A 121 -6.31 -8.55 -10.26
CA PRO A 121 -6.78 -9.68 -11.08
C PRO A 121 -7.79 -10.62 -10.40
N GLU A 122 -7.47 -11.10 -9.19
CA GLU A 122 -8.27 -12.14 -8.47
C GLU A 122 -9.56 -11.53 -7.93
N LYS A 123 -9.50 -10.32 -7.34
CA LYS A 123 -10.71 -9.67 -6.77
C LYS A 123 -11.66 -9.31 -7.92
N THR A 124 -11.14 -8.90 -9.09
CA THR A 124 -11.98 -8.56 -10.27
C THR A 124 -12.65 -9.82 -10.80
N LYS A 125 -11.87 -10.90 -10.94
CA LYS A 125 -12.37 -12.23 -11.39
C LYS A 125 -13.55 -12.67 -10.49
N GLU A 126 -13.39 -12.51 -9.17
CA GLU A 126 -14.41 -12.86 -8.15
C GLU A 126 -15.68 -12.05 -8.41
N MET A 127 -15.53 -10.74 -8.59
CA MET A 127 -16.68 -9.82 -8.76
C MET A 127 -17.35 -10.08 -10.13
N ASP A 128 -16.57 -10.35 -11.16
CA ASP A 128 -17.12 -10.79 -12.47
C ASP A 128 -17.99 -12.02 -12.24
N GLU A 129 -17.45 -13.07 -11.62
CA GLU A 129 -18.17 -14.37 -11.45
C GLU A 129 -19.41 -14.16 -10.59
N LEU A 130 -19.32 -13.32 -9.55
CA LEU A 130 -20.47 -13.05 -8.65
C LEU A 130 -21.61 -12.38 -9.44
N PHE A 131 -21.30 -11.37 -10.25
CA PHE A 131 -22.31 -10.61 -11.01
C PHE A 131 -22.89 -11.54 -12.10
N LYS A 132 -22.03 -12.33 -12.76
CA LYS A 132 -22.48 -13.32 -13.76
C LYS A 132 -23.49 -14.29 -13.13
N GLU A 133 -23.18 -14.82 -11.94
CA GLU A 133 -24.01 -15.82 -11.24
C GLU A 133 -25.41 -15.25 -10.93
N HIS A 134 -25.53 -13.98 -10.56
CA HIS A 134 -26.82 -13.34 -10.17
C HIS A 134 -27.42 -12.59 -11.37
N ASN A 135 -26.79 -12.72 -12.54
CA ASN A 135 -27.28 -12.22 -13.85
C ASN A 135 -27.48 -10.69 -13.79
N VAL A 136 -26.49 -9.97 -13.27
CA VAL A 136 -26.47 -8.49 -13.27
C VAL A 136 -25.09 -8.03 -13.76
N SER A 137 -24.93 -6.72 -13.95
CA SER A 137 -23.74 -6.12 -14.59
C SER A 137 -23.07 -5.18 -13.59
N LEU A 138 -21.73 -5.22 -13.57
CA LEU A 138 -20.87 -4.27 -12.83
C LEU A 138 -20.12 -3.43 -13.86
N ILE A 139 -20.30 -2.12 -13.80
CA ILE A 139 -19.66 -1.15 -14.75
C ILE A 139 -19.19 0.05 -13.93
N GLY A 140 -18.13 0.74 -14.34
CA GLY A 140 -17.76 1.98 -13.63
C GLY A 140 -16.61 2.75 -14.25
N GLY A 141 -16.22 3.83 -13.57
CA GLY A 141 -15.04 4.64 -13.88
C GLY A 141 -15.32 6.13 -13.75
N GLY A 142 -16.58 6.56 -13.82
CA GLY A 142 -16.92 7.98 -13.67
C GLY A 142 -16.19 8.88 -14.66
N PHE A 143 -15.55 9.95 -14.19
CA PHE A 143 -14.90 10.97 -15.05
C PHE A 143 -13.89 10.29 -15.96
N LEU A 144 -13.20 9.26 -15.47
CA LEU A 144 -12.13 8.56 -16.24
C LEU A 144 -12.80 7.79 -17.38
N ASP A 145 -13.97 7.24 -17.12
CA ASP A 145 -14.77 6.50 -18.14
C ASP A 145 -15.15 7.45 -19.27
N GLY A 146 -15.96 8.44 -18.98
CA GLY A 146 -16.66 9.25 -20.00
C GLY A 146 -15.81 10.36 -20.57
N ALA A 147 -15.27 11.23 -19.71
CA ALA A 147 -14.62 12.49 -20.16
C ALA A 147 -13.21 12.22 -20.68
N CYS A 148 -12.57 11.12 -20.26
CA CYS A 148 -11.20 10.78 -20.69
C CYS A 148 -11.30 9.67 -21.74
N CYS A 149 -11.63 8.46 -21.35
CA CYS A 149 -11.61 7.26 -22.23
C CYS A 149 -12.62 7.37 -23.40
N ASP A 150 -13.90 7.65 -23.12
CA ASP A 150 -14.96 7.63 -24.16
C ASP A 150 -14.78 8.77 -25.16
N MET A 151 -14.48 9.99 -24.69
CA MET A 151 -14.14 11.12 -25.59
C MET A 151 -12.98 10.68 -26.50
N ALA A 152 -11.91 10.10 -25.98
CA ALA A 152 -10.76 9.67 -26.80
C ALA A 152 -11.17 8.53 -27.72
N ARG A 153 -12.13 7.70 -27.32
CA ARG A 153 -12.55 6.54 -28.15
C ARG A 153 -13.24 7.06 -29.41
N THR A 154 -14.05 8.12 -29.29
CA THR A 154 -14.70 8.79 -30.44
C THR A 154 -13.60 9.34 -31.35
N MET A 155 -12.72 10.18 -30.79
CA MET A 155 -11.62 10.83 -31.54
C MET A 155 -10.78 9.77 -32.27
N ALA A 156 -10.51 8.63 -31.65
CA ALA A 156 -9.57 7.63 -32.19
C ALA A 156 -10.16 6.92 -33.43
N ALA A 157 -11.49 6.93 -33.63
CA ALA A 157 -12.13 6.35 -34.84
C ALA A 157 -11.53 7.02 -36.08
N MET A 158 -11.02 8.25 -35.92
CA MET A 158 -10.51 9.10 -37.02
C MET A 158 -9.04 8.77 -37.33
N MET A 159 -8.49 7.76 -36.66
CA MET A 159 -7.10 7.34 -36.91
C MET A 159 -7.09 6.11 -37.83
N HIS A 160 -6.17 6.10 -38.80
CA HIS A 160 -5.89 4.97 -39.73
C HIS A 160 -4.92 4.00 -39.04
N LYS A 161 -3.90 4.58 -38.40
CA LYS A 161 -2.86 3.86 -37.62
C LYS A 161 -2.53 4.67 -36.37
N ILE A 162 -2.57 4.02 -35.19
CA ILE A 162 -2.12 4.68 -33.92
C ILE A 162 -0.75 4.10 -33.55
N ASP A 163 0.30 4.94 -33.46
CA ASP A 163 1.63 4.57 -32.95
C ASP A 163 1.72 4.88 -31.45
N LYS A 164 1.10 5.97 -30.99
CA LYS A 164 1.23 6.44 -29.58
C LYS A 164 -0.04 7.18 -29.16
N LEU A 165 -0.53 6.91 -27.95
CA LEU A 165 -1.56 7.73 -27.28
C LEU A 165 -0.83 8.48 -26.17
N ASP A 166 -0.99 9.80 -26.11
CA ASP A 166 -0.31 10.67 -25.12
C ASP A 166 -1.42 11.50 -24.46
N GLY A 167 -1.77 11.15 -23.22
CA GLY A 167 -2.98 11.62 -22.52
C GLY A 167 -2.68 12.12 -21.13
N GLY A 168 -3.63 12.83 -20.51
CA GLY A 168 -3.35 13.56 -19.26
C GLY A 168 -4.60 14.10 -18.58
N LEU A 169 -4.47 14.32 -17.29
CA LEU A 169 -5.54 14.68 -16.35
C LEU A 169 -4.91 15.55 -15.29
N GLN A 170 -5.46 16.71 -14.99
CA GLN A 170 -4.87 17.61 -13.96
C GLN A 170 -6.01 18.10 -13.08
N TYR A 171 -5.83 18.06 -11.77
CA TYR A 171 -6.83 18.45 -10.75
C TYR A 171 -6.12 19.15 -9.59
N ASN A 172 -6.88 19.94 -8.81
CA ASN A 172 -6.37 20.67 -7.62
C ASN A 172 -6.55 19.80 -6.37
N VAL A 173 -5.48 19.18 -5.88
CA VAL A 173 -5.55 18.24 -4.70
C VAL A 173 -5.76 19.06 -3.42
N ASP A 174 -5.46 20.36 -3.39
CA ASP A 174 -5.75 21.22 -2.22
C ASP A 174 -7.26 21.33 -1.96
N HIS A 175 -8.11 20.87 -2.87
CA HIS A 175 -9.60 20.91 -2.76
C HIS A 175 -10.16 19.48 -2.61
N TYR A 176 -9.35 18.52 -2.16
CA TYR A 176 -9.72 17.08 -2.02
C TYR A 176 -9.46 16.60 -0.59
N GLY A 177 -9.21 17.52 0.35
CA GLY A 177 -9.02 17.20 1.79
C GLY A 177 -7.59 16.83 2.14
N GLN A 178 -7.27 16.85 3.44
CA GLN A 178 -5.94 16.57 4.01
C GLN A 178 -5.42 15.18 3.60
N VAL A 179 -6.24 14.13 3.66
CA VAL A 179 -5.82 12.72 3.37
C VAL A 179 -5.29 12.59 1.93
N LEU A 180 -6.07 13.07 0.96
CA LEU A 180 -5.72 13.00 -0.49
C LEU A 180 -4.50 13.90 -0.76
N ALA A 181 -4.40 15.09 -0.15
CA ALA A 181 -3.20 15.96 -0.24
C ALA A 181 -1.96 15.20 0.25
N ILE A 182 -2.04 14.56 1.42
CA ILE A 182 -0.94 13.75 2.04
C ILE A 182 -0.56 12.60 1.10
N ALA A 183 -1.53 11.92 0.49
CA ALA A 183 -1.27 10.80 -0.44
C ALA A 183 -0.53 11.24 -1.71
N HIS A 184 -0.55 12.56 -2.02
CA HIS A 184 0.13 13.20 -3.18
C HIS A 184 1.40 13.97 -2.74
N GLY A 185 1.75 13.88 -1.45
CA GLY A 185 3.05 14.35 -0.96
C GLY A 185 3.10 15.86 -0.78
N VAL A 186 1.98 16.56 -0.59
CA VAL A 186 2.03 18.03 -0.39
C VAL A 186 2.63 18.32 0.99
N GLY A 187 3.65 19.19 1.02
CA GLY A 187 4.35 19.62 2.23
C GLY A 187 5.60 18.78 2.50
N LEU A 188 5.79 17.66 1.79
CA LEU A 188 7.00 16.81 1.86
C LEU A 188 8.20 17.52 1.20
N SER A 189 9.40 17.41 1.76
CA SER A 189 10.66 17.64 1.00
C SER A 189 10.76 16.56 -0.06
N GLU A 190 11.58 16.76 -1.10
CA GLU A 190 11.74 15.75 -2.17
C GLU A 190 12.23 14.45 -1.57
N GLU A 191 13.14 14.56 -0.60
CA GLU A 191 13.80 13.39 0.05
C GLU A 191 12.74 12.61 0.85
N GLU A 192 11.87 13.31 1.58
CA GLU A 192 10.72 12.69 2.28
C GLU A 192 9.81 12.03 1.23
N PHE A 193 9.60 12.70 0.11
CA PHE A 193 8.71 12.22 -0.99
C PHE A 193 9.15 10.84 -1.49
N TYR A 194 10.47 10.63 -1.62
CA TYR A 194 11.09 9.42 -2.23
C TYR A 194 11.47 8.39 -1.16
N ALA A 195 11.22 8.67 0.12
CA ALA A 195 11.41 7.70 1.23
C ALA A 195 10.54 6.45 1.00
N GLU A 196 10.89 5.34 1.66
CA GLU A 196 10.25 4.01 1.48
C GLU A 196 8.75 4.08 1.84
N ASN A 197 7.88 3.82 0.86
CA ASN A 197 6.39 3.78 0.96
C ASN A 197 5.77 5.18 1.09
N GLY A 198 6.60 6.22 0.95
CA GLY A 198 6.15 7.58 0.67
C GLY A 198 5.40 7.65 -0.66
N PRO A 199 4.78 8.81 -0.97
CA PRO A 199 4.02 8.93 -2.21
C PRO A 199 4.85 8.59 -3.46
N GLY A 200 6.14 8.99 -3.50
CA GLY A 200 7.02 8.82 -4.67
C GLY A 200 7.56 7.42 -4.83
N TRP A 201 7.41 6.57 -3.81
CA TRP A 201 7.98 5.20 -3.84
C TRP A 201 7.21 4.35 -4.85
N THR A 202 7.89 3.57 -5.67
CA THR A 202 7.24 2.78 -6.74
C THR A 202 7.93 1.42 -6.90
N SER A 203 7.15 0.35 -7.04
CA SER A 203 7.66 -1.05 -7.06
C SER A 203 6.68 -1.91 -7.83
N PRO A 204 7.11 -3.06 -8.38
CA PRO A 204 6.17 -3.96 -9.06
C PRO A 204 5.00 -4.39 -8.16
N THR A 205 5.13 -4.30 -6.84
CA THR A 205 4.12 -4.74 -5.83
C THR A 205 3.26 -3.56 -5.34
N SER A 206 3.58 -2.30 -5.70
CA SER A 206 2.82 -1.10 -5.27
C SER A 206 1.33 -1.31 -5.53
N TYR A 207 0.51 -0.95 -4.55
CA TYR A 207 -0.96 -1.04 -4.62
C TYR A 207 -1.56 -0.08 -3.60
N PRO A 208 -2.64 0.67 -3.94
CA PRO A 208 -3.24 0.64 -5.27
C PRO A 208 -2.42 1.37 -6.35
N LYS A 209 -2.65 1.00 -7.60
CA LYS A 209 -2.11 1.67 -8.81
C LYS A 209 -2.85 3.00 -9.02
N SER A 210 -2.25 3.89 -9.81
CA SER A 210 -2.81 5.22 -10.20
C SER A 210 -4.01 5.02 -11.13
N TYR A 211 -4.87 6.04 -11.22
CA TYR A 211 -6.05 6.06 -12.13
C TYR A 211 -5.56 5.85 -13.58
N VAL A 212 -4.48 6.52 -13.96
CA VAL A 212 -3.91 6.46 -15.35
C VAL A 212 -3.46 5.03 -15.64
N TYR A 213 -3.02 4.27 -14.64
CA TYR A 213 -2.71 2.83 -14.82
C TYR A 213 -3.95 2.15 -15.42
N ASN A 214 -5.13 2.34 -14.82
CA ASN A 214 -6.37 1.65 -15.28
C ASN A 214 -6.80 2.19 -16.65
N MET A 215 -6.63 3.48 -16.89
CA MET A 215 -6.99 4.11 -18.18
C MET A 215 -6.12 3.50 -19.29
N ASN A 216 -4.81 3.33 -19.06
CA ASN A 216 -3.89 2.69 -20.03
C ASN A 216 -4.45 1.35 -20.48
N ASP A 217 -4.91 0.55 -19.56
CA ASP A 217 -5.37 -0.83 -19.86
C ASP A 217 -6.71 -0.75 -20.58
N TRP A 218 -7.53 0.26 -20.28
CA TRP A 218 -8.82 0.53 -20.99
C TRP A 218 -8.51 0.74 -22.48
N PHE A 219 -7.57 1.63 -22.80
CA PHE A 219 -7.17 1.94 -24.20
C PHE A 219 -6.63 0.66 -24.84
N ALA A 220 -5.74 -0.06 -24.17
CA ALA A 220 -5.13 -1.28 -24.75
C ALA A 220 -6.26 -2.27 -25.09
N SER A 221 -7.29 -2.36 -24.26
CA SER A 221 -8.45 -3.24 -24.52
C SER A 221 -9.26 -2.70 -25.72
N ALA A 222 -9.58 -1.40 -25.74
CA ALA A 222 -10.39 -0.73 -26.78
C ALA A 222 -9.73 -0.89 -28.16
N PHE A 223 -8.41 -0.65 -28.25
CA PHE A 223 -7.63 -0.65 -29.50
C PHE A 223 -7.23 -2.08 -29.90
N GLY A 224 -7.62 -3.11 -29.13
CA GLY A 224 -7.31 -4.52 -29.45
C GLY A 224 -5.82 -4.78 -29.44
N LEU A 225 -5.11 -4.25 -28.44
CA LEU A 225 -3.64 -4.38 -28.27
C LEU A 225 -3.36 -5.43 -27.18
N THR A 226 -2.14 -5.95 -27.17
CA THR A 226 -1.67 -6.97 -26.20
C THR A 226 -0.59 -6.31 -25.34
N VAL A 227 -0.89 -6.10 -24.06
CA VAL A 227 0.02 -5.43 -23.09
C VAL A 227 1.25 -6.32 -22.81
N ILE A 228 2.46 -5.77 -22.95
CA ILE A 228 3.71 -6.39 -22.43
C ILE A 228 3.82 -6.00 -20.94
N LYS A 229 4.04 -4.71 -20.66
CA LYS A 229 4.20 -4.16 -19.29
C LYS A 229 3.59 -2.76 -19.21
N THR A 230 2.95 -2.43 -18.10
CA THR A 230 2.62 -1.05 -17.66
C THR A 230 3.49 -0.71 -16.45
N GLU A 231 4.37 0.30 -16.54
CA GLU A 231 5.14 0.82 -15.37
C GLU A 231 4.63 2.20 -14.99
N GLU A 232 4.58 2.49 -13.68
CA GLU A 232 4.30 3.84 -13.13
C GLU A 232 5.61 4.50 -12.70
N VAL A 233 5.76 5.80 -12.94
CA VAL A 233 6.90 6.64 -12.48
C VAL A 233 6.30 7.84 -11.75
N LYS A 234 6.72 8.10 -10.51
CA LYS A 234 6.13 9.17 -9.67
C LYS A 234 7.16 10.29 -9.53
N THR A 235 6.72 11.54 -9.67
CA THR A 235 7.57 12.76 -9.69
C THR A 235 6.87 13.81 -8.84
N PRO A 236 7.58 14.50 -7.92
CA PRO A 236 6.95 15.58 -7.16
C PRO A 236 6.80 16.81 -8.05
N THR A 237 5.81 17.67 -7.73
CA THR A 237 5.62 19.00 -8.36
C THR A 237 6.19 20.05 -7.40
N LYS A 238 6.67 21.18 -7.92
CA LYS A 238 7.19 22.31 -7.11
C LYS A 238 6.73 23.60 -7.77
N ALA A 239 6.79 24.72 -7.05
CA ALA A 239 6.30 26.03 -7.52
C ALA A 239 7.40 27.06 -7.29
N PRO A 240 7.53 28.08 -8.16
CA PRO A 240 8.64 29.04 -8.06
C PRO A 240 8.39 30.09 -6.97
N ILE A 241 7.17 30.10 -6.43
CA ILE A 241 6.78 30.98 -5.28
C ILE A 241 6.16 30.12 -4.18
N GLU A 242 6.05 30.71 -2.99
CA GLU A 242 5.35 30.14 -1.81
C GLU A 242 3.85 30.03 -2.11
N LEU A 243 3.29 28.84 -1.98
CA LEU A 243 1.84 28.57 -1.97
C LEU A 243 1.37 28.41 -0.53
N TYR A 244 0.05 28.53 -0.34
CA TYR A 244 -0.65 28.16 0.91
C TYR A 244 -1.55 26.96 0.59
N SER A 245 -1.41 25.87 1.32
CA SER A 245 -2.28 24.67 1.20
C SER A 245 -3.40 24.75 2.27
N GLU A 246 -4.67 24.78 1.87
CA GLU A 246 -5.82 24.68 2.84
C GLU A 246 -5.84 23.25 3.38
N ALA A 247 -5.51 22.25 2.55
CA ALA A 247 -5.63 20.81 2.88
C ALA A 247 -4.75 20.43 4.08
N ILE A 248 -3.47 20.86 4.11
CA ILE A 248 -2.55 20.58 5.26
C ILE A 248 -2.40 21.83 6.14
N GLY A 249 -3.00 22.95 5.76
CA GLY A 249 -3.18 24.13 6.62
C GLY A 249 -1.89 24.86 6.93
N ARG A 250 -0.96 24.96 5.98
CA ARG A 250 0.29 25.78 6.15
C ARG A 250 0.85 26.17 4.79
N ALA A 251 1.78 27.11 4.80
CA ALA A 251 2.57 27.54 3.62
C ALA A 251 3.38 26.34 3.11
N ILE A 252 3.58 26.28 1.80
CA ILE A 252 4.54 25.37 1.11
C ILE A 252 5.70 26.22 0.62
N PRO A 253 6.87 26.18 1.31
CA PRO A 253 8.04 26.94 0.86
C PRO A 253 8.48 26.51 -0.55
N VAL A 254 9.17 27.42 -1.24
CA VAL A 254 9.69 27.19 -2.61
C VAL A 254 10.56 25.93 -2.54
N GLY A 255 10.37 25.00 -3.45
CA GLY A 255 11.22 23.80 -3.53
C GLY A 255 10.67 22.66 -2.71
N GLN A 256 9.71 22.91 -1.82
CA GLN A 256 8.95 21.86 -1.09
C GLN A 256 7.85 21.35 -2.04
N CYS A 257 7.52 20.05 -1.94
CA CYS A 257 6.55 19.39 -2.86
C CYS A 257 5.15 20.01 -2.72
N THR A 258 4.57 20.38 -3.88
CA THR A 258 3.20 20.94 -4.01
C THR A 258 2.22 19.85 -4.45
N GLY A 259 2.71 18.65 -4.77
CA GLY A 259 1.86 17.54 -5.24
C GLY A 259 2.64 16.55 -6.05
N MET A 260 1.96 15.84 -6.95
CA MET A 260 2.49 14.60 -7.55
C MET A 260 2.00 14.43 -8.99
N ILE A 261 2.88 13.93 -9.84
CA ILE A 261 2.63 13.41 -11.20
C ILE A 261 2.88 11.91 -11.17
N VAL A 262 1.88 11.11 -11.54
CA VAL A 262 2.07 9.67 -11.85
C VAL A 262 2.01 9.55 -13.37
N THR A 263 3.07 9.04 -13.98
CA THR A 263 3.12 8.76 -15.43
C THR A 263 3.04 7.24 -15.57
N ALA A 264 2.01 6.74 -16.24
CA ALA A 264 1.85 5.32 -16.61
C ALA A 264 2.26 5.14 -18.06
N THR A 265 3.23 4.28 -18.32
CA THR A 265 3.72 3.94 -19.67
C THR A 265 3.44 2.45 -19.95
N THR A 266 2.61 2.15 -20.93
CA THR A 266 2.28 0.78 -21.38
C THR A 266 2.97 0.48 -22.71
N THR A 267 3.73 -0.60 -22.78
CA THR A 267 4.27 -1.16 -24.04
C THR A 267 3.40 -2.36 -24.43
N THR A 268 3.46 -2.73 -25.70
CA THR A 268 2.42 -3.54 -26.38
C THR A 268 3.14 -4.43 -27.39
N GLU A 269 2.62 -5.62 -27.68
CA GLU A 269 3.27 -6.56 -28.62
C GLU A 269 3.25 -5.97 -30.04
N GLU A 270 2.33 -5.03 -30.28
CA GLU A 270 2.10 -4.39 -31.59
C GLU A 270 3.01 -3.19 -31.80
N GLY A 271 3.78 -2.77 -30.79
CA GLY A 271 4.70 -1.61 -30.92
C GLY A 271 4.02 -0.28 -30.60
N VAL A 272 2.72 -0.28 -30.27
CA VAL A 272 1.95 0.93 -29.86
C VAL A 272 2.34 1.30 -28.43
N ILE A 273 2.68 2.56 -28.21
CA ILE A 273 3.02 3.10 -26.85
C ILE A 273 1.81 3.88 -26.33
N ILE A 274 1.44 3.70 -25.05
CA ILE A 274 0.34 4.46 -24.37
C ILE A 274 0.93 5.12 -23.12
N VAL A 275 0.95 6.45 -23.07
CA VAL A 275 1.55 7.23 -21.95
C VAL A 275 0.45 8.16 -21.42
N GLU A 276 0.14 8.09 -20.12
CA GLU A 276 -0.86 8.96 -19.47
C GLU A 276 -0.27 9.51 -18.17
N LYS A 277 -0.45 10.80 -17.94
CA LYS A 277 0.03 11.57 -16.78
C LYS A 277 -1.18 11.92 -15.90
N GLN A 278 -1.07 11.68 -14.61
CA GLN A 278 -2.04 12.13 -13.59
C GLN A 278 -1.34 13.19 -12.75
N VAL A 279 -1.80 14.44 -12.79
CA VAL A 279 -1.15 15.58 -12.08
C VAL A 279 -2.14 16.07 -11.03
N GLY A 280 -1.83 15.87 -9.75
CA GLY A 280 -2.58 16.42 -8.62
C GLY A 280 -1.67 17.29 -7.80
N LYS A 281 -1.95 18.59 -7.72
CA LYS A 281 -1.07 19.57 -7.03
C LYS A 281 -1.85 20.79 -6.56
N CYS A 282 -1.21 21.56 -5.70
CA CYS A 282 -1.63 22.92 -5.33
C CYS A 282 -1.27 23.80 -6.52
N TYR A 283 -2.19 24.67 -6.88
CA TYR A 283 -2.18 25.53 -8.07
C TYR A 283 -1.54 26.87 -7.73
N GLU A 284 -0.69 27.39 -8.61
CA GLU A 284 -0.39 28.86 -8.57
C GLU A 284 -1.37 29.58 -9.51
N ASP A 285 -1.39 30.91 -9.50
CA ASP A 285 -2.22 31.72 -10.44
C ASP A 285 -2.01 31.19 -11.87
N GLY A 286 -3.09 30.86 -12.59
CA GLY A 286 -3.01 30.43 -14.01
C GLY A 286 -3.02 28.92 -14.21
N ASP A 287 -2.81 28.11 -13.17
CA ASP A 287 -3.03 26.64 -13.25
C ASP A 287 -4.54 26.36 -13.34
N GLU A 288 -4.94 25.42 -14.19
CA GLU A 288 -6.36 25.03 -14.40
C GLU A 288 -6.50 23.51 -14.44
N ASP A 289 -7.65 23.01 -14.02
CA ASP A 289 -8.08 21.59 -14.25
C ASP A 289 -8.00 21.37 -15.76
N MET A 290 -7.61 20.17 -16.20
CA MET A 290 -7.37 19.89 -17.63
C MET A 290 -7.61 18.40 -17.90
N VAL A 291 -8.13 18.09 -19.09
CA VAL A 291 -8.00 16.76 -19.74
C VAL A 291 -7.33 17.03 -21.08
N PHE A 292 -6.41 16.17 -21.49
CA PHE A 292 -5.87 16.19 -22.87
C PHE A 292 -5.67 14.74 -23.31
N MET A 293 -5.89 14.52 -24.61
CA MET A 293 -5.62 13.24 -25.32
C MET A 293 -5.06 13.60 -26.70
N ASN A 294 -3.93 13.00 -27.08
CA ASN A 294 -3.30 13.26 -28.39
C ASN A 294 -2.92 11.90 -29.00
N LEU A 295 -3.19 11.74 -30.28
CA LEU A 295 -2.96 10.48 -31.01
C LEU A 295 -1.90 10.78 -32.08
N GLU A 296 -0.84 9.98 -32.08
CA GLU A 296 0.25 10.05 -33.05
C GLU A 296 0.15 8.80 -33.93
N GLY A 297 0.37 8.98 -35.22
CA GLY A 297 0.35 7.89 -36.21
C GLY A 297 0.02 8.39 -37.60
N ASN A 298 -1.10 7.95 -38.15
CA ASN A 298 -1.68 8.44 -39.43
C ASN A 298 -3.18 8.55 -39.24
N PRO A 299 -3.84 9.74 -39.35
CA PRO A 299 -3.19 11.02 -39.67
C PRO A 299 -1.96 11.46 -38.85
N THR A 300 -1.02 12.14 -39.50
CA THR A 300 0.33 12.40 -38.93
C THR A 300 0.41 13.71 -38.15
N GLY A 301 -0.44 14.70 -38.43
CA GLY A 301 -0.21 16.09 -37.97
C GLY A 301 -0.70 16.39 -36.56
N GLY A 302 -1.12 15.37 -35.81
CA GLY A 302 -1.43 15.47 -34.37
C GLY A 302 -2.92 15.61 -34.11
N VAL A 303 -3.60 14.49 -33.83
CA VAL A 303 -5.07 14.41 -33.63
C VAL A 303 -5.34 14.38 -32.12
N GLY A 304 -5.74 15.52 -31.56
CA GLY A 304 -5.90 15.65 -30.11
C GLY A 304 -7.00 16.60 -29.76
N PHE A 305 -7.52 16.49 -28.55
CA PHE A 305 -8.43 17.47 -27.93
C PHE A 305 -7.88 17.86 -26.57
N THR A 306 -8.27 19.05 -26.09
CA THR A 306 -8.06 19.51 -24.70
C THR A 306 -9.42 19.95 -24.14
N MET A 307 -9.70 19.68 -22.88
CA MET A 307 -10.86 20.24 -22.12
C MET A 307 -10.26 21.11 -21.02
N LYS A 308 -10.50 22.42 -21.06
CA LYS A 308 -9.96 23.36 -20.04
C LYS A 308 -11.07 23.59 -19.01
N ASN A 309 -10.73 23.53 -17.72
CA ASN A 309 -11.62 23.91 -16.59
C ASN A 309 -12.91 23.10 -16.59
N PRO A 310 -12.90 21.77 -16.83
CA PRO A 310 -14.12 20.99 -16.77
C PRO A 310 -14.67 20.98 -15.35
N PRO A 311 -15.98 21.19 -15.13
CA PRO A 311 -16.58 20.95 -13.81
C PRO A 311 -16.65 19.43 -13.51
N THR A 312 -15.51 18.85 -13.11
CA THR A 312 -15.31 17.37 -13.06
C THR A 312 -16.29 16.71 -12.08
N PRO A 313 -16.58 17.29 -10.89
CA PRO A 313 -17.50 16.66 -9.94
C PRO A 313 -18.89 16.40 -10.55
N ALA A 314 -19.47 17.41 -11.16
CA ALA A 314 -20.80 17.33 -11.79
C ALA A 314 -20.73 16.41 -13.02
N MET A 315 -19.62 16.46 -13.77
CA MET A 315 -19.45 15.66 -15.00
C MET A 315 -19.33 14.18 -14.64
N THR A 316 -18.67 13.87 -13.50
CA THR A 316 -18.62 12.49 -12.91
C THR A 316 -20.04 11.94 -12.78
N ASN A 317 -20.95 12.75 -12.25
CA ASN A 317 -22.35 12.34 -11.97
C ASN A 317 -23.11 12.17 -13.27
N THR A 318 -22.98 13.10 -14.23
CA THR A 318 -23.75 13.06 -15.50
C THR A 318 -23.25 11.88 -16.34
N ILE A 319 -21.95 11.60 -16.33
CA ILE A 319 -21.39 10.38 -16.99
C ILE A 319 -22.10 9.14 -16.46
N ALA A 320 -22.10 8.98 -15.14
CA ALA A 320 -22.79 7.90 -14.41
C ALA A 320 -24.26 7.81 -14.87
N ILE A 321 -24.98 8.93 -14.86
CA ILE A 321 -26.39 9.00 -15.32
C ILE A 321 -26.51 8.49 -16.77
N SER A 322 -25.57 8.85 -17.64
CA SER A 322 -25.57 8.48 -19.07
C SER A 322 -25.31 6.98 -19.22
N ARG A 323 -25.00 6.25 -18.15
CA ARG A 323 -24.60 4.83 -18.25
C ARG A 323 -25.68 3.91 -17.63
N MET A 324 -26.72 4.47 -17.02
CA MET A 324 -27.71 3.72 -16.19
C MET A 324 -28.44 2.66 -17.03
N PHE A 325 -29.14 3.08 -18.07
CA PHE A 325 -29.94 2.18 -18.93
C PHE A 325 -29.01 1.19 -19.62
N GLN A 326 -27.79 1.62 -19.94
CA GLN A 326 -26.78 0.77 -20.64
C GLN A 326 -26.34 -0.35 -19.71
N THR A 327 -26.12 -0.01 -18.43
CA THR A 327 -25.68 -0.94 -17.38
C THR A 327 -26.80 -1.98 -17.16
N VAL A 328 -28.04 -1.53 -17.03
CA VAL A 328 -29.21 -2.45 -16.88
C VAL A 328 -29.27 -3.39 -18.10
N ASP A 329 -28.96 -2.91 -19.29
CA ASP A 329 -29.15 -3.59 -20.58
C ASP A 329 -27.95 -4.50 -20.92
N ALA A 330 -26.80 -4.25 -20.29
CA ALA A 330 -25.52 -4.88 -20.66
C ALA A 330 -25.58 -6.36 -20.32
N PRO A 331 -24.69 -7.21 -20.92
CA PRO A 331 -24.60 -8.60 -20.52
C PRO A 331 -24.11 -8.71 -19.06
N ALA A 332 -24.49 -9.78 -18.38
CA ALA A 332 -24.13 -10.01 -16.96
C ALA A 332 -22.59 -10.07 -16.82
N GLY A 333 -22.07 -9.60 -15.70
CA GLY A 333 -20.62 -9.66 -15.38
C GLY A 333 -20.01 -8.30 -15.21
N TYR A 334 -18.67 -8.25 -15.07
CA TYR A 334 -17.89 -6.99 -15.05
C TYR A 334 -17.67 -6.58 -16.51
N ILE A 335 -18.37 -5.51 -16.91
CA ILE A 335 -18.33 -4.99 -18.29
C ILE A 335 -17.58 -3.67 -18.25
N THR A 336 -16.38 -3.64 -18.83
CA THR A 336 -15.61 -2.40 -19.06
C THR A 336 -16.30 -1.59 -20.17
N THR A 337 -16.16 -0.28 -20.14
CA THR A 337 -17.03 0.65 -20.94
C THR A 337 -16.59 0.63 -22.41
N ASP A 338 -15.36 0.22 -22.72
CA ASP A 338 -14.93 -0.05 -24.12
C ASP A 338 -15.84 -1.11 -24.77
N LYS A 339 -16.59 -1.90 -24.00
CA LYS A 339 -17.53 -2.92 -24.55
C LYS A 339 -18.93 -2.34 -24.65
N LEU A 340 -19.11 -1.09 -24.24
CA LEU A 340 -20.40 -0.36 -24.32
C LEU A 340 -20.40 0.56 -25.54
N PRO A 341 -21.60 1.00 -26.00
CA PRO A 341 -21.67 2.12 -26.94
C PRO A 341 -21.24 3.41 -26.22
N THR A 342 -21.11 4.51 -26.95
CA THR A 342 -20.88 5.87 -26.37
C THR A 342 -21.90 6.15 -25.25
N MET A 343 -21.53 6.99 -24.29
CA MET A 343 -22.47 7.54 -23.28
C MET A 343 -23.78 7.91 -24.00
N GLU A 344 -24.95 7.53 -23.47
CA GLU A 344 -26.27 7.89 -24.06
C GLU A 344 -26.33 9.40 -24.37
N ALA A 345 -26.68 9.76 -25.61
CA ALA A 345 -26.68 11.14 -26.15
C ALA A 345 -27.65 12.04 -25.38
N TYR A 346 -27.30 13.32 -25.24
CA TYR A 346 -28.21 14.34 -24.67
C TYR A 346 -29.41 14.50 -25.58
N VAL A 347 -30.59 14.58 -25.00
CA VAL A 347 -31.83 14.79 -25.78
C VAL A 347 -32.70 15.68 -24.90
N HIS A 348 -33.33 16.68 -25.49
CA HIS A 348 -34.25 17.59 -24.76
C HIS A 348 -35.50 16.82 -24.37
N GLY A 349 -36.14 17.23 -23.26
CA GLY A 349 -37.47 16.73 -22.83
C GLY A 349 -37.42 15.58 -21.83
N ARG A 350 -36.30 15.37 -21.13
CA ARG A 350 -36.18 14.29 -20.10
C ARG A 350 -36.53 14.87 -18.73
N LEU A 351 -36.57 16.21 -18.61
CA LEU A 351 -36.79 16.96 -17.32
C LEU A 351 -38.13 17.71 -17.38
N PRO B 9 40.27 -12.66 11.07
CA PRO B 9 39.09 -11.83 11.35
C PRO B 9 37.92 -12.05 10.36
N LEU B 10 36.69 -11.98 10.85
CA LEU B 10 35.47 -12.04 9.97
C LEU B 10 35.56 -10.89 8.97
N ARG B 11 35.41 -11.21 7.68
CA ARG B 11 35.38 -10.21 6.57
C ARG B 11 33.94 -9.69 6.43
N VAL B 12 33.73 -8.40 6.75
CA VAL B 12 32.39 -7.78 6.95
C VAL B 12 32.22 -6.61 5.97
N ALA B 13 31.13 -6.60 5.20
CA ALA B 13 30.69 -5.45 4.39
C ALA B 13 29.56 -4.72 5.14
N LEU B 14 29.59 -3.40 5.13
CA LEU B 14 28.46 -2.54 5.56
C LEU B 14 27.68 -2.14 4.29
N TYR B 15 26.51 -2.75 4.09
CA TYR B 15 25.65 -2.53 2.90
C TYR B 15 24.57 -1.52 3.32
N GLY B 16 24.74 -0.27 2.89
CA GLY B 16 24.08 0.90 3.48
C GLY B 16 25.02 1.58 4.45
N PHE B 17 24.91 2.90 4.62
CA PHE B 17 25.83 3.71 5.44
C PHE B 17 25.13 4.98 5.91
N GLY B 18 23.90 4.85 6.38
CA GLY B 18 23.11 5.94 6.98
C GLY B 18 23.24 5.95 8.48
N ASN B 19 22.21 6.38 9.22
CA ASN B 19 22.22 6.49 10.71
C ASN B 19 22.72 5.19 11.33
N GLN B 20 22.22 4.04 10.88
CA GLN B 20 22.50 2.73 11.54
C GLN B 20 23.95 2.30 11.27
N ASN B 21 24.39 2.20 10.01
CA ASN B 21 25.69 1.53 9.69
C ASN B 21 26.87 2.48 9.95
N LYS B 22 26.64 3.80 9.97
CA LYS B 22 27.66 4.79 10.45
C LYS B 22 28.02 4.42 11.89
N GLU B 23 27.01 4.29 12.76
CA GLU B 23 27.17 3.95 14.20
C GLU B 23 27.70 2.51 14.31
N MET B 24 27.21 1.57 13.49
CA MET B 24 27.68 0.16 13.54
C MET B 24 29.17 0.11 13.22
N ALA B 25 29.64 0.95 12.28
CA ALA B 25 31.04 1.01 11.82
C ALA B 25 31.97 1.36 13.00
N LYS B 26 31.61 2.38 13.79
CA LYS B 26 32.43 2.84 14.94
C LYS B 26 32.75 1.67 15.88
N MET B 27 31.76 0.79 16.13
CA MET B 27 31.88 -0.39 17.02
C MET B 27 32.71 -1.47 16.33
N LEU B 28 32.47 -1.75 15.05
CA LEU B 28 33.15 -2.87 14.34
C LEU B 28 34.63 -2.52 14.13
N VAL B 29 34.97 -1.23 14.09
CA VAL B 29 36.38 -0.75 14.00
C VAL B 29 37.12 -1.19 15.27
N GLU B 30 36.51 -1.02 16.46
CA GLU B 30 37.06 -1.39 17.79
C GLU B 30 37.18 -2.93 17.90
N ARG B 31 36.36 -3.71 17.19
CA ARG B 31 36.31 -5.19 17.36
C ARG B 31 37.52 -5.82 16.66
N LYS B 32 38.41 -6.44 17.43
CA LYS B 32 39.67 -7.04 16.92
C LYS B 32 39.39 -8.39 16.21
N ASP B 33 38.18 -8.95 16.28
CA ASP B 33 37.80 -10.22 15.60
C ASP B 33 37.16 -9.92 14.22
N VAL B 34 37.18 -8.66 13.79
CA VAL B 34 36.44 -8.19 12.57
C VAL B 34 37.37 -7.35 11.69
N GLU B 35 37.19 -7.46 10.36
CA GLU B 35 37.84 -6.60 9.33
C GLU B 35 36.78 -6.09 8.35
N ILE B 36 36.54 -4.77 8.36
CA ILE B 36 35.67 -4.07 7.35
C ILE B 36 36.39 -4.16 6.00
N VAL B 37 35.71 -4.72 5.00
CA VAL B 37 36.26 -5.05 3.65
C VAL B 37 35.58 -4.16 2.59
N ALA B 38 34.45 -3.53 2.92
CA ALA B 38 33.60 -2.72 2.02
C ALA B 38 32.60 -1.90 2.85
N VAL B 39 32.33 -0.65 2.46
CA VAL B 39 31.15 0.12 2.97
C VAL B 39 30.47 0.80 1.78
N ILE B 40 29.24 0.34 1.49
CA ILE B 40 28.39 0.73 0.33
C ILE B 40 27.33 1.71 0.84
N SER B 41 27.16 2.83 0.15
CA SER B 41 26.05 3.80 0.32
C SER B 41 25.29 3.85 -1.01
N ASN B 42 24.25 4.68 -1.12
CA ASN B 42 23.59 4.90 -2.43
C ASN B 42 24.40 5.97 -3.18
N LYS B 43 24.36 7.21 -2.67
CA LYS B 43 25.09 8.38 -3.23
C LYS B 43 25.86 9.10 -2.10
N SER B 44 25.29 9.24 -0.91
CA SER B 44 25.86 10.01 0.25
C SER B 44 27.30 9.54 0.55
N ASN B 45 28.21 10.51 0.69
CA ASN B 45 29.61 10.36 1.17
C ASN B 45 30.42 9.37 0.32
N VAL B 46 29.98 9.08 -0.90
CA VAL B 46 30.56 8.01 -1.77
C VAL B 46 32.05 8.21 -2.13
N GLY B 47 32.63 9.42 -2.12
CA GLY B 47 34.06 9.60 -2.45
C GLY B 47 34.98 9.34 -1.26
N LYS B 48 34.47 9.58 -0.04
CA LYS B 48 35.22 9.82 1.21
C LYS B 48 35.64 8.49 1.85
N ASP B 49 36.67 8.54 2.72
CA ASP B 49 37.12 7.39 3.56
C ASP B 49 36.11 7.23 4.71
N PHE B 50 35.52 6.04 4.83
CA PHE B 50 34.64 5.74 5.99
C PHE B 50 35.70 5.70 7.10
N GLY B 51 35.41 6.29 8.24
CA GLY B 51 36.49 6.68 9.16
C GLY B 51 36.37 8.16 9.32
N GLU B 52 36.68 8.91 8.25
CA GLU B 52 36.65 10.40 8.26
C GLU B 52 35.19 10.85 8.32
N VAL B 53 34.31 10.14 7.62
CA VAL B 53 32.84 10.37 7.62
C VAL B 53 32.34 10.44 9.07
N ILE B 54 32.84 9.55 9.94
CA ILE B 54 32.32 9.27 11.32
C ILE B 54 33.31 9.77 12.40
N GLY B 55 34.12 10.78 12.09
CA GLY B 55 34.94 11.54 13.05
C GLY B 55 36.19 10.78 13.51
N LEU B 56 36.64 9.78 12.75
CA LEU B 56 37.82 8.91 13.06
C LEU B 56 38.98 9.22 12.11
N ALA B 57 40.17 8.69 12.41
CA ALA B 57 41.36 8.71 11.52
C ALA B 57 41.07 7.86 10.29
N PRO B 58 41.67 8.19 9.13
CA PRO B 58 41.52 7.39 7.90
C PRO B 58 41.71 5.89 8.14
N GLN B 59 40.79 5.07 7.64
CA GLN B 59 40.72 3.61 7.89
C GLN B 59 41.30 2.84 6.69
N GLY B 60 41.46 3.49 5.54
CA GLY B 60 42.13 2.93 4.35
C GLY B 60 41.15 2.23 3.42
N ILE B 61 39.90 2.70 3.42
CA ILE B 61 38.85 2.18 2.50
C ILE B 61 37.73 3.22 2.37
N LEU B 62 37.34 3.47 1.11
CA LEU B 62 36.43 4.53 0.65
C LEU B 62 35.01 3.99 0.58
N VAL B 63 34.03 4.84 0.88
CA VAL B 63 32.57 4.56 0.70
C VAL B 63 32.32 4.36 -0.80
N THR B 64 31.86 3.17 -1.18
CA THR B 64 31.52 2.77 -2.57
C THR B 64 30.03 3.06 -2.87
N ALA B 65 29.66 3.18 -4.15
CA ALA B 65 28.31 3.58 -4.63
C ALA B 65 27.36 2.36 -4.74
N GLY B 66 26.05 2.63 -4.60
CA GLY B 66 24.97 1.64 -4.68
C GLY B 66 25.01 0.84 -5.97
N LEU B 67 25.12 1.52 -7.11
CA LEU B 67 25.14 0.95 -8.49
C LEU B 67 26.26 -0.09 -8.64
N ASP B 68 27.39 0.09 -7.92
CA ASP B 68 28.64 -0.72 -8.04
C ASP B 68 28.69 -1.82 -6.96
N ALA B 69 27.63 -1.98 -6.17
CA ALA B 69 27.56 -2.96 -5.05
C ALA B 69 28.12 -4.32 -5.49
N ALA B 70 27.60 -4.88 -6.59
CA ALA B 70 27.90 -6.26 -7.07
C ALA B 70 29.40 -6.41 -7.35
N GLU B 71 30.00 -5.41 -8.01
CA GLU B 71 31.45 -5.38 -8.36
C GLU B 71 32.28 -5.33 -7.05
N THR B 72 31.96 -4.40 -6.15
CA THR B 72 32.67 -4.21 -4.85
C THR B 72 32.64 -5.52 -4.04
N LEU B 73 31.48 -6.18 -3.95
CA LEU B 73 31.31 -7.46 -3.18
C LEU B 73 32.04 -8.61 -3.90
N ARG B 74 32.27 -8.51 -5.20
CA ARG B 74 32.99 -9.55 -5.99
C ARG B 74 34.49 -9.48 -5.68
N THR B 75 35.08 -8.27 -5.64
CA THR B 75 36.56 -8.04 -5.55
C THR B 75 37.00 -8.07 -4.09
N THR B 76 36.36 -7.25 -3.23
CA THR B 76 36.34 -7.41 -1.76
C THR B 76 35.57 -8.70 -1.51
N ASN B 77 36.03 -9.59 -0.64
CA ASN B 77 35.46 -10.95 -0.54
C ASN B 77 34.83 -11.11 0.84
N PRO B 78 33.77 -10.34 1.16
CA PRO B 78 33.20 -10.40 2.52
C PRO B 78 32.50 -11.74 2.72
N GLN B 79 32.51 -12.26 3.95
CA GLN B 79 31.77 -13.49 4.34
C GLN B 79 30.36 -13.10 4.77
N ILE B 80 30.18 -11.87 5.23
CA ILE B 80 28.84 -11.35 5.61
C ILE B 80 28.71 -9.88 5.21
N ALA B 81 27.49 -9.50 4.84
CA ALA B 81 27.06 -8.11 4.64
C ALA B 81 26.04 -7.75 5.72
N MET B 82 26.28 -6.64 6.40
CA MET B 82 25.34 -6.04 7.38
C MET B 82 24.45 -5.11 6.57
N LEU B 83 23.30 -5.63 6.15
CA LEU B 83 22.37 -4.93 5.24
C LEU B 83 21.48 -4.02 6.08
N SER B 84 21.77 -2.73 6.09
CA SER B 84 20.97 -1.71 6.81
C SER B 84 20.51 -0.62 5.82
N THR B 85 19.53 -0.96 4.97
CA THR B 85 19.02 -0.15 3.82
C THR B 85 17.52 0.10 3.98
N LEU B 86 16.68 -0.91 3.73
CA LEU B 86 15.19 -0.76 3.65
C LEU B 86 14.53 -1.89 4.49
N SER B 87 13.20 -1.87 4.61
CA SER B 87 12.39 -2.57 5.65
C SER B 87 11.71 -3.83 5.09
N THR B 88 11.68 -4.02 3.78
CA THR B 88 10.72 -4.95 3.11
C THR B 88 11.53 -5.96 2.31
N VAL B 89 11.05 -7.20 2.19
CA VAL B 89 11.84 -8.21 1.43
C VAL B 89 11.89 -7.76 -0.05
N GLY B 90 10.78 -7.23 -0.58
CA GLY B 90 10.70 -6.62 -1.93
C GLY B 90 11.74 -5.52 -2.19
N ASP B 91 11.84 -4.55 -1.29
CA ASP B 91 12.70 -3.35 -1.51
C ASP B 91 14.18 -3.71 -1.31
N ILE B 92 14.51 -4.77 -0.57
CA ILE B 92 15.95 -5.13 -0.36
C ILE B 92 16.36 -6.23 -1.37
N GLU B 93 15.40 -6.76 -2.15
CA GLU B 93 15.63 -7.90 -3.08
C GLU B 93 16.89 -7.65 -3.92
N SER B 94 17.05 -6.44 -4.46
CA SER B 94 18.17 -6.13 -5.39
C SER B 94 19.49 -6.19 -4.62
N GLN B 95 19.53 -5.70 -3.37
CA GLN B 95 20.75 -5.80 -2.53
C GLN B 95 20.98 -7.28 -2.17
N LEU B 96 19.93 -8.01 -1.78
CA LEU B 96 20.03 -9.46 -1.45
C LEU B 96 20.65 -10.23 -2.63
N ARG B 97 20.20 -9.93 -3.86
CA ARG B 97 20.65 -10.63 -5.11
C ARG B 97 22.15 -10.38 -5.32
N ALA B 98 22.61 -9.14 -5.12
CA ALA B 98 24.05 -8.76 -5.23
C ALA B 98 24.88 -9.61 -4.26
N CYS B 99 24.36 -9.84 -3.04
CA CYS B 99 25.02 -10.64 -1.97
C CYS B 99 24.98 -12.13 -2.33
N ALA B 100 23.81 -12.70 -2.57
CA ALA B 100 23.63 -14.14 -2.83
C ALA B 100 24.53 -14.56 -3.99
N GLU B 101 24.55 -13.80 -5.10
CA GLU B 101 25.25 -14.20 -6.35
C GLU B 101 26.77 -14.19 -6.11
N ASN B 102 27.26 -13.41 -5.16
CA ASN B 102 28.69 -13.34 -4.73
C ASN B 102 28.94 -14.19 -3.46
N LYS B 103 28.07 -15.16 -3.14
CA LYS B 103 28.19 -16.05 -1.95
C LYS B 103 28.50 -15.23 -0.69
N VAL B 104 27.78 -14.14 -0.45
CA VAL B 104 27.90 -13.30 0.77
C VAL B 104 26.66 -13.52 1.64
N ASN B 105 26.86 -14.02 2.86
CA ASN B 105 25.77 -14.18 3.87
C ASN B 105 25.25 -12.79 4.23
N VAL B 106 24.00 -12.73 4.71
CA VAL B 106 23.35 -11.44 5.08
C VAL B 106 22.70 -11.55 6.46
N TYR B 107 23.06 -10.61 7.33
CA TYR B 107 22.18 -10.19 8.44
C TYR B 107 21.70 -8.78 8.11
N THR B 108 20.38 -8.64 8.02
CA THR B 108 19.69 -7.37 7.72
C THR B 108 18.90 -6.94 8.96
N ILE B 109 18.82 -5.64 9.20
CA ILE B 109 17.93 -5.06 10.23
C ILE B 109 16.56 -4.74 9.61
N ALA B 110 16.31 -5.15 8.37
CA ALA B 110 14.99 -5.04 7.71
C ALA B 110 13.92 -5.63 8.64
N GLU B 111 13.08 -4.76 9.22
CA GLU B 111 12.01 -5.15 10.17
C GLU B 111 11.29 -6.42 9.66
N GLU B 112 10.83 -6.44 8.42
CA GLU B 112 9.91 -7.51 7.96
C GLU B 112 10.60 -8.87 8.09
N LEU B 113 11.93 -8.93 8.03
CA LEU B 113 12.64 -10.23 7.91
C LEU B 113 12.87 -10.89 9.27
N THR B 114 12.38 -10.26 10.35
CA THR B 114 12.06 -10.96 11.62
C THR B 114 11.36 -12.28 11.27
N PHE B 115 10.35 -12.23 10.39
CA PHE B 115 9.53 -13.38 9.94
C PHE B 115 8.60 -12.93 8.81
N SER B 116 9.06 -13.07 7.56
CA SER B 116 8.41 -12.54 6.33
C SER B 116 7.59 -13.62 5.61
N TRP B 117 7.61 -14.87 6.07
CA TRP B 117 6.99 -16.05 5.38
C TRP B 117 5.50 -15.79 5.09
N THR B 118 4.76 -15.09 5.95
CA THR B 118 3.29 -14.91 5.78
C THR B 118 2.98 -13.54 5.17
N SER B 119 3.75 -12.52 5.47
CA SER B 119 3.51 -11.13 5.02
C SER B 119 3.91 -11.02 3.54
N ALA B 120 4.92 -11.78 3.11
CA ALA B 120 5.42 -11.82 1.72
C ALA B 120 5.75 -13.26 1.33
N PRO B 121 4.75 -14.15 1.14
CA PRO B 121 5.02 -15.58 0.91
C PRO B 121 5.90 -15.92 -0.31
N GLU B 122 5.55 -15.39 -1.50
CA GLU B 122 6.24 -15.73 -2.78
C GLU B 122 7.64 -15.09 -2.82
N LYS B 123 7.78 -13.83 -2.41
CA LYS B 123 9.08 -13.11 -2.42
C LYS B 123 10.04 -13.79 -1.43
N THR B 124 9.54 -14.23 -0.27
CA THR B 124 10.35 -14.92 0.76
C THR B 124 10.81 -16.28 0.21
N LYS B 125 9.88 -17.05 -0.37
CA LYS B 125 10.17 -18.36 -1.01
C LYS B 125 11.32 -18.20 -2.03
N GLU B 126 11.25 -17.16 -2.86
CA GLU B 126 12.27 -16.82 -3.89
C GLU B 126 13.62 -16.57 -3.20
N MET B 127 13.64 -15.76 -2.15
CA MET B 127 14.89 -15.36 -1.45
C MET B 127 15.45 -16.57 -0.70
N ASP B 128 14.59 -17.40 -0.11
CA ASP B 128 15.02 -18.69 0.48
C ASP B 128 15.75 -19.50 -0.59
N GLU B 129 15.10 -19.74 -1.74
CA GLU B 129 15.65 -20.62 -2.81
C GLU B 129 16.93 -20.00 -3.38
N LEU B 130 16.98 -18.68 -3.52
CA LEU B 130 18.19 -17.99 -4.07
C LEU B 130 19.38 -18.20 -3.12
N PHE B 131 19.19 -18.01 -1.80
CA PHE B 131 20.28 -18.14 -0.80
C PHE B 131 20.69 -19.62 -0.72
N LYS B 132 19.72 -20.54 -0.74
CA LYS B 132 19.98 -22.00 -0.78
C LYS B 132 20.87 -22.35 -1.98
N GLU B 133 20.52 -21.84 -3.17
CA GLU B 133 21.21 -22.13 -4.45
C GLU B 133 22.69 -21.68 -4.37
N HIS B 134 23.00 -20.56 -3.73
CA HIS B 134 24.38 -20.02 -3.64
C HIS B 134 25.04 -20.43 -2.31
N ASN B 135 24.35 -21.26 -1.53
CA ASN B 135 24.84 -21.88 -0.26
C ASN B 135 25.24 -20.80 0.75
N VAL B 136 24.39 -19.80 0.96
CA VAL B 136 24.59 -18.76 2.01
C VAL B 136 23.26 -18.60 2.77
N SER B 137 23.27 -17.78 3.82
CA SER B 137 22.16 -17.64 4.78
C SER B 137 21.66 -16.19 4.75
N LEU B 138 20.33 -16.03 4.79
CA LEU B 138 19.66 -14.73 5.01
C LEU B 138 18.99 -14.77 6.37
N ILE B 139 19.37 -13.83 7.26
CA ILE B 139 18.81 -13.73 8.63
C ILE B 139 18.59 -12.24 8.91
N GLY B 140 17.62 -11.90 9.77
CA GLY B 140 17.44 -10.48 10.13
C GLY B 140 16.33 -10.22 11.12
N GLY B 141 15.87 -8.98 11.15
CA GLY B 141 15.06 -8.41 12.26
C GLY B 141 16.11 -7.69 13.04
N GLY B 142 15.91 -6.50 13.55
CA GLY B 142 17.08 -5.95 14.24
C GLY B 142 16.72 -6.04 15.67
N PHE B 143 16.23 -4.88 16.12
CA PHE B 143 15.68 -4.68 17.48
C PHE B 143 14.58 -5.71 17.73
N LEU B 144 13.78 -6.04 16.71
CA LEU B 144 12.61 -6.93 16.86
C LEU B 144 13.11 -8.35 17.10
N ASP B 145 14.22 -8.70 16.47
CA ASP B 145 14.85 -10.04 16.63
C ASP B 145 15.32 -10.18 18.09
N GLY B 146 16.27 -9.38 18.51
CA GLY B 146 17.03 -9.57 19.75
C GLY B 146 16.31 -9.05 20.98
N ALA B 147 15.92 -7.78 20.99
CA ALA B 147 15.41 -7.08 22.20
C ALA B 147 13.97 -7.48 22.48
N CYS B 148 13.21 -7.92 21.48
CA CYS B 148 11.76 -8.25 21.65
C CYS B 148 11.62 -9.77 21.65
N CYS B 149 11.86 -10.43 20.51
CA CYS B 149 11.64 -11.89 20.34
C CYS B 149 12.61 -12.71 21.19
N ASP B 150 13.92 -12.47 21.12
CA ASP B 150 14.93 -13.35 21.79
C ASP B 150 14.85 -13.18 23.30
N MET B 151 14.70 -11.96 23.80
CA MET B 151 14.48 -11.71 25.24
C MET B 151 13.25 -12.51 25.68
N ALA B 152 12.13 -12.44 24.97
CA ALA B 152 10.89 -13.18 25.34
C ALA B 152 11.14 -14.69 25.22
N ARG B 153 12.00 -15.12 24.31
CA ARG B 153 12.27 -16.57 24.11
C ARG B 153 12.98 -17.14 25.35
N THR B 154 13.90 -16.38 25.92
CA THR B 154 14.58 -16.73 27.20
C THR B 154 13.51 -16.84 28.30
N MET B 155 12.76 -15.76 28.51
CA MET B 155 11.73 -15.65 29.57
C MET B 155 10.74 -16.80 29.42
N ALA B 156 10.36 -17.18 28.20
CA ALA B 156 9.28 -18.19 27.98
C ALA B 156 9.74 -19.60 28.37
N ALA B 157 11.05 -19.88 28.44
CA ALA B 157 11.58 -21.21 28.88
C ALA B 157 11.05 -21.51 30.30
N MET B 158 10.71 -20.46 31.03
CA MET B 158 10.28 -20.51 32.45
C MET B 158 8.78 -20.79 32.53
N MET B 159 8.10 -20.99 31.40
CA MET B 159 6.65 -21.33 31.38
C MET B 159 6.47 -22.86 31.22
N HIS B 160 5.55 -23.43 31.98
CA HIS B 160 5.09 -24.85 31.91
C HIS B 160 4.03 -24.99 30.82
N LYS B 161 3.08 -24.04 30.82
CA LYS B 161 1.98 -23.93 29.83
C LYS B 161 1.79 -22.44 29.47
N ILE B 162 1.80 -22.11 28.18
CA ILE B 162 1.45 -20.75 27.68
C ILE B 162 0.03 -20.77 27.10
N ASP B 163 -0.89 -19.98 27.66
CA ASP B 163 -2.25 -19.75 27.11
C ASP B 163 -2.25 -18.53 26.17
N LYS B 164 -1.46 -17.50 26.52
CA LYS B 164 -1.49 -16.20 25.81
C LYS B 164 -0.13 -15.51 25.92
N LEU B 165 0.37 -14.98 24.81
CA LEU B 165 1.50 -14.01 24.84
C LEU B 165 0.89 -12.63 24.59
N ASP B 166 1.19 -11.67 25.46
CA ASP B 166 0.63 -10.31 25.40
C ASP B 166 1.83 -9.35 25.41
N GLY B 167 2.15 -8.78 24.24
CA GLY B 167 3.44 -8.11 23.97
C GLY B 167 3.22 -6.73 23.37
N GLY B 168 4.27 -5.92 23.31
CA GLY B 168 4.15 -4.49 23.04
C GLY B 168 5.48 -3.82 22.69
N LEU B 169 5.34 -2.74 21.94
CA LEU B 169 6.43 -1.85 21.45
C LEU B 169 5.85 -0.45 21.54
N GLN B 170 6.52 0.51 22.15
CA GLN B 170 6.00 1.89 22.19
C GLN B 170 7.14 2.85 21.86
N TYR B 171 6.91 3.81 20.95
CA TYR B 171 7.92 4.76 20.45
C TYR B 171 7.27 6.14 20.23
N ASN B 172 8.07 7.20 20.22
CA ASN B 172 7.66 8.61 20.07
C ASN B 172 7.72 8.97 18.56
N VAL B 173 6.56 9.14 17.93
CA VAL B 173 6.47 9.53 16.49
C VAL B 173 6.62 11.05 16.27
N ASP B 174 7.02 11.87 17.26
CA ASP B 174 7.09 13.35 17.12
C ASP B 174 8.54 13.88 16.93
N HIS B 175 9.58 13.08 17.13
CA HIS B 175 10.98 13.61 17.23
C HIS B 175 11.81 13.27 15.97
N TYR B 176 11.20 12.81 14.89
CA TYR B 176 11.88 12.22 13.71
C TYR B 176 11.35 12.86 12.41
N GLY B 177 10.74 14.04 12.53
CA GLY B 177 10.16 14.80 11.40
C GLY B 177 8.75 14.34 11.00
N GLN B 178 8.23 15.04 10.00
CA GLN B 178 6.86 14.97 9.44
C GLN B 178 6.45 13.53 9.06
N VAL B 179 7.31 12.77 8.38
CA VAL B 179 6.93 11.50 7.67
C VAL B 179 6.40 10.43 8.64
N LEU B 180 7.12 10.18 9.74
CA LEU B 180 6.76 9.18 10.77
C LEU B 180 5.46 9.61 11.47
N ALA B 181 5.32 10.89 11.80
CA ALA B 181 4.09 11.44 12.40
C ALA B 181 2.89 11.22 11.46
N ILE B 182 3.05 11.52 10.18
CA ILE B 182 2.01 11.36 9.11
C ILE B 182 1.64 9.87 9.00
N ALA B 183 2.60 8.95 9.07
CA ALA B 183 2.36 7.50 8.96
C ALA B 183 1.54 6.99 10.16
N HIS B 184 1.49 7.78 11.25
CA HIS B 184 0.78 7.46 12.53
C HIS B 184 -0.49 8.30 12.69
N GLY B 185 -0.84 9.14 11.72
CA GLY B 185 -2.12 9.89 11.75
C GLY B 185 -2.11 11.06 12.73
N VAL B 186 -0.96 11.66 13.07
CA VAL B 186 -0.96 12.74 14.11
C VAL B 186 -1.55 14.00 13.48
N GLY B 187 -2.55 14.59 14.15
CA GLY B 187 -3.23 15.83 13.74
C GLY B 187 -4.46 15.56 12.89
N LEU B 188 -4.68 14.30 12.50
CA LEU B 188 -5.91 13.81 11.80
C LEU B 188 -7.10 13.83 12.78
N SER B 189 -8.28 14.21 12.30
CA SER B 189 -9.56 13.86 12.95
C SER B 189 -9.70 12.33 12.86
N GLU B 190 -10.53 11.73 13.72
CA GLU B 190 -10.79 10.28 13.69
C GLU B 190 -11.30 9.87 12.31
N GLU B 191 -12.14 10.73 11.72
CA GLU B 191 -12.81 10.50 10.41
C GLU B 191 -11.74 10.48 9.30
N GLU B 192 -10.83 11.46 9.32
CA GLU B 192 -9.67 11.49 8.40
C GLU B 192 -8.82 10.23 8.62
N PHE B 193 -8.65 9.85 9.88
CA PHE B 193 -7.81 8.70 10.30
C PHE B 193 -8.30 7.41 9.60
N TYR B 194 -9.62 7.23 9.52
CA TYR B 194 -10.26 5.98 9.06
C TYR B 194 -10.63 6.06 7.58
N ALA B 195 -10.33 7.19 6.90
CA ALA B 195 -10.55 7.38 5.45
C ALA B 195 -9.83 6.30 4.65
N GLU B 196 -10.22 6.07 3.40
CA GLU B 196 -9.68 4.97 2.54
C GLU B 196 -8.17 5.15 2.30
N ASN B 197 -7.69 6.39 2.13
CA ASN B 197 -6.26 6.67 1.81
C ASN B 197 -5.52 7.08 3.08
N GLY B 198 -6.07 6.77 4.25
CA GLY B 198 -5.60 7.18 5.57
C GLY B 198 -4.93 6.05 6.36
N PRO B 199 -4.16 6.45 7.40
CA PRO B 199 -3.34 5.49 8.13
C PRO B 199 -4.12 4.31 8.73
N GLY B 200 -5.35 4.55 9.22
CA GLY B 200 -6.15 3.58 9.97
C GLY B 200 -6.88 2.61 9.07
N TRP B 201 -6.86 2.78 7.75
CA TRP B 201 -7.53 1.83 6.82
C TRP B 201 -6.83 0.46 6.90
N THR B 202 -7.56 -0.65 6.99
CA THR B 202 -6.95 -2.00 7.01
C THR B 202 -7.79 -3.00 6.21
N SER B 203 -7.13 -3.91 5.49
CA SER B 203 -7.76 -4.87 4.54
C SER B 203 -6.84 -6.07 4.37
N PRO B 204 -7.34 -7.23 3.94
CA PRO B 204 -6.48 -8.37 3.62
C PRO B 204 -5.37 -8.03 2.61
N THR B 205 -5.52 -6.98 1.80
CA THR B 205 -4.53 -6.56 0.75
C THR B 205 -3.57 -5.47 1.24
N SER B 206 -3.82 -4.86 2.41
CA SER B 206 -2.94 -3.81 3.00
C SER B 206 -1.51 -4.37 3.10
N TYR B 207 -0.52 -3.56 2.70
CA TYR B 207 0.90 -3.97 2.65
C TYR B 207 1.75 -2.70 2.61
N PRO B 208 2.87 -2.61 3.35
CA PRO B 208 3.34 -3.69 4.22
C PRO B 208 2.55 -3.82 5.53
N LYS B 209 2.68 -4.99 6.16
CA LYS B 209 2.18 -5.30 7.52
C LYS B 209 3.06 -4.61 8.57
N SER B 210 2.53 -4.49 9.78
CA SER B 210 3.18 -3.91 10.99
C SER B 210 4.30 -4.86 11.45
N TYR B 211 5.25 -4.34 12.23
CA TYR B 211 6.36 -5.12 12.83
C TYR B 211 5.76 -6.24 13.69
N VAL B 212 4.74 -5.91 14.50
CA VAL B 212 4.09 -6.84 15.45
C VAL B 212 3.47 -8.00 14.65
N TYR B 213 2.99 -7.76 13.42
CA TYR B 213 2.51 -8.85 12.54
C TYR B 213 3.63 -9.90 12.41
N ASN B 214 4.85 -9.50 12.07
CA ASN B 214 5.97 -10.45 11.84
C ASN B 214 6.39 -11.10 13.16
N MET B 215 6.37 -10.35 14.25
CA MET B 215 6.75 -10.86 15.60
C MET B 215 5.75 -11.94 15.99
N ASN B 216 4.45 -11.75 15.77
CA ASN B 216 3.41 -12.76 16.10
C ASN B 216 3.78 -14.11 15.45
N ASP B 217 4.19 -14.08 14.18
CA ASP B 217 4.47 -15.33 13.43
C ASP B 217 5.76 -15.95 13.96
N TRP B 218 6.72 -15.10 14.39
CA TRP B 218 7.99 -15.55 15.00
C TRP B 218 7.67 -16.40 16.25
N PHE B 219 6.83 -15.86 17.15
CA PHE B 219 6.44 -16.54 18.40
C PHE B 219 5.75 -17.86 18.06
N ALA B 220 4.79 -17.83 17.14
CA ALA B 220 4.02 -19.03 16.76
C ALA B 220 5.00 -20.11 16.28
N SER B 221 6.03 -19.70 15.55
CA SER B 221 7.07 -20.64 15.04
C SER B 221 7.89 -21.17 16.22
N ALA B 222 8.39 -20.29 17.09
CA ALA B 222 9.26 -20.63 18.24
C ALA B 222 8.58 -21.62 19.18
N PHE B 223 7.32 -21.36 19.52
CA PHE B 223 6.51 -22.17 20.47
C PHE B 223 5.97 -23.46 19.82
N GLY B 224 6.25 -23.70 18.53
CA GLY B 224 5.79 -24.90 17.79
C GLY B 224 4.28 -24.95 17.73
N LEU B 225 3.64 -23.80 17.42
CA LEU B 225 2.16 -23.71 17.27
C LEU B 225 1.82 -23.68 15.76
N THR B 226 0.56 -23.91 15.43
CA THR B 226 0.05 -23.92 14.03
C THR B 226 -0.90 -22.72 13.87
N VAL B 227 -0.48 -21.75 13.06
CA VAL B 227 -1.25 -20.48 12.83
C VAL B 227 -2.54 -20.80 12.05
N ILE B 228 -3.69 -20.33 12.55
CA ILE B 228 -4.96 -20.24 11.76
C ILE B 228 -4.91 -18.94 10.94
N LYS B 229 -4.96 -17.79 11.62
CA LYS B 229 -4.92 -16.44 10.97
C LYS B 229 -4.21 -15.44 11.88
N THR B 230 -3.43 -14.52 11.31
CA THR B 230 -2.96 -13.27 11.95
C THR B 230 -3.68 -12.08 11.29
N GLU B 231 -4.49 -11.31 12.03
CA GLU B 231 -5.10 -10.06 11.48
C GLU B 231 -4.54 -8.85 12.24
N GLU B 232 -4.43 -7.71 11.56
CA GLU B 232 -4.13 -6.40 12.16
C GLU B 232 -5.41 -5.55 12.29
N VAL B 233 -5.49 -4.74 13.34
CA VAL B 233 -6.53 -3.71 13.59
C VAL B 233 -5.76 -2.41 13.85
N LYS B 234 -6.10 -1.30 13.18
CA LYS B 234 -5.48 0.01 13.48
C LYS B 234 -6.49 0.88 14.22
N THR B 235 -6.04 1.56 15.27
CA THR B 235 -6.87 2.44 16.15
C THR B 235 -6.08 3.71 16.39
N PRO B 236 -6.70 4.90 16.39
CA PRO B 236 -5.99 6.13 16.75
C PRO B 236 -5.77 6.16 18.26
N THR B 237 -4.77 6.93 18.71
CA THR B 237 -4.55 7.33 20.12
C THR B 237 -5.10 8.75 20.29
N LYS B 238 -5.59 9.08 21.49
CA LYS B 238 -6.05 10.45 21.82
C LYS B 238 -5.54 10.80 23.21
N ALA B 239 -5.55 12.08 23.55
CA ALA B 239 -5.01 12.58 24.83
C ALA B 239 -6.09 13.38 25.54
N PRO B 240 -6.14 13.33 26.88
CA PRO B 240 -7.13 14.09 27.65
C PRO B 240 -6.80 15.58 27.71
N ILE B 241 -5.61 15.95 27.23
CA ILE B 241 -5.11 17.35 27.17
C ILE B 241 -4.66 17.66 25.75
N GLU B 242 -4.52 18.97 25.48
CA GLU B 242 -3.84 19.51 24.29
C GLU B 242 -2.36 19.15 24.36
N LEU B 243 -1.83 18.47 23.33
CA LEU B 243 -0.38 18.28 23.11
C LEU B 243 0.08 19.29 22.05
N TYR B 244 1.39 19.52 21.97
CA TYR B 244 2.10 20.22 20.90
C TYR B 244 2.93 19.19 20.12
N SER B 245 2.75 19.10 18.81
CA SER B 245 3.56 18.24 17.91
C SER B 245 4.67 19.08 17.27
N GLU B 246 5.95 18.74 17.48
CA GLU B 246 7.07 19.35 16.71
C GLU B 246 6.99 18.89 15.26
N ALA B 247 6.60 17.63 15.02
CA ALA B 247 6.64 16.97 13.69
C ALA B 247 5.73 17.69 12.68
N ILE B 248 4.49 18.01 13.06
CA ILE B 248 3.53 18.74 12.16
C ILE B 248 3.47 20.22 12.58
N GLY B 249 4.11 20.60 13.68
CA GLY B 249 4.39 22.01 14.00
C GLY B 249 3.15 22.79 14.43
N ARG B 250 2.21 22.15 15.15
CA ARG B 250 1.03 22.83 15.75
C ARG B 250 0.53 22.03 16.95
N ALA B 251 -0.36 22.64 17.72
CA ALA B 251 -1.13 22.00 18.80
C ALA B 251 -2.01 20.90 18.22
N ILE B 252 -2.20 19.81 18.99
CA ILE B 252 -3.21 18.74 18.73
C ILE B 252 -4.34 18.91 19.75
N PRO B 253 -5.50 19.47 19.36
CA PRO B 253 -6.62 19.64 20.29
C PRO B 253 -7.09 18.29 20.85
N VAL B 254 -7.71 18.33 22.04
CA VAL B 254 -8.29 17.16 22.74
C VAL B 254 -9.23 16.47 21.76
N GLY B 255 -9.10 15.17 21.60
CA GLY B 255 -9.99 14.39 20.73
C GLY B 255 -9.46 14.23 19.34
N GLN B 256 -8.46 15.05 18.95
CA GLN B 256 -7.72 14.88 17.66
C GLN B 256 -6.67 13.79 17.84
N CYS B 257 -6.37 13.01 16.80
CA CYS B 257 -5.47 11.83 16.86
C CYS B 257 -4.02 12.26 17.21
N THR B 258 -3.43 11.61 18.22
CA THR B 258 -2.06 11.86 18.72
C THR B 258 -1.08 10.78 18.21
N GLY B 259 -1.59 9.78 17.49
CA GLY B 259 -0.79 8.67 16.99
C GLY B 259 -1.65 7.44 16.72
N MET B 260 -1.04 6.26 16.71
CA MET B 260 -1.65 5.04 16.15
C MET B 260 -1.18 3.80 16.94
N ILE B 261 -2.11 2.88 17.17
CA ILE B 261 -1.88 1.52 17.69
C ILE B 261 -2.22 0.53 16.59
N VAL B 262 -1.27 -0.33 16.22
CA VAL B 262 -1.53 -1.53 15.39
C VAL B 262 -1.56 -2.71 16.35
N THR B 263 -2.69 -3.41 16.42
CA THR B 263 -2.88 -4.62 17.23
C THR B 263 -2.89 -5.80 16.26
N ALA B 264 -1.94 -6.71 16.38
CA ALA B 264 -1.87 -7.98 15.64
C ALA B 264 -2.35 -9.08 16.58
N THR B 265 -3.39 -9.81 16.16
CA THR B 265 -3.98 -10.97 16.87
C THR B 265 -3.78 -12.24 16.03
N THR B 266 -3.04 -13.21 16.55
CA THR B 266 -2.82 -14.53 15.93
C THR B 266 -3.61 -15.59 16.70
N THR B 267 -4.45 -16.34 16.00
CA THR B 267 -5.12 -17.56 16.52
C THR B 267 -4.37 -18.77 15.99
N THR B 268 -4.53 -19.88 16.68
CA THR B 268 -3.63 -21.06 16.61
C THR B 268 -4.50 -22.31 16.74
N GLU B 269 -4.12 -23.42 16.10
CA GLU B 269 -4.92 -24.69 16.18
C GLU B 269 -4.93 -25.20 17.62
N GLU B 270 -3.94 -24.80 18.42
CA GLU B 270 -3.73 -25.26 19.81
C GLU B 270 -4.54 -24.44 20.81
N GLY B 271 -5.15 -23.33 20.40
CA GLY B 271 -5.95 -22.49 21.31
C GLY B 271 -5.09 -21.45 22.03
N VAL B 272 -3.79 -21.39 21.74
CA VAL B 272 -2.88 -20.33 22.25
C VAL B 272 -3.17 -19.03 21.48
N ILE B 273 -3.38 -17.92 22.20
CA ILE B 273 -3.62 -16.59 21.59
C ILE B 273 -2.33 -15.76 21.68
N ILE B 274 -1.97 -15.03 20.63
CA ILE B 274 -0.79 -14.12 20.61
C ILE B 274 -1.28 -12.74 20.20
N VAL B 275 -1.24 -11.77 21.12
CA VAL B 275 -1.66 -10.36 20.84
C VAL B 275 -0.47 -9.44 21.08
N GLU B 276 -0.10 -8.65 20.08
CA GLU B 276 1.00 -7.66 20.20
C GLU B 276 0.53 -6.32 19.66
N LYS B 277 0.80 -5.27 20.42
CA LYS B 277 0.42 -3.87 20.16
C LYS B 277 1.67 -3.09 19.75
N GLN B 278 1.62 -2.37 18.64
CA GLN B 278 2.66 -1.39 18.22
C GLN B 278 2.09 0.02 18.40
N VAL B 279 2.61 0.80 19.33
CA VAL B 279 2.03 2.12 19.72
C VAL B 279 3.05 3.19 19.35
N GLY B 280 2.72 4.04 18.36
CA GLY B 280 3.51 5.22 17.99
C GLY B 280 2.67 6.46 18.20
N LYS B 281 3.06 7.36 19.11
CA LYS B 281 2.26 8.54 19.51
C LYS B 281 3.13 9.66 20.09
N CYS B 282 2.52 10.78 20.44
CA CYS B 282 3.23 12.06 20.74
C CYS B 282 3.83 12.17 22.16
N TYR B 283 3.23 11.56 23.18
CA TYR B 283 3.74 11.43 24.57
C TYR B 283 3.26 12.61 25.44
N GLU B 284 2.57 12.25 26.53
CA GLU B 284 2.31 13.10 27.71
C GLU B 284 3.48 12.93 28.70
N ASP B 285 3.47 13.68 29.82
CA ASP B 285 4.36 13.44 30.98
C ASP B 285 4.28 11.95 31.36
N GLY B 286 5.43 11.29 31.48
CA GLY B 286 5.55 9.93 32.06
C GLY B 286 5.57 8.84 30.99
N ASP B 287 5.19 9.15 29.75
CA ASP B 287 5.27 8.21 28.60
C ASP B 287 6.76 8.03 28.26
N GLU B 288 7.17 6.77 28.05
CA GLU B 288 8.55 6.42 27.67
C GLU B 288 8.50 5.37 26.56
N ASP B 289 9.56 5.34 25.73
CA ASP B 289 9.79 4.22 24.79
C ASP B 289 9.83 2.94 25.61
N MET B 290 9.31 1.84 25.07
CA MET B 290 8.96 0.65 25.86
C MET B 290 9.02 -0.58 24.99
N VAL B 291 9.54 -1.67 25.55
CA VAL B 291 9.24 -3.04 25.09
C VAL B 291 8.59 -3.71 26.29
N PHE B 292 7.53 -4.46 26.06
CA PHE B 292 6.90 -5.25 27.12
C PHE B 292 6.46 -6.56 26.52
N MET B 293 6.67 -7.63 27.27
CA MET B 293 6.25 -9.01 26.93
C MET B 293 5.72 -9.65 28.20
N ASN B 294 4.53 -10.25 28.11
CA ASN B 294 3.90 -10.88 29.29
C ASN B 294 3.38 -12.25 28.83
N LEU B 295 3.59 -13.26 29.65
CA LEU B 295 3.16 -14.63 29.35
C LEU B 295 2.09 -15.02 30.38
N GLU B 296 0.94 -15.45 29.90
CA GLU B 296 -0.18 -15.92 30.74
C GLU B 296 -0.28 -17.43 30.56
N GLY B 297 -0.54 -18.11 31.67
CA GLY B 297 -0.62 -19.58 31.71
C GLY B 297 -0.20 -20.09 33.07
N ASN B 298 0.81 -20.95 33.08
CA ASN B 298 1.38 -21.54 34.31
C ASN B 298 2.90 -21.60 34.15
N PRO B 299 3.72 -20.94 34.99
CA PRO B 299 3.27 -20.16 36.15
C PRO B 299 2.21 -19.07 35.93
N THR B 300 1.35 -18.87 36.93
CA THR B 300 0.16 -18.00 36.85
C THR B 300 0.51 -16.57 37.34
N GLY B 301 -0.37 -15.60 37.11
CA GLY B 301 -0.23 -14.23 37.64
C GLY B 301 0.62 -13.33 36.76
N GLY B 302 1.25 -13.86 35.70
CA GLY B 302 1.91 -13.03 34.67
C GLY B 302 3.42 -13.02 34.84
N VAL B 303 4.10 -13.69 33.91
CA VAL B 303 5.58 -13.74 33.78
C VAL B 303 5.97 -12.76 32.69
N GLY B 304 6.49 -11.59 33.04
CA GLY B 304 6.69 -10.51 32.05
C GLY B 304 7.90 -9.66 32.35
N PHE B 305 8.46 -9.03 31.32
CA PHE B 305 9.52 -8.01 31.46
C PHE B 305 9.11 -6.73 30.74
N THR B 306 9.66 -5.61 31.18
CA THR B 306 9.60 -4.30 30.52
C THR B 306 11.04 -3.77 30.31
N MET B 307 11.33 -3.15 29.17
CA MET B 307 12.57 -2.37 28.91
C MET B 307 12.14 -0.92 28.72
N LYS B 308 12.54 -0.02 29.61
CA LYS B 308 12.14 1.40 29.56
C LYS B 308 13.29 2.17 28.92
N ASN B 309 12.96 3.06 27.97
CA ASN B 309 13.88 4.03 27.34
C ASN B 309 15.07 3.33 26.70
N PRO B 310 14.92 2.19 26.00
CA PRO B 310 16.06 1.52 25.38
C PRO B 310 16.69 2.42 24.34
N PRO B 311 18.04 2.56 24.28
CA PRO B 311 18.68 3.15 23.12
C PRO B 311 18.59 2.19 21.92
N THR B 312 17.43 2.23 21.26
CA THR B 312 17.02 1.27 20.20
C THR B 312 18.02 1.34 19.03
N PRO B 313 18.47 2.54 18.57
CA PRO B 313 19.36 2.60 17.42
C PRO B 313 20.65 1.80 17.64
N ALA B 314 21.32 2.04 18.76
CA ALA B 314 22.58 1.35 19.13
C ALA B 314 22.30 -0.14 19.35
N MET B 315 21.16 -0.48 19.97
CA MET B 315 20.79 -1.87 20.31
C MET B 315 20.53 -2.67 19.03
N THR B 316 19.93 -2.02 18.04
CA THR B 316 19.70 -2.59 16.68
C THR B 316 21.05 -3.08 16.12
N ASN B 317 22.08 -2.24 16.24
CA ASN B 317 23.43 -2.53 15.70
C ASN B 317 24.09 -3.66 16.49
N THR B 318 24.03 -3.62 17.83
CA THR B 318 24.71 -4.63 18.69
C THR B 318 24.04 -5.99 18.52
N ILE B 319 22.71 -6.01 18.37
CA ILE B 319 21.96 -7.27 18.08
C ILE B 319 22.53 -7.90 16.81
N ALA B 320 22.58 -7.10 15.75
CA ALA B 320 23.15 -7.46 14.43
C ALA B 320 24.57 -8.02 14.63
N ILE B 321 25.43 -7.31 15.35
CA ILE B 321 26.82 -7.75 15.65
C ILE B 321 26.79 -9.14 16.32
N SER B 322 25.86 -9.35 17.26
CA SER B 322 25.73 -10.61 18.04
C SER B 322 25.26 -11.75 17.13
N ARG B 323 24.91 -11.50 15.88
CA ARG B 323 24.33 -12.53 14.97
C ARG B 323 25.29 -12.88 13.82
N MET B 324 26.43 -12.18 13.71
CA MET B 324 27.35 -12.25 12.54
C MET B 324 27.86 -13.69 12.36
N PHE B 325 28.57 -14.20 13.38
CA PHE B 325 29.22 -15.53 13.34
C PHE B 325 28.12 -16.60 13.18
N GLN B 326 26.95 -16.37 13.78
CA GLN B 326 25.82 -17.34 13.75
C GLN B 326 25.29 -17.43 12.31
N THR B 327 25.17 -16.28 11.66
CA THR B 327 24.67 -16.14 10.26
C THR B 327 25.65 -16.87 9.33
N VAL B 328 26.95 -16.60 9.46
CA VAL B 328 27.99 -17.28 8.65
C VAL B 328 27.88 -18.81 8.87
N ASP B 329 27.56 -19.26 10.09
CA ASP B 329 27.62 -20.69 10.49
C ASP B 329 26.27 -21.38 10.23
N ALA B 330 25.20 -20.63 9.97
CA ALA B 330 23.83 -21.19 9.88
C ALA B 330 23.69 -22.04 8.62
N PRO B 331 22.68 -22.93 8.54
CA PRO B 331 22.39 -23.65 7.29
C PRO B 331 21.97 -22.64 6.19
N ALA B 332 22.22 -22.98 4.92
CA ALA B 332 21.90 -22.11 3.77
C ALA B 332 20.38 -21.85 3.74
N GLY B 333 19.98 -20.66 3.28
CA GLY B 333 18.56 -20.30 3.09
C GLY B 333 18.13 -19.14 3.96
N TYR B 334 16.83 -18.87 3.99
CA TYR B 334 16.20 -17.86 4.89
C TYR B 334 16.03 -18.53 6.26
N ILE B 335 16.84 -18.11 7.22
CA ILE B 335 16.83 -18.69 8.59
C ILE B 335 16.25 -17.65 9.53
N THR B 336 15.04 -17.89 10.05
CA THR B 336 14.43 -17.07 11.12
C THR B 336 15.17 -17.39 12.43
N THR B 337 15.19 -16.41 13.33
CA THR B 337 16.12 -16.33 14.47
C THR B 337 15.69 -17.35 15.55
N ASP B 338 14.40 -17.72 15.59
CA ASP B 338 13.90 -18.84 16.44
C ASP B 338 14.64 -20.15 16.11
N LYS B 339 15.30 -20.27 14.97
CA LYS B 339 16.08 -21.48 14.59
C LYS B 339 17.55 -21.30 14.98
N LEU B 340 17.90 -20.15 15.57
CA LEU B 340 19.26 -19.85 16.07
C LEU B 340 19.32 -20.05 17.59
N PRO B 341 20.54 -20.23 18.14
CA PRO B 341 20.75 -20.08 19.58
C PRO B 341 20.53 -18.60 19.97
N THR B 342 20.55 -18.29 21.26
CA THR B 342 20.51 -16.91 21.80
C THR B 342 21.60 -16.06 21.14
N MET B 343 21.39 -14.76 21.05
CA MET B 343 22.42 -13.76 20.67
C MET B 343 23.74 -14.17 21.35
N GLU B 344 24.87 -14.19 20.63
CA GLU B 344 26.20 -14.48 21.20
C GLU B 344 26.45 -13.62 22.46
N ALA B 345 26.81 -14.25 23.58
CA ALA B 345 26.95 -13.65 24.92
C ALA B 345 28.02 -12.56 24.93
N TYR B 346 27.80 -11.51 25.72
CA TYR B 346 28.83 -10.47 25.99
C TYR B 346 30.00 -11.13 26.72
N VAL B 347 31.20 -10.79 26.31
CA VAL B 347 32.43 -11.30 26.97
C VAL B 347 33.43 -10.14 26.91
N HIS B 348 34.13 -9.86 28.00
CA HIS B 348 35.10 -8.73 28.03
C HIS B 348 36.33 -9.12 27.21
N GLY B 349 37.02 -8.13 26.63
CA GLY B 349 38.33 -8.29 25.96
C GLY B 349 38.22 -8.59 24.47
N ARG B 350 37.13 -8.13 23.82
CA ARG B 350 36.96 -8.24 22.35
C ARG B 350 37.50 -6.95 21.69
N LEU B 351 37.71 -5.91 22.49
CA LEU B 351 38.23 -4.57 22.08
C LEU B 351 39.69 -4.42 22.55
N SER C 8 12.93 -42.41 25.39
CA SER C 8 12.38 -42.97 26.67
C SER C 8 12.46 -41.89 27.75
N PRO C 9 11.49 -41.79 28.69
CA PRO C 9 11.42 -40.65 29.59
C PRO C 9 12.60 -40.53 30.57
N LEU C 10 13.06 -39.30 30.78
CA LEU C 10 14.16 -38.98 31.73
C LEU C 10 13.70 -39.46 33.12
N ARG C 11 14.55 -40.24 33.78
CA ARG C 11 14.33 -40.73 35.17
C ARG C 11 14.76 -39.64 36.16
N VAL C 12 13.79 -39.14 36.92
CA VAL C 12 13.92 -37.98 37.84
C VAL C 12 13.60 -38.40 39.28
N ALA C 13 14.49 -38.04 40.22
CA ALA C 13 14.23 -38.08 41.68
C ALA C 13 13.92 -36.67 42.18
N LEU C 14 12.95 -36.55 43.06
CA LEU C 14 12.72 -35.34 43.89
C LEU C 14 13.42 -35.55 45.24
N TYR C 15 14.55 -34.87 45.45
CA TYR C 15 15.37 -34.96 46.67
C TYR C 15 14.99 -33.78 47.57
N GLY C 16 14.20 -34.06 48.61
CA GLY C 16 13.39 -33.07 49.34
C GLY C 16 11.98 -33.03 48.75
N PHE C 17 10.98 -32.71 49.57
CA PHE C 17 9.55 -32.73 49.16
C PHE C 17 8.75 -31.78 50.05
N GLY C 18 9.28 -30.56 50.25
CA GLY C 18 8.60 -29.43 50.88
C GLY C 18 7.87 -28.58 49.86
N ASN C 19 7.72 -27.29 50.14
CA ASN C 19 6.91 -26.32 49.35
C ASN C 19 7.33 -26.40 47.87
N GLN C 20 8.64 -26.42 47.58
CA GLN C 20 9.14 -26.30 46.19
C GLN C 20 8.90 -27.61 45.45
N ASN C 21 9.34 -28.76 45.95
CA ASN C 21 9.32 -30.03 45.15
C ASN C 21 7.90 -30.64 45.11
N LYS C 22 7.04 -30.33 46.07
CA LYS C 22 5.59 -30.67 45.97
C LYS C 22 5.03 -30.02 44.69
N GLU C 23 5.25 -28.71 44.53
CA GLU C 23 4.78 -27.93 43.35
C GLU C 23 5.53 -28.41 42.09
N MET C 24 6.83 -28.67 42.19
CA MET C 24 7.63 -29.15 41.04
C MET C 24 7.08 -30.51 40.56
N ALA C 25 6.65 -31.35 41.49
CA ALA C 25 6.11 -32.71 41.22
C ALA C 25 4.86 -32.62 40.34
N LYS C 26 3.92 -31.74 40.66
CA LYS C 26 2.64 -31.55 39.92
C LYS C 26 2.93 -31.33 38.43
N MET C 27 3.96 -30.53 38.13
CA MET C 27 4.38 -30.18 36.74
C MET C 27 5.08 -31.37 36.09
N LEU C 28 5.99 -32.03 36.81
CA LEU C 28 6.80 -33.15 36.24
C LEU C 28 5.89 -34.34 35.92
N VAL C 29 4.79 -34.49 36.67
CA VAL C 29 3.78 -35.56 36.46
C VAL C 29 3.13 -35.35 35.08
N GLU C 30 2.77 -34.09 34.74
CA GLU C 30 2.15 -33.69 33.43
C GLU C 30 3.14 -33.88 32.27
N ARG C 31 4.46 -33.78 32.53
CA ARG C 31 5.48 -33.80 31.44
C ARG C 31 5.65 -35.23 30.94
N LYS C 32 5.32 -35.48 29.68
CA LYS C 32 5.34 -36.83 29.08
C LYS C 32 6.78 -37.28 28.74
N ASP C 33 7.77 -36.38 28.78
CA ASP C 33 9.20 -36.71 28.55
C ASP C 33 9.92 -37.05 29.88
N VAL C 34 9.19 -37.17 30.99
CA VAL C 34 9.76 -37.35 32.35
C VAL C 34 9.02 -38.49 33.08
N GLU C 35 9.75 -39.26 33.90
CA GLU C 35 9.21 -40.30 34.82
C GLU C 35 9.83 -40.11 36.21
N ILE C 36 9.03 -39.70 37.20
CA ILE C 36 9.44 -39.64 38.62
C ILE C 36 9.63 -41.07 39.12
N VAL C 37 10.82 -41.38 39.64
CA VAL C 37 11.22 -42.76 40.05
C VAL C 37 11.45 -42.82 41.57
N ALA C 38 11.52 -41.66 42.24
CA ALA C 38 11.84 -41.54 43.68
C ALA C 38 11.42 -40.16 44.17
N VAL C 39 10.88 -40.11 45.40
CA VAL C 39 10.62 -38.84 46.12
C VAL C 39 11.11 -39.03 47.55
N ILE C 40 12.18 -38.31 47.92
CA ILE C 40 12.88 -38.39 49.23
C ILE C 40 12.46 -37.17 50.03
N SER C 41 12.07 -37.38 51.29
CA SER C 41 11.84 -36.32 52.30
C SER C 41 12.82 -36.59 53.43
N ASN C 42 12.81 -35.79 54.51
CA ASN C 42 13.54 -36.18 55.75
C ASN C 42 12.67 -37.17 56.54
N LYS C 43 11.54 -36.69 57.08
CA LYS C 43 10.56 -37.50 57.87
C LYS C 43 9.13 -37.27 57.36
N SER C 44 8.77 -36.03 56.99
CA SER C 44 7.39 -35.65 56.53
C SER C 44 6.92 -36.57 55.40
N ASN C 45 5.66 -37.04 55.51
CA ASN C 45 4.90 -37.78 54.46
C ASN C 45 5.57 -39.10 54.08
N VAL C 46 6.57 -39.56 54.82
CA VAL C 46 7.40 -40.73 54.44
C VAL C 46 6.46 -41.93 54.58
N GLY C 47 6.21 -42.68 53.51
CA GLY C 47 5.34 -43.85 53.58
C GLY C 47 4.07 -43.66 52.77
N LYS C 48 3.64 -42.40 52.57
CA LYS C 48 2.50 -42.05 51.67
C LYS C 48 2.96 -42.05 50.20
N ASP C 49 2.00 -42.26 49.29
CA ASP C 49 2.20 -42.12 47.83
C ASP C 49 2.25 -40.62 47.49
N PHE C 50 3.31 -40.18 46.83
CA PHE C 50 3.61 -38.75 46.59
C PHE C 50 2.43 -38.07 45.86
N GLY C 51 1.71 -38.79 44.99
CA GLY C 51 0.57 -38.23 44.24
C GLY C 51 -0.55 -37.80 45.18
N GLU C 52 -0.86 -38.63 46.19
CA GLU C 52 -1.95 -38.38 47.18
C GLU C 52 -1.59 -37.16 48.03
N VAL C 53 -0.32 -37.04 48.39
CA VAL C 53 0.24 -35.90 49.17
C VAL C 53 -0.19 -34.58 48.52
N ILE C 54 -0.15 -34.52 47.18
CA ILE C 54 -0.31 -33.27 46.36
C ILE C 54 -1.64 -33.26 45.58
N GLY C 55 -2.66 -33.97 46.08
CA GLY C 55 -4.05 -33.91 45.56
C GLY C 55 -4.25 -34.62 44.22
N LEU C 56 -3.37 -35.57 43.90
CA LEU C 56 -3.43 -36.37 42.64
C LEU C 56 -3.84 -37.83 42.93
N ALA C 57 -4.19 -38.58 41.89
CA ALA C 57 -4.42 -40.05 41.93
C ALA C 57 -3.09 -40.73 42.25
N PRO C 58 -3.12 -41.89 42.94
CA PRO C 58 -1.90 -42.63 43.27
C PRO C 58 -0.99 -42.84 42.04
N GLN C 59 0.31 -42.57 42.22
CA GLN C 59 1.31 -42.53 41.13
C GLN C 59 2.11 -43.84 41.08
N GLY C 60 2.12 -44.60 42.19
CA GLY C 60 2.84 -45.89 42.32
C GLY C 60 4.28 -45.70 42.79
N ILE C 61 4.52 -44.61 43.54
CA ILE C 61 5.87 -44.23 44.07
C ILE C 61 5.65 -43.60 45.45
N LEU C 62 6.30 -44.17 46.47
CA LEU C 62 6.14 -43.77 47.90
C LEU C 62 7.24 -42.76 48.24
N VAL C 63 6.92 -41.81 49.09
CA VAL C 63 7.89 -40.88 49.73
C VAL C 63 8.80 -41.73 50.63
N THR C 64 10.09 -41.77 50.32
CA THR C 64 11.15 -42.50 51.09
C THR C 64 11.84 -41.51 52.04
N ALA C 65 12.55 -42.02 53.04
CA ALA C 65 13.17 -41.28 54.16
C ALA C 65 14.56 -40.78 53.79
N GLY C 66 14.96 -39.66 54.42
CA GLY C 66 16.28 -39.02 54.28
C GLY C 66 17.40 -40.00 54.54
N LEU C 67 17.32 -40.77 55.66
CA LEU C 67 18.37 -41.73 56.11
C LEU C 67 18.63 -42.80 55.06
N ASP C 68 17.64 -43.15 54.22
CA ASP C 68 17.72 -44.23 53.19
C ASP C 68 18.06 -43.69 51.78
N ALA C 69 18.35 -42.39 51.66
CA ALA C 69 18.55 -41.69 50.37
C ALA C 69 19.45 -42.51 49.45
N ALA C 70 20.63 -42.92 49.91
CA ALA C 70 21.68 -43.55 49.08
C ALA C 70 21.16 -44.88 48.52
N GLU C 71 20.45 -45.67 49.34
CA GLU C 71 19.85 -46.98 48.96
C GLU C 71 18.76 -46.74 47.91
N THR C 72 17.84 -45.79 48.15
CA THR C 72 16.73 -45.43 47.21
C THR C 72 17.30 -45.02 45.85
N LEU C 73 18.35 -44.16 45.81
CA LEU C 73 18.97 -43.69 44.55
C LEU C 73 19.72 -44.84 43.86
N ARG C 74 20.16 -45.86 44.61
CA ARG C 74 20.89 -47.04 44.05
C ARG C 74 19.90 -47.94 43.30
N THR C 75 18.70 -48.19 43.86
CA THR C 75 17.72 -49.18 43.36
C THR C 75 16.81 -48.54 42.29
N THR C 76 16.21 -47.40 42.60
CA THR C 76 15.63 -46.47 41.59
C THR C 76 16.85 -45.87 40.91
N ASN C 77 16.88 -45.76 39.58
CA ASN C 77 18.15 -45.41 38.89
C ASN C 77 17.94 -44.06 38.21
N PRO C 78 17.78 -42.97 38.99
CA PRO C 78 17.46 -41.67 38.38
C PRO C 78 18.69 -41.17 37.63
N GLN C 79 18.48 -40.45 36.52
CA GLN C 79 19.56 -39.78 35.75
C GLN C 79 19.81 -38.41 36.39
N ILE C 80 18.78 -37.85 37.04
CA ILE C 80 18.91 -36.56 37.77
C ILE C 80 18.09 -36.58 39.06
N ALA C 81 18.60 -35.88 40.06
CA ALA C 81 17.89 -35.55 41.31
C ALA C 81 17.67 -34.04 41.35
N MET C 82 16.44 -33.64 41.56
CA MET C 82 16.06 -32.23 41.77
C MET C 82 16.19 -31.96 43.27
N LEU C 83 17.34 -31.43 43.67
CA LEU C 83 17.68 -31.25 45.10
C LEU C 83 17.08 -29.93 45.58
N SER C 84 15.98 -30.00 46.31
CA SER C 84 15.30 -28.82 46.88
C SER C 84 15.15 -29.02 48.39
N THR C 85 16.28 -28.88 49.13
CA THR C 85 16.46 -29.14 50.59
C THR C 85 16.94 -27.88 51.30
N LEU C 86 18.23 -27.54 51.19
CA LEU C 86 18.87 -26.41 51.91
C LEU C 86 19.68 -25.50 50.96
N SER C 87 20.27 -24.42 51.49
CA SER C 87 20.70 -23.20 50.75
C SER C 87 22.20 -23.19 50.46
N THR C 88 22.98 -24.02 51.13
CA THR C 88 24.45 -23.85 51.33
C THR C 88 25.15 -25.12 50.85
N VAL C 89 26.38 -25.04 50.35
CA VAL C 89 27.11 -26.26 49.89
C VAL C 89 27.31 -27.18 51.11
N GLY C 90 27.64 -26.62 52.28
CA GLY C 90 27.79 -27.32 53.57
C GLY C 90 26.55 -28.12 53.96
N ASP C 91 25.38 -27.49 53.93
CA ASP C 91 24.13 -28.11 54.44
C ASP C 91 23.64 -29.18 53.46
N ILE C 92 23.97 -29.09 52.17
CA ILE C 92 23.47 -30.08 51.15
C ILE C 92 24.54 -31.15 50.91
N GLU C 93 25.73 -31.00 51.48
CA GLU C 93 26.91 -31.88 51.19
C GLU C 93 26.50 -33.36 51.27
N SER C 94 25.78 -33.72 52.32
CA SER C 94 25.42 -35.14 52.60
C SER C 94 24.46 -35.64 51.51
N GLN C 95 23.53 -34.80 51.08
CA GLN C 95 22.61 -35.17 49.96
C GLN C 95 23.42 -35.27 48.65
N LEU C 96 24.31 -34.29 48.38
CA LEU C 96 25.18 -34.31 47.18
C LEU C 96 25.97 -35.64 47.12
N ARG C 97 26.53 -36.07 48.26
CA ARG C 97 27.39 -37.29 48.36
C ARG C 97 26.55 -38.52 47.99
N ALA C 98 25.32 -38.61 48.50
CA ALA C 98 24.40 -39.72 48.21
C ALA C 98 24.15 -39.81 46.68
N CYS C 99 24.02 -38.66 46.02
CA CYS C 99 23.81 -38.53 44.55
C CYS C 99 25.08 -38.92 43.79
N ALA C 100 26.19 -38.24 44.06
CA ALA C 100 27.46 -38.46 43.35
C ALA C 100 27.85 -39.94 43.39
N GLU C 101 27.78 -40.58 44.56
CA GLU C 101 28.30 -41.97 44.78
C GLU C 101 27.47 -42.96 43.94
N ASN C 102 26.19 -42.62 43.66
CA ASN C 102 25.25 -43.44 42.86
C ASN C 102 25.14 -42.89 41.43
N LYS C 103 26.13 -42.12 40.95
CA LYS C 103 26.17 -41.57 39.57
C LYS C 103 24.82 -40.92 39.21
N VAL C 104 24.28 -40.09 40.11
CA VAL C 104 23.03 -39.31 39.87
C VAL C 104 23.42 -37.84 39.69
N ASN C 105 23.14 -37.25 38.52
CA ASN C 105 23.34 -35.81 38.28
C ASN C 105 22.41 -35.01 39.21
N VAL C 106 22.78 -33.75 39.46
CA VAL C 106 22.01 -32.88 40.38
C VAL C 106 21.79 -31.50 39.72
N TYR C 107 20.52 -31.08 39.70
CA TYR C 107 20.16 -29.64 39.69
C TYR C 107 19.53 -29.34 41.04
N THR C 108 20.12 -28.39 41.74
CA THR C 108 19.64 -27.91 43.06
C THR C 108 19.17 -26.46 42.94
N ILE C 109 18.14 -26.11 43.71
CA ILE C 109 17.70 -24.69 43.85
C ILE C 109 18.40 -24.06 45.05
N ALA C 110 19.38 -24.73 45.63
CA ALA C 110 20.28 -24.14 46.66
C ALA C 110 20.79 -22.78 46.14
N GLU C 111 20.33 -21.67 46.72
CA GLU C 111 20.75 -20.30 46.36
C GLU C 111 22.27 -20.25 46.13
N GLU C 112 23.06 -20.73 47.07
CA GLU C 112 24.52 -20.51 47.04
C GLU C 112 25.10 -21.12 45.75
N LEU C 113 24.49 -22.16 45.18
CA LEU C 113 25.13 -22.93 44.11
C LEU C 113 24.91 -22.31 42.72
N THR C 114 24.23 -21.16 42.67
CA THR C 114 24.33 -20.18 41.57
C THR C 114 25.81 -20.06 41.20
N PHE C 115 26.66 -19.87 42.21
CA PHE C 115 28.14 -19.70 42.06
C PHE C 115 28.77 -19.68 43.44
N SER C 116 29.19 -20.88 43.89
CA SER C 116 29.70 -21.14 45.27
C SER C 116 31.23 -21.12 45.31
N TRP C 117 31.94 -21.00 44.17
CA TRP C 117 33.43 -21.17 44.10
C TRP C 117 34.15 -20.23 45.10
N THR C 118 33.64 -19.01 45.31
CA THR C 118 34.34 -17.99 46.14
C THR C 118 33.77 -17.97 47.57
N SER C 119 32.47 -18.18 47.71
CA SER C 119 31.77 -18.12 49.02
C SER C 119 32.11 -19.38 49.84
N ALA C 120 32.32 -20.51 49.18
CA ALA C 120 32.68 -21.80 49.82
C ALA C 120 33.76 -22.52 48.99
N PRO C 121 35.02 -22.02 48.99
CA PRO C 121 36.05 -22.56 48.09
C PRO C 121 36.37 -24.06 48.24
N GLU C 122 36.64 -24.50 49.48
CA GLU C 122 37.08 -25.90 49.75
C GLU C 122 35.92 -26.88 49.58
N LYS C 123 34.72 -26.54 50.09
CA LYS C 123 33.52 -27.40 49.97
C LYS C 123 33.18 -27.59 48.48
N THR C 124 33.24 -26.51 47.70
CA THR C 124 32.92 -26.52 46.24
C THR C 124 33.94 -27.37 45.51
N LYS C 125 35.23 -27.15 45.79
CA LYS C 125 36.35 -27.94 45.19
C LYS C 125 36.10 -29.43 45.40
N GLU C 126 35.71 -29.81 46.63
CA GLU C 126 35.46 -31.21 47.03
C GLU C 126 34.30 -31.75 46.20
N MET C 127 33.20 -30.98 46.08
CA MET C 127 31.98 -31.42 45.36
C MET C 127 32.28 -31.50 43.86
N ASP C 128 33.04 -30.56 43.32
CA ASP C 128 33.51 -30.65 41.91
C ASP C 128 34.26 -31.98 41.73
N GLU C 129 35.27 -32.25 42.55
CA GLU C 129 36.16 -33.44 42.38
C GLU C 129 35.33 -34.71 42.58
N LEU C 130 34.38 -34.70 43.51
CA LEU C 130 33.55 -35.91 43.77
C LEU C 130 32.67 -36.20 42.56
N PHE C 131 32.00 -35.18 42.00
CA PHE C 131 31.10 -35.35 40.83
C PHE C 131 31.96 -35.77 39.61
N LYS C 132 33.13 -35.16 39.42
CA LYS C 132 34.09 -35.55 38.34
C LYS C 132 34.43 -37.04 38.45
N GLU C 133 34.78 -37.50 39.66
CA GLU C 133 35.22 -38.89 39.95
C GLU C 133 34.13 -39.89 39.56
N HIS C 134 32.85 -39.58 39.79
CA HIS C 134 31.71 -40.50 39.50
C HIS C 134 31.07 -40.14 38.15
N ASN C 135 31.68 -39.22 37.41
CA ASN C 135 31.31 -38.81 36.02
C ASN C 135 29.86 -38.31 35.95
N VAL C 136 29.46 -37.41 36.84
CA VAL C 136 28.13 -36.73 36.82
C VAL C 136 28.35 -35.23 37.06
N SER C 137 27.28 -34.45 36.95
CA SER C 137 27.31 -32.97 36.94
C SER C 137 26.49 -32.44 38.13
N LEU C 138 27.01 -31.39 38.79
CA LEU C 138 26.29 -30.60 39.81
C LEU C 138 26.05 -29.21 39.22
N ILE C 139 24.79 -28.78 39.15
CA ILE C 139 24.36 -27.45 38.63
C ILE C 139 23.29 -26.91 39.57
N GLY C 140 23.13 -25.59 39.68
CA GLY C 140 22.00 -25.06 40.46
C GLY C 140 21.87 -23.56 40.44
N GLY C 141 20.89 -23.07 41.21
CA GLY C 141 20.66 -21.64 41.47
C GLY C 141 19.20 -21.26 41.44
N GLY C 142 18.35 -22.05 40.79
CA GLY C 142 16.90 -21.77 40.74
C GLY C 142 16.60 -20.37 40.19
N PHE C 143 15.80 -19.57 40.92
CA PHE C 143 15.31 -18.25 40.45
C PHE C 143 16.50 -17.37 40.12
N LEU C 144 17.60 -17.49 40.89
CA LEU C 144 18.81 -16.62 40.72
C LEU C 144 19.49 -17.01 39.42
N ASP C 145 19.48 -18.30 39.09
CA ASP C 145 20.05 -18.82 37.83
C ASP C 145 19.28 -18.23 36.63
N GLY C 146 18.01 -18.55 36.49
CA GLY C 146 17.23 -18.35 35.25
C GLY C 146 16.67 -16.94 35.15
N ALA C 147 15.93 -16.48 36.15
CA ALA C 147 15.13 -15.24 36.06
C ALA C 147 16.02 -14.03 36.25
N CYS C 148 17.17 -14.18 36.91
CA CYS C 148 18.08 -13.04 37.22
C CYS C 148 19.28 -13.12 36.26
N CYS C 149 20.12 -14.13 36.41
CA CYS C 149 21.41 -14.26 35.68
C CYS C 149 21.18 -14.51 34.19
N ASP C 150 20.40 -15.53 33.84
CA ASP C 150 20.25 -15.97 32.42
C ASP C 150 19.48 -14.89 31.63
N MET C 151 18.42 -14.30 32.19
CA MET C 151 17.73 -13.18 31.54
C MET C 151 18.75 -12.07 31.25
N ALA C 152 19.58 -11.69 32.22
CA ALA C 152 20.58 -10.62 32.02
C ALA C 152 21.64 -11.08 31.03
N ARG C 153 21.94 -12.38 30.94
CA ARG C 153 22.96 -12.90 30.00
C ARG C 153 22.49 -12.70 28.55
N THR C 154 21.19 -12.91 28.29
CA THR C 154 20.56 -12.65 26.97
C THR C 154 20.68 -11.14 26.69
N MET C 155 20.17 -10.32 27.59
CA MET C 155 20.15 -8.83 27.47
C MET C 155 21.58 -8.34 27.23
N ALA C 156 22.58 -8.89 27.91
CA ALA C 156 23.96 -8.35 27.87
C ALA C 156 24.63 -8.62 26.51
N ALA C 157 24.15 -9.59 25.71
CA ALA C 157 24.67 -9.85 24.34
C ALA C 157 24.56 -8.56 23.52
N MET C 158 23.64 -7.66 23.90
CA MET C 158 23.31 -6.42 23.17
C MET C 158 24.19 -5.29 23.67
N MET C 159 25.19 -5.58 24.50
CA MET C 159 26.18 -4.55 24.96
C MET C 159 27.46 -4.70 24.14
N HIS C 160 28.05 -3.57 23.74
CA HIS C 160 29.36 -3.47 23.05
C HIS C 160 30.48 -3.45 24.10
N LYS C 161 30.27 -2.65 25.15
CA LYS C 161 31.14 -2.51 26.33
C LYS C 161 30.28 -2.35 27.59
N ILE C 162 30.57 -3.12 28.64
CA ILE C 162 29.92 -2.98 29.98
C ILE C 162 30.89 -2.29 30.94
N ASP C 163 30.51 -1.17 31.53
CA ASP C 163 31.27 -0.52 32.64
C ASP C 163 30.73 -0.98 34.01
N LYS C 164 29.42 -1.16 34.11
CA LYS C 164 28.73 -1.43 35.39
C LYS C 164 27.46 -2.27 35.15
N LEU C 165 27.24 -3.30 35.96
CA LEU C 165 25.94 -4.02 36.05
C LEU C 165 25.30 -3.57 37.35
N ASP C 166 24.06 -3.12 37.29
CA ASP C 166 23.29 -2.63 38.47
C ASP C 166 21.97 -3.41 38.51
N GLY C 167 21.87 -4.37 39.43
CA GLY C 167 20.84 -5.42 39.46
C GLY C 167 20.19 -5.51 40.82
N GLY C 168 19.07 -6.23 40.93
CA GLY C 168 18.21 -6.17 42.13
C GLY C 168 17.10 -7.21 42.15
N LEU C 169 16.68 -7.58 43.36
CA LEU C 169 15.67 -8.61 43.65
C LEU C 169 14.88 -8.09 44.85
N GLN C 170 13.56 -8.21 44.83
CA GLN C 170 12.76 -8.04 46.06
C GLN C 170 11.82 -9.24 46.16
N TYR C 171 11.72 -9.88 47.33
CA TYR C 171 10.89 -11.10 47.57
C TYR C 171 10.26 -11.02 48.97
N ASN C 172 9.15 -11.75 49.18
CA ASN C 172 8.40 -11.78 50.46
C ASN C 172 8.92 -12.95 51.31
N VAL C 173 9.75 -12.63 52.31
CA VAL C 173 10.44 -13.64 53.17
C VAL C 173 9.41 -14.27 54.13
N ASP C 174 8.31 -13.56 54.41
CA ASP C 174 7.20 -14.07 55.26
C ASP C 174 6.53 -15.29 54.63
N HIS C 175 6.81 -15.63 53.37
CA HIS C 175 6.17 -16.77 52.65
C HIS C 175 7.14 -17.94 52.45
N TYR C 176 8.25 -17.98 53.19
CA TYR C 176 9.35 -18.96 53.01
C TYR C 176 9.64 -19.72 54.31
N GLY C 177 8.77 -19.59 55.32
CA GLY C 177 8.87 -20.27 56.63
C GLY C 177 9.77 -19.53 57.61
N GLN C 178 9.73 -19.97 58.88
CA GLN C 178 10.74 -19.59 59.91
C GLN C 178 12.05 -20.30 59.51
N VAL C 179 13.17 -19.74 59.91
CA VAL C 179 14.55 -20.18 59.49
C VAL C 179 15.00 -19.18 58.44
N LEU C 180 14.33 -19.09 57.28
CA LEU C 180 14.67 -18.11 56.22
C LEU C 180 14.27 -16.71 56.72
N ALA C 181 13.12 -16.57 57.38
CA ALA C 181 12.68 -15.30 58.02
C ALA C 181 13.73 -14.86 59.05
N ILE C 182 14.16 -15.80 59.92
CA ILE C 182 15.18 -15.56 60.99
C ILE C 182 16.50 -15.12 60.34
N ALA C 183 16.91 -15.73 59.22
CA ALA C 183 18.18 -15.42 58.51
C ALA C 183 18.13 -13.99 57.93
N HIS C 184 16.93 -13.42 57.78
CA HIS C 184 16.67 -12.03 57.29
C HIS C 184 16.32 -11.07 58.44
N GLY C 185 16.34 -11.52 59.68
CA GLY C 185 16.34 -10.64 60.86
C GLY C 185 14.95 -10.10 61.19
N VAL C 186 13.91 -10.89 60.97
CA VAL C 186 12.52 -10.57 61.41
C VAL C 186 12.37 -10.23 62.90
N GLY C 187 13.44 -10.18 63.70
CA GLY C 187 13.40 -9.58 65.06
C GLY C 187 14.67 -8.80 65.46
N LEU C 188 14.52 -7.56 65.95
CA LEU C 188 15.47 -6.82 66.84
C LEU C 188 16.66 -6.27 66.04
N PHE C 193 20.13 -7.58 65.43
CA PHE C 193 20.36 -7.65 63.96
C PHE C 193 21.86 -7.48 63.66
N TYR C 194 22.52 -6.52 64.32
CA TYR C 194 23.92 -6.11 64.07
C TYR C 194 24.91 -6.86 64.99
N ALA C 195 24.41 -7.73 65.88
CA ALA C 195 25.18 -8.61 66.78
C ALA C 195 26.18 -9.45 65.97
N GLU C 196 27.22 -9.96 66.63
CA GLU C 196 28.39 -10.65 66.03
C GLU C 196 27.97 -11.89 65.22
N ASN C 197 26.98 -12.65 65.69
CA ASN C 197 26.57 -13.95 65.07
C ASN C 197 25.37 -13.73 64.12
N GLY C 198 25.05 -12.47 63.79
CA GLY C 198 23.71 -12.07 63.29
C GLY C 198 23.67 -11.71 61.81
N PRO C 199 22.46 -11.65 61.23
CA PRO C 199 22.31 -11.43 59.79
C PRO C 199 23.01 -10.15 59.28
N GLY C 200 22.98 -9.06 60.05
CA GLY C 200 23.50 -7.74 59.64
C GLY C 200 24.98 -7.59 59.82
N TRP C 201 25.66 -8.58 60.43
CA TRP C 201 27.13 -8.53 60.63
C TRP C 201 27.83 -8.60 59.28
N THR C 202 28.83 -7.75 59.07
CA THR C 202 29.54 -7.61 57.77
C THR C 202 31.06 -7.70 58.02
N SER C 203 31.70 -8.59 57.27
CA SER C 203 33.16 -8.87 57.36
C SER C 203 33.51 -9.64 56.09
N PRO C 204 34.78 -9.56 55.62
CA PRO C 204 35.24 -10.49 54.59
C PRO C 204 35.04 -11.98 54.96
N THR C 205 34.93 -12.30 56.26
CA THR C 205 34.78 -13.68 56.79
C THR C 205 33.31 -14.01 57.12
N SER C 206 32.37 -13.07 57.00
CA SER C 206 30.92 -13.33 57.29
C SER C 206 30.46 -14.54 56.46
N TYR C 207 29.71 -15.45 57.05
CA TYR C 207 29.21 -16.65 56.34
C TYR C 207 27.89 -17.10 56.95
N PRO C 208 26.88 -17.50 56.14
CA PRO C 208 26.96 -17.45 54.68
C PRO C 208 26.87 -16.04 54.09
N LYS C 209 27.37 -15.89 52.86
CA LYS C 209 27.21 -14.68 52.03
C LYS C 209 25.79 -14.61 51.48
N SER C 210 25.39 -13.41 51.07
CA SER C 210 24.08 -13.09 50.45
C SER C 210 23.95 -13.76 49.08
N TYR C 211 22.71 -13.92 48.59
CA TYR C 211 22.40 -14.47 47.25
C TYR C 211 23.10 -13.59 46.19
N VAL C 212 23.00 -12.27 46.37
CA VAL C 212 23.56 -11.28 45.41
C VAL C 212 25.08 -11.42 45.35
N TYR C 213 25.73 -11.81 46.44
CA TYR C 213 27.19 -12.15 46.41
C TYR C 213 27.42 -13.22 45.34
N ASN C 214 26.66 -14.31 45.33
CA ASN C 214 26.90 -15.43 44.39
C ASN C 214 26.53 -15.00 42.97
N MET C 215 25.49 -14.18 42.81
CA MET C 215 25.09 -13.66 41.49
C MET C 215 26.22 -12.79 40.93
N ASN C 216 26.83 -11.92 41.74
CA ASN C 216 27.97 -11.06 41.33
C ASN C 216 29.07 -11.93 40.72
N ASP C 217 29.39 -13.05 41.34
CA ASP C 217 30.52 -13.91 40.88
C ASP C 217 30.09 -14.62 39.60
N TRP C 218 28.81 -14.95 39.45
CA TRP C 218 28.23 -15.56 38.21
C TRP C 218 28.48 -14.59 37.04
N PHE C 219 28.13 -13.31 37.21
CA PHE C 219 28.29 -12.28 36.15
C PHE C 219 29.77 -12.15 35.82
N ALA C 220 30.62 -12.03 36.85
CA ALA C 220 32.08 -11.90 36.66
C ALA C 220 32.57 -13.09 35.85
N SER C 221 32.06 -14.29 36.08
CA SER C 221 32.47 -15.50 35.33
C SER C 221 31.97 -15.39 33.87
N ALA C 222 30.68 -15.06 33.67
CA ALA C 222 30.04 -14.96 32.33
C ALA C 222 30.77 -13.94 31.44
N PHE C 223 31.03 -12.76 31.98
CA PHE C 223 31.66 -11.61 31.26
C PHE C 223 33.20 -11.79 31.15
N GLY C 224 33.76 -12.88 31.66
CA GLY C 224 35.22 -13.15 31.60
C GLY C 224 36.02 -12.11 32.36
N LEU C 225 35.57 -11.73 33.54
CA LEU C 225 36.20 -10.73 34.44
C LEU C 225 36.94 -11.45 35.59
N THR C 226 37.88 -10.75 36.22
CA THR C 226 38.72 -11.26 37.33
C THR C 226 38.36 -10.48 38.59
N VAL C 227 37.74 -11.16 39.57
CA VAL C 227 37.26 -10.51 40.82
C VAL C 227 38.46 -10.08 41.69
N ILE C 228 38.47 -8.82 42.13
CA ILE C 228 39.38 -8.33 43.20
C ILE C 228 38.71 -8.66 44.54
N LYS C 229 37.60 -7.98 44.86
CA LYS C 229 36.92 -8.05 46.16
C LYS C 229 35.41 -7.86 45.95
N THR C 230 34.58 -8.61 46.68
CA THR C 230 33.13 -8.37 46.87
C THR C 230 32.89 -7.96 48.32
N GLU C 231 32.40 -6.75 48.59
CA GLU C 231 31.96 -6.34 49.96
C GLU C 231 30.44 -6.23 50.03
N GLU C 232 29.86 -6.62 51.15
CA GLU C 232 28.40 -6.54 51.45
C GLU C 232 28.14 -5.35 52.37
N VAL C 233 27.01 -4.66 52.18
CA VAL C 233 26.48 -3.63 53.12
C VAL C 233 25.06 -4.08 53.50
N LYS C 234 24.81 -4.34 54.78
CA LYS C 234 23.57 -5.01 55.25
C LYS C 234 22.81 -4.00 56.13
N THR C 235 21.50 -3.87 55.93
CA THR C 235 20.62 -2.90 56.61
C THR C 235 19.31 -3.60 56.94
N PRO C 236 18.77 -3.44 58.17
CA PRO C 236 17.43 -3.98 58.46
C PRO C 236 16.36 -3.12 57.77
N THR C 237 15.19 -3.70 57.50
CA THR C 237 13.98 -3.00 57.00
C THR C 237 13.03 -2.77 58.18
N LYS C 238 12.23 -1.70 58.15
CA LYS C 238 11.20 -1.43 59.19
C LYS C 238 9.95 -0.92 58.49
N ALA C 239 8.82 -0.87 59.20
CA ALA C 239 7.52 -0.35 58.70
C ALA C 239 7.02 0.72 59.66
N PRO C 240 6.27 1.73 59.17
CA PRO C 240 5.72 2.78 60.04
C PRO C 240 4.51 2.29 60.85
N ILE C 241 4.02 1.09 60.55
CA ILE C 241 2.91 0.44 61.31
C ILE C 241 3.33 -0.97 61.71
N GLU C 242 2.59 -1.56 62.65
CA GLU C 242 2.72 -2.97 63.09
C GLU C 242 2.33 -3.90 61.94
N LEU C 243 3.22 -4.82 61.57
CA LEU C 243 2.91 -5.95 60.64
C LEU C 243 2.68 -7.23 61.45
N TYR C 244 2.07 -8.24 60.83
CA TYR C 244 1.95 -9.60 61.37
C TYR C 244 2.75 -10.53 60.45
N SER C 245 3.70 -11.28 61.02
CA SER C 245 4.52 -12.28 60.31
C SER C 245 3.89 -13.67 60.48
N GLU C 246 3.50 -14.34 59.39
CA GLU C 246 3.06 -15.76 59.45
C GLU C 246 4.30 -16.63 59.75
N ALA C 247 5.47 -16.27 59.23
CA ALA C 247 6.72 -17.07 59.30
C ALA C 247 7.15 -17.32 60.75
N ILE C 248 7.20 -16.27 61.58
CA ILE C 248 7.60 -16.37 63.02
C ILE C 248 6.33 -16.34 63.90
N GLY C 249 5.15 -16.12 63.32
CA GLY C 249 3.85 -16.33 63.99
C GLY C 249 3.58 -15.30 65.09
N ARG C 250 3.98 -14.04 64.90
CA ARG C 250 3.64 -12.94 65.85
C ARG C 250 3.69 -11.59 65.14
N ALA C 251 3.15 -10.57 65.79
CA ALA C 251 3.23 -9.15 65.38
C ALA C 251 4.70 -8.71 65.35
N ILE C 252 5.03 -7.79 64.45
CA ILE C 252 6.32 -7.04 64.41
C ILE C 252 6.03 -5.60 64.83
N PRO C 253 6.35 -5.20 66.08
CA PRO C 253 6.18 -3.81 66.51
C PRO C 253 6.98 -2.84 65.63
N VAL C 254 6.57 -1.57 65.62
CA VAL C 254 6.98 -0.54 64.62
C VAL C 254 8.50 -0.50 64.29
N GLY C 255 9.40 -0.21 65.22
CA GLY C 255 10.83 -0.04 64.92
C GLY C 255 11.59 -1.36 64.96
N GLN C 256 10.91 -2.49 65.10
CA GLN C 256 11.50 -3.85 65.04
C GLN C 256 11.73 -4.22 63.57
N CYS C 257 12.78 -5.01 63.31
CA CYS C 257 13.20 -5.46 61.96
C CYS C 257 12.10 -6.31 61.28
N THR C 258 11.74 -5.94 60.06
CA THR C 258 10.74 -6.66 59.20
C THR C 258 11.47 -7.48 58.13
N GLY C 259 12.79 -7.36 58.03
CA GLY C 259 13.60 -8.08 57.03
C GLY C 259 14.91 -7.37 56.76
N MET C 260 15.48 -7.57 55.57
CA MET C 260 16.92 -7.27 55.32
C MET C 260 17.15 -6.83 53.88
N ILE C 261 18.01 -5.83 53.71
CA ILE C 261 18.60 -5.39 52.42
C ILE C 261 20.09 -5.70 52.45
N VAL C 262 20.59 -6.47 51.49
CA VAL C 262 22.05 -6.69 51.26
C VAL C 262 22.40 -6.05 49.93
N THR C 263 23.34 -5.12 49.92
CA THR C 263 23.97 -4.59 48.67
C THR C 263 25.37 -5.21 48.55
N ALA C 264 25.62 -6.00 47.52
CA ALA C 264 26.92 -6.63 47.21
C ALA C 264 27.57 -5.82 46.10
N THR C 265 28.78 -5.30 46.33
CA THR C 265 29.57 -4.51 45.36
C THR C 265 30.86 -5.28 45.05
N THR C 266 31.06 -5.67 43.79
CA THR C 266 32.24 -6.41 43.28
C THR C 266 33.08 -5.49 42.41
N THR C 267 34.38 -5.39 42.71
CA THR C 267 35.39 -4.76 41.85
C THR C 267 36.17 -5.88 41.15
N THR C 268 36.81 -5.51 40.05
CA THR C 268 37.27 -6.43 38.99
C THR C 268 38.60 -5.85 38.48
N GLU C 269 39.53 -6.70 38.00
CA GLU C 269 40.86 -6.21 37.53
C GLU C 269 40.65 -5.34 36.28
N GLU C 270 39.53 -5.54 35.58
CA GLU C 270 39.20 -4.88 34.30
C GLU C 270 38.50 -3.54 34.52
N GLY C 271 38.17 -3.17 35.76
CA GLY C 271 37.56 -1.86 36.08
C GLY C 271 36.04 -1.93 36.04
N VAL C 272 35.46 -3.09 35.66
CA VAL C 272 33.99 -3.30 35.59
C VAL C 272 33.45 -3.45 37.02
N ILE C 273 32.41 -2.69 37.36
CA ILE C 273 31.76 -2.68 38.68
C ILE C 273 30.45 -3.50 38.57
N ILE C 274 30.18 -4.38 39.54
CA ILE C 274 28.93 -5.20 39.61
C ILE C 274 28.27 -4.92 40.96
N VAL C 275 27.10 -4.31 40.98
CA VAL C 275 26.36 -3.96 42.23
C VAL C 275 24.99 -4.63 42.14
N GLU C 276 24.63 -5.43 43.15
CA GLU C 276 23.31 -6.10 43.21
C GLU C 276 22.73 -5.90 44.62
N LYS C 277 21.44 -5.56 44.68
CA LYS C 277 20.67 -5.35 45.94
C LYS C 277 19.71 -6.53 46.13
N GLN C 278 19.69 -7.14 47.30
CA GLN C 278 18.64 -8.10 47.68
C GLN C 278 17.79 -7.47 48.80
N VAL C 279 16.49 -7.33 48.57
CA VAL C 279 15.51 -6.96 49.62
C VAL C 279 14.59 -8.15 49.90
N GLY C 280 14.70 -8.73 51.10
CA GLY C 280 13.79 -9.80 51.60
C GLY C 280 13.12 -9.35 52.88
N LYS C 281 11.79 -9.19 52.89
CA LYS C 281 11.06 -8.57 54.03
C LYS C 281 9.58 -8.98 54.04
N CYS C 282 8.93 -8.69 55.17
CA CYS C 282 7.46 -8.70 55.31
C CYS C 282 6.97 -7.43 54.62
N TYR C 283 5.92 -7.58 53.81
CA TYR C 283 5.35 -6.55 52.89
C TYR C 283 4.32 -5.68 53.62
N GLU C 284 4.38 -4.38 53.37
CA GLU C 284 3.31 -3.40 53.67
C GLU C 284 2.33 -3.37 52.49
N ASP C 285 1.21 -2.63 52.61
CA ASP C 285 0.32 -2.32 51.45
C ASP C 285 1.17 -1.79 50.29
N GLY C 286 1.03 -2.39 49.10
CA GLY C 286 1.64 -1.88 47.85
C GLY C 286 2.94 -2.58 47.47
N ASP C 287 3.63 -3.24 48.41
CA ASP C 287 4.91 -3.95 48.15
C ASP C 287 4.64 -5.17 47.24
N GLU C 288 5.48 -5.37 46.22
CA GLU C 288 5.41 -6.57 45.32
C GLU C 288 6.83 -7.09 45.09
N ASP C 289 6.92 -8.38 44.74
CA ASP C 289 8.14 -9.00 44.20
C ASP C 289 8.61 -8.15 43.01
N MET C 290 9.93 -8.04 42.79
CA MET C 290 10.52 -7.38 41.60
C MET C 290 11.87 -8.04 41.25
N VAL C 291 12.23 -8.09 39.98
CA VAL C 291 13.63 -8.26 39.50
C VAL C 291 13.96 -7.02 38.66
N PHE C 292 15.17 -6.48 38.77
CA PHE C 292 15.68 -5.49 37.80
C PHE C 292 17.15 -5.80 37.50
N MET C 293 17.56 -5.56 36.26
CA MET C 293 18.95 -5.65 35.77
C MET C 293 19.18 -4.49 34.83
N ASN C 294 20.24 -3.71 35.02
CA ASN C 294 20.57 -2.57 34.15
C ASN C 294 22.05 -2.64 33.81
N LEU C 295 22.39 -2.35 32.56
CA LEU C 295 23.77 -2.40 32.06
C LEU C 295 24.15 -0.97 31.66
N GLU C 296 25.23 -0.46 32.22
CA GLU C 296 25.80 0.87 31.93
C GLU C 296 27.09 0.65 31.12
N GLY C 297 27.26 1.43 30.07
CA GLY C 297 28.38 1.29 29.14
C GLY C 297 27.97 1.81 27.78
N ASN C 298 28.08 0.96 26.78
CA ASN C 298 27.74 1.28 25.37
C ASN C 298 27.09 0.04 24.77
N PRO C 299 25.80 0.07 24.32
CA PRO C 299 24.96 1.27 24.29
C PRO C 299 24.76 2.05 25.62
N THR C 300 24.62 3.36 25.51
CA THR C 300 24.67 4.30 26.67
C THR C 300 23.25 4.54 27.20
N GLY C 301 23.14 5.17 28.39
CA GLY C 301 21.83 5.62 28.94
C GLY C 301 21.05 4.52 29.62
N GLY C 302 21.57 3.28 29.66
CA GLY C 302 20.96 2.17 30.39
C GLY C 302 20.20 1.23 29.46
N VAL C 303 20.73 0.02 29.30
CA VAL C 303 20.04 -1.17 28.75
C VAL C 303 19.58 -2.03 29.93
N GLY C 304 18.30 -1.98 30.30
CA GLY C 304 17.78 -2.74 31.44
C GLY C 304 16.41 -3.34 31.20
N PHE C 305 16.05 -4.36 32.00
CA PHE C 305 14.68 -4.89 32.10
C PHE C 305 14.24 -4.89 33.56
N THR C 306 12.93 -4.90 33.80
CA THR C 306 12.29 -5.17 35.11
C THR C 306 11.25 -6.29 34.92
N MET C 307 11.09 -7.16 35.91
CA MET C 307 9.92 -8.06 36.09
C MET C 307 9.13 -7.57 37.31
N LYS C 308 7.86 -7.19 37.16
CA LYS C 308 6.97 -6.83 38.30
C LYS C 308 6.16 -8.08 38.69
N ASN C 309 6.09 -8.39 39.98
CA ASN C 309 5.23 -9.43 40.56
C ASN C 309 5.44 -10.80 39.91
N PRO C 310 6.69 -11.24 39.67
CA PRO C 310 6.93 -12.57 39.10
C PRO C 310 6.45 -13.64 40.07
N PRO C 311 5.75 -14.69 39.61
CA PRO C 311 5.45 -15.83 40.49
C PRO C 311 6.71 -16.64 40.81
N THR C 312 7.55 -16.15 41.72
CA THR C 312 8.95 -16.63 41.93
C THR C 312 8.95 -18.11 42.35
N PRO C 313 8.04 -18.57 43.24
CA PRO C 313 8.06 -19.97 43.69
C PRO C 313 7.92 -20.95 42.51
N ALA C 314 6.91 -20.73 41.68
CA ALA C 314 6.64 -21.56 40.48
C ALA C 314 7.79 -21.40 39.46
N MET C 315 8.32 -20.18 39.31
CA MET C 315 9.39 -19.87 38.33
C MET C 315 10.69 -20.58 38.74
N THR C 316 10.96 -20.66 40.05
CA THR C 316 12.09 -21.44 40.62
C THR C 316 12.03 -22.88 40.08
N ASN C 317 10.84 -23.48 40.11
CA ASN C 317 10.62 -24.88 39.72
C ASN C 317 10.75 -25.04 38.20
N THR C 318 10.17 -24.12 37.41
CA THR C 318 10.20 -24.22 35.92
C THR C 318 11.63 -24.01 35.44
N ILE C 319 12.38 -23.11 36.07
CA ILE C 319 13.81 -22.89 35.72
C ILE C 319 14.57 -24.21 35.87
N ALA C 320 14.43 -24.82 37.04
CA ALA C 320 14.95 -26.15 37.38
C ALA C 320 14.58 -27.16 36.28
N ILE C 321 13.30 -27.26 35.95
CA ILE C 321 12.81 -28.18 34.88
C ILE C 321 13.55 -27.90 33.55
N SER C 322 13.75 -26.62 33.23
CA SER C 322 14.39 -26.18 31.96
C SER C 322 15.87 -26.57 31.95
N ARG C 323 16.44 -27.06 33.06
CA ARG C 323 17.90 -27.33 33.12
C ARG C 323 18.20 -28.84 33.19
N MET C 324 17.17 -29.68 33.28
CA MET C 324 17.29 -31.13 33.53
C MET C 324 18.14 -31.81 32.45
N PHE C 325 17.69 -31.74 31.19
CA PHE C 325 18.37 -32.42 30.05
C PHE C 325 19.78 -31.84 29.90
N GLN C 326 19.94 -30.54 30.16
CA GLN C 326 21.24 -29.82 30.05
C GLN C 326 22.20 -30.37 31.12
N THR C 327 21.70 -30.59 32.33
CA THR C 327 22.49 -31.11 33.48
C THR C 327 22.96 -32.53 33.15
N VAL C 328 22.04 -33.37 32.69
CA VAL C 328 22.39 -34.76 32.28
C VAL C 328 23.46 -34.73 31.17
N ASP C 329 23.41 -33.74 30.28
CA ASP C 329 24.25 -33.68 29.04
C ASP C 329 25.55 -32.90 29.31
N ALA C 330 25.66 -32.19 30.44
CA ALA C 330 26.80 -31.29 30.74
C ALA C 330 28.05 -32.14 31.00
N PRO C 331 29.27 -31.55 30.90
CA PRO C 331 30.48 -32.27 31.29
C PRO C 331 30.46 -32.55 32.80
N ALA C 332 31.13 -33.60 33.25
CA ALA C 332 31.18 -33.99 34.69
C ALA C 332 31.76 -32.84 35.54
N GLY C 333 31.29 -32.71 36.79
CA GLY C 333 31.80 -31.73 37.77
C GLY C 333 30.76 -30.68 38.15
N TYR C 334 31.20 -29.65 38.86
CA TYR C 334 30.39 -28.47 39.23
C TYR C 334 30.37 -27.54 38.04
N ILE C 335 29.21 -27.47 37.37
CA ILE C 335 29.01 -26.65 36.16
C ILE C 335 28.13 -25.47 36.54
N THR C 336 28.69 -24.27 36.57
CA THR C 336 27.89 -23.03 36.74
C THR C 336 27.16 -22.74 35.42
N THR C 337 26.04 -22.04 35.50
CA THR C 337 24.99 -21.98 34.45
C THR C 337 25.49 -21.10 33.28
N ASP C 338 26.39 -20.15 33.57
CA ASP C 338 27.12 -19.37 32.53
C ASP C 338 27.87 -20.31 31.55
N LYS C 339 28.11 -21.57 31.90
CA LYS C 339 28.79 -22.54 30.99
C LYS C 339 27.75 -23.34 30.22
N LEU C 340 26.46 -23.08 30.47
CA LEU C 340 25.34 -23.74 29.76
C LEU C 340 24.78 -22.82 28.69
N PRO C 341 24.05 -23.39 27.70
CA PRO C 341 23.19 -22.57 26.84
C PRO C 341 22.04 -21.99 27.68
N THR C 342 21.23 -21.11 27.08
CA THR C 342 20.00 -20.53 27.69
C THR C 342 19.10 -21.70 28.18
N MET C 343 18.30 -21.44 29.22
CA MET C 343 17.24 -22.39 29.68
C MET C 343 16.54 -22.95 28.44
N GLU C 344 16.30 -24.26 28.37
CA GLU C 344 15.66 -24.91 27.19
C GLU C 344 14.35 -24.16 26.85
N ALA C 345 14.21 -23.76 25.58
CA ALA C 345 13.07 -22.96 25.06
C ALA C 345 11.72 -23.67 25.30
N TYR C 346 10.67 -22.88 25.60
CA TYR C 346 9.27 -23.37 25.70
C TYR C 346 8.87 -23.89 24.34
N VAL C 347 8.18 -25.02 24.32
CA VAL C 347 7.66 -25.59 23.05
C VAL C 347 6.34 -26.25 23.42
N HIS C 348 5.30 -26.08 22.60
CA HIS C 348 4.02 -26.79 22.80
C HIS C 348 4.23 -28.27 22.46
N GLY C 349 3.45 -29.13 23.10
CA GLY C 349 3.39 -30.57 22.80
C GLY C 349 4.10 -31.45 23.80
N ARG C 350 4.64 -30.89 24.90
CA ARG C 350 5.31 -31.68 25.96
C ARG C 350 4.28 -32.06 27.04
N LEU C 351 3.16 -31.32 27.06
CA LEU C 351 1.90 -31.54 27.81
C LEU C 351 2.11 -31.18 29.28
N SER D 8 -16.05 -11.98 -48.39
CA SER D 8 -15.35 -11.14 -49.40
C SER D 8 -15.22 -9.70 -48.87
N PRO D 9 -14.10 -8.99 -49.16
CA PRO D 9 -13.91 -7.57 -48.79
C PRO D 9 -14.97 -6.63 -49.38
N LEU D 10 -15.29 -5.54 -48.67
CA LEU D 10 -16.24 -4.49 -49.14
C LEU D 10 -15.75 -3.96 -50.49
N ARG D 11 -16.63 -3.96 -51.50
CA ARG D 11 -16.35 -3.41 -52.85
C ARG D 11 -16.60 -1.89 -52.82
N VAL D 12 -15.54 -1.12 -53.04
CA VAL D 12 -15.51 0.37 -52.87
C VAL D 12 -15.14 1.02 -54.20
N ALA D 13 -15.92 2.02 -54.62
CA ALA D 13 -15.57 2.98 -55.69
C ALA D 13 -15.10 4.30 -55.05
N LEU D 14 -14.06 4.88 -55.63
CA LEU D 14 -13.66 6.29 -55.38
C LEU D 14 -14.27 7.16 -56.48
N TYR D 15 -15.30 7.91 -56.17
CA TYR D 15 -16.04 8.79 -57.11
C TYR D 15 -15.49 10.21 -56.92
N GLY D 16 -14.66 10.64 -57.85
CA GLY D 16 -13.71 11.76 -57.69
C GLY D 16 -12.36 11.21 -57.33
N PHE D 17 -11.28 11.88 -57.73
CA PHE D 17 -9.88 11.43 -57.50
C PHE D 17 -8.94 12.62 -57.48
N GLY D 18 -9.34 13.70 -56.81
CA GLY D 18 -8.52 14.90 -56.53
C GLY D 18 -7.83 14.76 -55.18
N ASN D 19 -7.61 15.87 -54.48
CA ASN D 19 -6.73 15.93 -53.27
C ASN D 19 -7.20 14.89 -52.25
N GLN D 20 -8.50 14.80 -52.02
CA GLN D 20 -9.09 13.99 -50.93
C GLN D 20 -9.01 12.50 -51.30
N ASN D 21 -9.52 12.07 -52.46
CA ASN D 21 -9.67 10.61 -52.76
C ASN D 21 -8.32 9.99 -53.17
N LYS D 22 -7.37 10.79 -53.66
CA LYS D 22 -5.97 10.34 -53.87
C LYS D 22 -5.42 9.86 -52.52
N GLU D 23 -5.51 10.71 -51.50
CA GLU D 23 -5.04 10.39 -50.12
C GLU D 23 -5.90 9.27 -49.52
N MET D 24 -7.22 9.29 -49.74
CA MET D 24 -8.13 8.25 -49.21
C MET D 24 -7.72 6.88 -49.79
N ALA D 25 -7.32 6.84 -51.06
CA ALA D 25 -6.92 5.61 -51.79
C ALA D 25 -5.70 4.94 -51.10
N LYS D 26 -4.68 5.72 -50.72
CA LYS D 26 -3.46 5.21 -50.05
C LYS D 26 -3.82 4.37 -48.82
N MET D 27 -4.79 4.85 -48.04
CA MET D 27 -5.28 4.20 -46.79
C MET D 27 -6.12 2.97 -47.14
N LEU D 28 -7.03 3.09 -48.10
CA LEU D 28 -7.98 1.99 -48.44
C LEU D 28 -7.23 0.82 -49.07
N VAL D 29 -6.10 1.08 -49.70
CA VAL D 29 -5.23 0.02 -50.29
C VAL D 29 -4.68 -0.84 -49.15
N GLU D 30 -4.24 -0.23 -48.05
CA GLU D 30 -3.71 -0.90 -46.82
C GLU D 30 -4.83 -1.67 -46.10
N ARG D 31 -6.09 -1.28 -46.24
CA ARG D 31 -7.21 -1.91 -45.47
C ARG D 31 -7.54 -3.27 -46.10
N LYS D 32 -7.32 -4.37 -45.38
CA LYS D 32 -7.49 -5.76 -45.89
C LYS D 32 -8.97 -6.16 -45.87
N ASP D 33 -9.87 -5.37 -45.26
CA ASP D 33 -11.35 -5.62 -45.28
C ASP D 33 -12.02 -4.91 -46.47
N VAL D 34 -11.24 -4.30 -47.36
CA VAL D 34 -11.73 -3.43 -48.48
C VAL D 34 -11.04 -3.85 -49.79
N GLU D 35 -11.77 -3.75 -50.90
CA GLU D 35 -11.27 -3.92 -52.29
C GLU D 35 -11.74 -2.74 -53.15
N ILE D 36 -10.83 -1.87 -53.57
CA ILE D 36 -11.13 -0.78 -54.55
C ILE D 36 -11.39 -1.45 -55.90
N VAL D 37 -12.56 -1.18 -56.48
CA VAL D 37 -13.14 -1.88 -57.65
C VAL D 37 -13.27 -0.87 -58.81
N ALA D 38 -13.16 0.44 -58.54
CA ALA D 38 -13.37 1.54 -59.51
C ALA D 38 -12.81 2.85 -58.96
N VAL D 39 -12.17 3.66 -59.80
CA VAL D 39 -11.80 5.05 -59.40
C VAL D 39 -12.12 5.99 -60.56
N ILE D 40 -13.10 6.87 -60.34
CA ILE D 40 -13.71 7.79 -61.34
C ILE D 40 -13.11 9.18 -61.08
N SER D 41 -12.63 9.83 -62.15
CA SER D 41 -12.24 11.25 -62.17
C SER D 41 -13.11 11.91 -63.23
N ASN D 42 -12.96 13.22 -63.47
CA ASN D 42 -13.66 13.87 -64.62
C ASN D 42 -12.84 13.62 -65.89
N LYS D 43 -11.63 14.20 -65.96
CA LYS D 43 -10.70 14.06 -67.12
C LYS D 43 -9.30 13.70 -66.59
N SER D 44 -8.84 14.28 -65.48
CA SER D 44 -7.47 14.10 -64.92
C SER D 44 -7.16 12.61 -64.72
N ASN D 45 -5.96 12.21 -65.16
CA ASN D 45 -5.33 10.88 -64.92
C ASN D 45 -6.15 9.73 -65.52
N VAL D 46 -7.11 10.01 -66.40
CA VAL D 46 -8.14 9.02 -66.82
C VAL D 46 -7.61 7.73 -67.49
N GLY D 47 -6.42 7.64 -68.08
CA GLY D 47 -5.99 6.34 -68.66
C GLY D 47 -5.19 5.47 -67.71
N LYS D 48 -4.65 6.09 -66.65
CA LYS D 48 -3.52 5.59 -65.82
C LYS D 48 -4.07 4.66 -64.73
N ASP D 49 -3.20 3.79 -64.19
CA ASP D 49 -3.48 2.92 -63.02
C ASP D 49 -3.43 3.79 -61.76
N PHE D 50 -4.50 3.78 -60.97
CA PHE D 50 -4.68 4.70 -59.83
C PHE D 50 -3.53 4.57 -58.82
N GLY D 51 -2.95 3.37 -58.65
CA GLY D 51 -1.81 3.17 -57.74
C GLY D 51 -0.57 3.98 -58.15
N GLU D 52 -0.27 4.02 -59.45
CA GLU D 52 0.91 4.71 -60.03
C GLU D 52 0.72 6.22 -59.85
N VAL D 53 -0.50 6.69 -60.02
CA VAL D 53 -0.89 8.12 -59.83
C VAL D 53 -0.37 8.60 -58.47
N ILE D 54 -0.50 7.76 -57.43
CA ILE D 54 -0.31 8.11 -55.98
C ILE D 54 0.95 7.42 -55.41
N GLY D 55 1.95 7.11 -56.26
CA GLY D 55 3.29 6.67 -55.85
C GLY D 55 3.33 5.24 -55.35
N LEU D 56 2.36 4.41 -55.74
CA LEU D 56 2.23 2.98 -55.32
C LEU D 56 2.51 2.06 -56.51
N ALA D 57 2.67 0.76 -56.22
CA ALA D 57 2.75 -0.33 -57.22
C ALA D 57 1.42 -0.41 -57.96
N PRO D 58 1.42 -0.83 -59.25
CA PRO D 58 0.18 -1.01 -60.00
C PRO D 58 -0.85 -1.85 -59.24
N GLN D 59 -2.11 -1.39 -59.20
CA GLN D 59 -3.18 -1.97 -58.36
C GLN D 59 -4.08 -2.87 -59.22
N GLY D 60 -4.06 -2.68 -60.55
CA GLY D 60 -4.84 -3.50 -61.51
C GLY D 60 -6.20 -2.89 -61.79
N ILE D 61 -6.35 -1.57 -61.55
CA ILE D 61 -7.58 -0.79 -61.82
C ILE D 61 -7.20 0.63 -62.31
N LEU D 62 -7.78 1.00 -63.45
CA LEU D 62 -7.49 2.23 -64.22
C LEU D 62 -8.51 3.31 -63.79
N VAL D 63 -8.06 4.55 -63.74
CA VAL D 63 -8.91 5.75 -63.51
C VAL D 63 -9.86 5.86 -64.71
N THR D 64 -11.16 5.75 -64.48
CA THR D 64 -12.23 5.87 -65.51
C THR D 64 -12.76 7.30 -65.54
N ALA D 65 -13.42 7.68 -66.65
CA ALA D 65 -13.89 9.05 -66.96
C ALA D 65 -15.27 9.34 -66.31
N GLY D 66 -15.50 10.62 -65.99
CA GLY D 66 -16.74 11.17 -65.41
C GLY D 66 -17.96 10.78 -66.22
N LEU D 67 -17.91 10.99 -67.55
CA LEU D 67 -19.00 10.73 -68.53
C LEU D 67 -19.46 9.27 -68.46
N ASP D 68 -18.56 8.32 -68.13
CA ASP D 68 -18.80 6.86 -68.14
C ASP D 68 -19.15 6.32 -66.74
N ALA D 69 -19.33 7.21 -65.75
CA ALA D 69 -19.58 6.84 -64.34
C ALA D 69 -20.63 5.72 -64.24
N ALA D 70 -21.79 5.90 -64.84
CA ALA D 70 -22.96 4.99 -64.73
C ALA D 70 -22.58 3.59 -65.22
N GLU D 71 -21.88 3.50 -66.35
CA GLU D 71 -21.43 2.21 -66.97
C GLU D 71 -20.40 1.55 -66.05
N THR D 72 -19.38 2.29 -65.60
CA THR D 72 -18.31 1.79 -64.69
C THR D 72 -18.95 1.23 -63.40
N LEU D 73 -19.91 1.93 -62.78
CA LEU D 73 -20.59 1.49 -61.54
C LEU D 73 -21.48 0.27 -61.81
N ARG D 74 -21.94 0.09 -63.06
CA ARG D 74 -22.80 -1.06 -63.44
C ARG D 74 -21.94 -2.33 -63.53
N THR D 75 -20.75 -2.25 -64.15
CA THR D 75 -19.90 -3.43 -64.50
C THR D 75 -19.00 -3.81 -63.32
N THR D 76 -18.26 -2.85 -62.77
CA THR D 76 -17.65 -2.94 -61.42
C THR D 76 -18.86 -2.84 -60.47
N ASN D 77 -18.98 -3.67 -59.46
CA ASN D 77 -20.28 -3.79 -58.74
C ASN D 77 -20.07 -3.31 -57.31
N PRO D 78 -19.71 -2.02 -57.08
CA PRO D 78 -19.33 -1.57 -55.75
C PRO D 78 -20.56 -1.59 -54.83
N GLN D 79 -20.36 -1.85 -53.53
CA GLN D 79 -21.42 -1.71 -52.48
C GLN D 79 -21.47 -0.25 -52.03
N ILE D 80 -20.35 0.47 -52.14
CA ILE D 80 -20.31 1.90 -51.74
C ILE D 80 -19.41 2.69 -52.68
N ALA D 81 -19.79 3.94 -52.90
CA ALA D 81 -18.98 4.97 -53.58
C ALA D 81 -18.62 6.05 -52.57
N MET D 82 -17.34 6.35 -52.48
CA MET D 82 -16.82 7.45 -51.65
C MET D 82 -16.82 8.68 -52.55
N LEU D 83 -17.89 9.47 -52.45
CA LEU D 83 -18.12 10.63 -53.34
C LEU D 83 -17.36 11.83 -52.78
N SER D 84 -16.22 12.15 -53.35
CA SER D 84 -15.40 13.31 -52.94
C SER D 84 -15.16 14.21 -54.16
N THR D 85 -16.21 14.95 -54.56
CA THR D 85 -16.32 15.78 -55.79
C THR D 85 -16.63 17.24 -55.43
N LEU D 86 -17.88 17.55 -55.10
CA LEU D 86 -18.36 18.93 -54.84
C LEU D 86 -19.13 19.01 -53.50
N SER D 87 -19.56 20.21 -53.12
CA SER D 87 -19.93 20.63 -51.74
C SER D 87 -21.45 20.68 -51.53
N THR D 88 -22.24 20.62 -52.59
CA THR D 88 -23.66 21.07 -52.60
C THR D 88 -24.51 19.88 -53.08
N VAL D 89 -25.75 19.73 -52.60
CA VAL D 89 -26.59 18.59 -53.08
C VAL D 89 -26.87 18.80 -54.57
N GLY D 90 -27.11 20.05 -55.01
CA GLY D 90 -27.25 20.43 -56.44
C GLY D 90 -26.08 19.97 -57.32
N ASP D 91 -24.85 20.28 -56.92
CA ASP D 91 -23.65 20.05 -57.76
C ASP D 91 -23.30 18.55 -57.78
N ILE D 92 -23.70 17.76 -56.77
CA ILE D 92 -23.35 16.31 -56.74
C ILE D 92 -24.52 15.48 -57.28
N GLU D 93 -25.67 16.10 -57.56
CA GLU D 93 -26.93 15.41 -57.95
C GLU D 93 -26.64 14.37 -59.05
N SER D 94 -25.88 14.76 -60.07
CA SER D 94 -25.60 13.94 -61.27
C SER D 94 -24.82 12.69 -60.84
N GLN D 95 -23.83 12.88 -59.95
CA GLN D 95 -23.03 11.74 -59.44
C GLN D 95 -23.94 10.86 -58.55
N LEU D 96 -24.74 11.47 -57.67
CA LEU D 96 -25.68 10.73 -56.79
C LEU D 96 -26.59 9.83 -57.63
N ARG D 97 -27.14 10.38 -58.73
CA ARG D 97 -28.09 9.68 -59.64
C ARG D 97 -27.42 8.44 -60.24
N ALA D 98 -26.17 8.57 -60.71
CA ALA D 98 -25.37 7.46 -61.28
C ALA D 98 -25.25 6.32 -60.26
N CYS D 99 -25.04 6.66 -58.98
CA CYS D 99 -24.89 5.72 -57.85
C CYS D 99 -26.24 5.08 -57.53
N ALA D 100 -27.27 5.88 -57.22
CA ALA D 100 -28.59 5.37 -56.82
C ALA D 100 -29.14 4.40 -57.87
N GLU D 101 -29.04 4.72 -59.17
CA GLU D 101 -29.66 3.95 -60.27
C GLU D 101 -28.97 2.58 -60.38
N ASN D 102 -27.70 2.47 -59.96
CA ASN D 102 -26.89 1.24 -59.96
C ASN D 102 -26.84 0.61 -58.56
N LYS D 103 -27.76 0.97 -57.66
CA LYS D 103 -27.87 0.39 -56.30
C LYS D 103 -26.49 0.47 -55.59
N VAL D 104 -25.83 1.62 -55.67
CA VAL D 104 -24.52 1.87 -54.99
C VAL D 104 -24.78 2.86 -53.85
N ASN D 105 -24.51 2.46 -52.60
CA ASN D 105 -24.58 3.36 -51.42
C ASN D 105 -23.54 4.47 -51.57
N VAL D 106 -23.79 5.61 -50.91
CA VAL D 106 -22.86 6.78 -50.97
C VAL D 106 -22.56 7.30 -49.55
N TYR D 107 -21.27 7.41 -49.24
CA TYR D 107 -20.78 8.42 -48.26
C TYR D 107 -20.04 9.47 -49.05
N THR D 108 -20.48 10.71 -48.90
CA THR D 108 -19.88 11.90 -49.54
C THR D 108 -19.30 12.79 -48.46
N ILE D 109 -18.20 13.47 -48.77
CA ILE D 109 -17.60 14.51 -47.88
C ILE D 109 -18.20 15.88 -48.22
N ALA D 110 -19.20 15.93 -49.11
CA ALA D 110 -19.93 17.17 -49.45
C ALA D 110 -20.39 17.84 -48.14
N GLU D 111 -19.77 18.96 -47.78
CA GLU D 111 -20.10 19.74 -46.55
C GLU D 111 -21.62 19.82 -46.35
N GLU D 112 -22.38 20.22 -47.34
CA GLU D 112 -23.82 20.52 -47.14
C GLU D 112 -24.56 19.28 -46.61
N LEU D 113 -24.07 18.08 -46.92
CA LEU D 113 -24.86 16.84 -46.64
C LEU D 113 -24.68 16.36 -45.19
N THR D 114 -23.88 17.08 -44.40
CA THR D 114 -23.95 17.04 -42.92
C THR D 114 -25.43 17.04 -42.54
N PHE D 115 -26.21 17.96 -43.12
CA PHE D 115 -27.65 18.16 -42.84
C PHE D 115 -28.22 19.19 -43.83
N SER D 116 -28.71 18.70 -44.98
CA SER D 116 -29.14 19.49 -46.15
C SER D 116 -30.67 19.69 -46.18
N TRP D 117 -31.43 19.05 -45.26
CA TRP D 117 -32.92 19.03 -45.26
C TRP D 117 -33.50 20.45 -45.37
N THR D 118 -32.92 21.47 -44.71
CA THR D 118 -33.54 22.82 -44.68
C THR D 118 -32.81 23.75 -45.64
N SER D 119 -31.51 23.55 -45.90
CA SER D 119 -30.74 24.44 -46.81
C SER D 119 -31.15 24.14 -48.26
N ALA D 120 -31.50 22.90 -48.58
CA ALA D 120 -31.94 22.44 -49.90
C ALA D 120 -33.10 21.45 -49.77
N PRO D 121 -34.32 21.90 -49.40
CA PRO D 121 -35.43 21.00 -49.07
C PRO D 121 -35.85 20.03 -50.19
N GLU D 122 -36.10 20.58 -51.39
CA GLU D 122 -36.65 19.81 -52.53
C GLU D 122 -35.57 18.88 -53.11
N LYS D 123 -34.33 19.34 -53.27
CA LYS D 123 -33.26 18.49 -53.88
C LYS D 123 -32.92 17.35 -52.90
N THR D 124 -32.97 17.61 -51.59
CA THR D 124 -32.72 16.57 -50.56
C THR D 124 -33.84 15.53 -50.60
N LYS D 125 -35.11 16.00 -50.62
CA LYS D 125 -36.32 15.14 -50.74
C LYS D 125 -36.17 14.21 -51.96
N GLU D 126 -35.74 14.74 -53.09
CA GLU D 126 -35.55 14.01 -54.36
C GLU D 126 -34.51 12.92 -54.18
N MET D 127 -33.38 13.28 -53.56
CA MET D 127 -32.24 12.32 -53.38
C MET D 127 -32.66 11.26 -52.34
N ASP D 128 -33.36 11.66 -51.28
CA ASP D 128 -33.96 10.70 -50.32
C ASP D 128 -34.83 9.70 -51.11
N GLU D 129 -35.79 10.18 -51.90
CA GLU D 129 -36.80 9.31 -52.59
C GLU D 129 -36.07 8.42 -53.60
N LEU D 130 -35.06 8.96 -54.27
CA LEU D 130 -34.32 8.18 -55.29
C LEU D 130 -33.56 7.03 -54.62
N PHE D 131 -32.86 7.31 -53.52
CA PHE D 131 -32.06 6.29 -52.79
C PHE D 131 -33.04 5.27 -52.17
N LYS D 132 -34.16 5.72 -51.61
CA LYS D 132 -35.22 4.81 -51.08
C LYS D 132 -35.70 3.85 -52.18
N GLU D 133 -35.99 4.38 -53.37
CA GLU D 133 -36.52 3.60 -54.53
C GLU D 133 -35.54 2.49 -54.91
N HIS D 134 -34.22 2.72 -54.86
CA HIS D 134 -33.19 1.73 -55.30
C HIS D 134 -32.63 0.97 -54.08
N ASN D 135 -33.22 1.23 -52.90
CA ASN D 135 -32.91 0.56 -51.60
C ASN D 135 -31.42 0.70 -51.25
N VAL D 136 -30.89 1.92 -51.31
CA VAL D 136 -29.51 2.25 -50.86
C VAL D 136 -29.55 3.52 -50.02
N SER D 137 -28.42 3.91 -49.43
CA SER D 137 -28.33 4.98 -48.41
C SER D 137 -27.41 6.08 -48.93
N LEU D 138 -27.80 7.33 -48.69
CA LEU D 138 -26.94 8.53 -48.88
C LEU D 138 -26.61 9.09 -47.50
N ILE D 139 -25.32 9.21 -47.18
CA ILE D 139 -24.81 9.80 -45.90
C ILE D 139 -23.64 10.71 -46.25
N GLY D 140 -23.40 11.76 -45.47
CA GLY D 140 -22.17 12.53 -45.67
C GLY D 140 -21.90 13.59 -44.61
N GLY D 141 -20.83 14.37 -44.85
CA GLY D 141 -20.48 15.53 -44.03
C GLY D 141 -18.99 15.65 -43.79
N GLY D 142 -18.26 14.53 -43.89
CA GLY D 142 -16.80 14.53 -43.70
C GLY D 142 -16.39 15.14 -42.38
N PHE D 143 -15.46 16.12 -42.40
CA PHE D 143 -14.86 16.72 -41.17
C PHE D 143 -15.98 17.25 -40.28
N LEU D 144 -17.02 17.81 -40.87
CA LEU D 144 -18.13 18.45 -40.08
C LEU D 144 -18.93 17.36 -39.37
N ASP D 145 -19.05 16.20 -40.02
CA ASP D 145 -19.76 15.03 -39.45
C ASP D 145 -19.01 14.56 -38.19
N GLY D 146 -17.78 14.07 -38.37
CA GLY D 146 -17.05 13.31 -37.35
C GLY D 146 -16.37 14.21 -36.34
N ALA D 147 -15.51 15.13 -36.78
CA ALA D 147 -14.61 15.90 -35.91
C ALA D 147 -15.37 17.02 -35.19
N CYS D 148 -16.50 17.47 -35.73
CA CYS D 148 -17.27 18.61 -35.13
C CYS D 148 -18.51 18.04 -34.45
N CYS D 149 -19.45 17.51 -35.22
CA CYS D 149 -20.77 17.07 -34.71
C CYS D 149 -20.65 15.84 -33.81
N ASP D 150 -19.98 14.76 -34.26
CA ASP D 150 -19.93 13.49 -33.49
C ASP D 150 -19.10 13.66 -32.21
N MET D 151 -17.95 14.35 -32.27
CA MET D 151 -17.17 14.70 -31.05
C MET D 151 -18.08 15.43 -30.05
N ALA D 152 -18.84 16.43 -30.49
CA ALA D 152 -19.73 17.22 -29.59
C ALA D 152 -20.89 16.35 -29.13
N ARG D 153 -21.31 15.35 -29.93
CA ARG D 153 -22.43 14.46 -29.53
C ARG D 153 -22.01 13.62 -28.33
N THR D 154 -20.76 13.13 -28.32
CA THR D 154 -20.17 12.37 -27.20
C THR D 154 -20.14 13.30 -25.99
N MET D 155 -19.49 14.46 -26.12
CA MET D 155 -19.31 15.43 -25.02
C MET D 155 -20.67 15.80 -24.44
N ALA D 156 -21.70 15.98 -25.25
CA ALA D 156 -23.01 16.51 -24.78
C ALA D 156 -23.76 15.46 -23.94
N ALA D 157 -23.44 14.16 -24.04
CA ALA D 157 -24.04 13.10 -23.20
C ALA D 157 -23.83 13.45 -21.72
N MET D 158 -22.78 14.21 -21.43
CA MET D 158 -22.35 14.54 -20.05
C MET D 158 -23.04 15.83 -19.59
N MET D 159 -24.02 16.32 -20.36
CA MET D 159 -24.85 17.48 -19.93
C MET D 159 -26.18 16.96 -19.36
N HIS D 160 -26.63 17.56 -18.25
CA HIS D 160 -27.96 17.35 -17.63
C HIS D 160 -29.00 18.23 -18.34
N LYS D 161 -28.62 19.49 -18.56
CA LYS D 161 -29.43 20.51 -19.27
C LYS D 161 -28.50 21.34 -20.16
N ILE D 162 -28.84 21.50 -21.45
CA ILE D 162 -28.14 22.43 -22.38
C ILE D 162 -29.01 23.68 -22.57
N ASP D 163 -28.49 24.86 -22.24
CA ASP D 163 -29.13 26.16 -22.58
C ASP D 163 -28.61 26.67 -23.93
N LYS D 164 -27.32 26.45 -24.21
CA LYS D 164 -26.63 27.03 -25.38
C LYS D 164 -25.49 26.12 -25.82
N LEU D 165 -25.37 25.87 -27.12
CA LEU D 165 -24.17 25.27 -27.74
C LEU D 165 -23.44 26.43 -28.45
N ASP D 166 -22.16 26.61 -28.15
CA ASP D 166 -21.34 27.73 -28.67
C ASP D 166 -20.09 27.09 -29.31
N GLY D 167 -20.07 27.04 -30.65
CA GLY D 167 -19.16 26.19 -31.43
C GLY D 167 -18.46 27.00 -32.51
N GLY D 168 -17.38 26.47 -33.08
CA GLY D 168 -16.51 27.24 -33.97
C GLY D 168 -15.54 26.39 -34.76
N LEU D 169 -15.14 26.94 -35.89
CA LEU D 169 -14.29 26.33 -36.94
C LEU D 169 -13.45 27.50 -37.44
N GLN D 170 -12.14 27.37 -37.42
CA GLN D 170 -11.29 28.48 -37.94
C GLN D 170 -10.26 27.85 -38.86
N TYR D 171 -10.11 28.45 -40.05
CA TYR D 171 -9.21 27.98 -41.14
C TYR D 171 -8.55 29.22 -41.76
N ASN D 172 -7.40 29.01 -42.41
CA ASN D 172 -6.61 30.07 -43.11
C ASN D 172 -7.09 30.13 -44.57
N VAL D 173 -7.86 31.16 -44.91
CA VAL D 173 -8.54 31.27 -46.23
C VAL D 173 -7.49 31.60 -47.31
N ASP D 174 -6.35 32.20 -46.92
CA ASP D 174 -5.21 32.48 -47.84
C ASP D 174 -4.63 31.19 -48.44
N HIS D 175 -4.98 30.00 -47.91
CA HIS D 175 -4.41 28.69 -48.34
C HIS D 175 -5.51 27.84 -49.00
N TYR D 176 -6.55 28.48 -49.54
CA TYR D 176 -7.67 27.81 -50.26
C TYR D 176 -7.80 28.34 -51.70
N GLY D 177 -6.85 29.17 -52.15
CA GLY D 177 -6.81 29.75 -53.51
C GLY D 177 -7.68 31.01 -53.65
N GLN D 178 -7.54 31.70 -54.77
CA GLN D 178 -8.55 32.71 -55.22
C GLN D 178 -9.80 31.94 -55.65
N VAL D 179 -10.96 32.59 -55.60
CA VAL D 179 -12.32 31.98 -55.70
C VAL D 179 -12.85 31.87 -54.26
N LEU D 180 -12.22 31.05 -53.41
CA LEU D 180 -12.61 30.95 -51.98
C LEU D 180 -12.23 32.26 -51.26
N ALA D 181 -11.07 32.84 -51.57
CA ALA D 181 -10.64 34.17 -51.02
C ALA D 181 -11.65 35.24 -51.43
N ILE D 182 -12.06 35.26 -52.71
CA ILE D 182 -13.05 36.23 -53.27
C ILE D 182 -14.39 36.05 -52.54
N ALA D 183 -14.83 34.81 -52.28
CA ALA D 183 -16.12 34.50 -51.60
C ALA D 183 -16.09 35.00 -50.15
N HIS D 184 -14.90 35.25 -49.58
CA HIS D 184 -14.64 35.84 -48.23
C HIS D 184 -14.18 37.28 -48.53
N GLY D 185 -14.27 38.21 -47.58
CA GLY D 185 -14.13 39.66 -47.90
C GLY D 185 -12.70 40.09 -48.13
N VAL D 186 -11.80 39.20 -48.58
CA VAL D 186 -10.33 39.54 -48.68
C VAL D 186 -10.16 40.51 -49.84
N GLY D 187 -9.55 41.68 -49.60
CA GLY D 187 -9.34 42.74 -50.61
C GLY D 187 -10.44 43.80 -50.58
N LEU D 188 -11.65 43.43 -50.17
CA LEU D 188 -12.92 44.22 -50.28
C LEU D 188 -13.10 45.13 -49.06
N SER D 189 -14.06 46.06 -49.20
CA SER D 189 -14.69 46.86 -48.11
C SER D 189 -15.96 47.54 -48.66
N TYR D 194 -19.91 45.19 -47.34
CA TYR D 194 -21.36 45.21 -46.99
C TYR D 194 -22.22 45.64 -48.20
N ALA D 195 -21.60 46.03 -49.33
CA ALA D 195 -22.31 46.35 -50.60
C ALA D 195 -23.15 45.15 -51.05
N GLU D 196 -24.16 45.38 -51.90
CA GLU D 196 -25.19 44.37 -52.25
C GLU D 196 -24.56 43.17 -52.98
N ASN D 197 -23.57 43.41 -53.84
CA ASN D 197 -22.95 42.36 -54.71
C ASN D 197 -21.66 41.85 -54.04
N GLY D 198 -21.43 42.18 -52.77
CA GLY D 198 -20.32 41.63 -51.96
C GLY D 198 -20.85 40.57 -51.00
N PRO D 199 -20.25 39.36 -50.92
CA PRO D 199 -20.58 38.44 -49.83
C PRO D 199 -20.30 39.16 -48.49
N GLY D 200 -21.29 39.18 -47.60
CA GLY D 200 -21.37 40.10 -46.44
C GLY D 200 -22.78 40.69 -46.36
N TRP D 201 -23.33 40.99 -47.54
CA TRP D 201 -24.80 40.96 -47.78
C TRP D 201 -25.26 39.50 -47.69
N THR D 202 -26.41 39.31 -47.03
CA THR D 202 -27.06 38.00 -46.82
C THR D 202 -28.56 38.24 -46.54
N SER D 203 -29.35 37.19 -46.71
CA SER D 203 -30.82 37.20 -46.58
C SER D 203 -31.28 35.80 -46.16
N PRO D 204 -32.49 35.65 -45.58
CA PRO D 204 -33.02 34.34 -45.28
C PRO D 204 -33.08 33.40 -46.50
N THR D 205 -33.07 33.94 -47.74
CA THR D 205 -33.17 33.16 -49.00
C THR D 205 -31.79 32.91 -49.63
N SER D 206 -30.71 33.55 -49.15
CA SER D 206 -29.36 33.45 -49.76
C SER D 206 -28.95 31.98 -49.83
N TYR D 207 -28.30 31.58 -50.91
CA TYR D 207 -27.81 30.19 -51.11
C TYR D 207 -26.53 30.20 -51.94
N PRO D 208 -25.54 29.32 -51.69
CA PRO D 208 -25.59 28.33 -50.60
C PRO D 208 -25.39 28.91 -49.20
N LYS D 209 -25.89 28.17 -48.22
CA LYS D 209 -25.70 28.43 -46.77
C LYS D 209 -24.28 28.00 -46.38
N SER D 210 -23.80 28.55 -45.27
CA SER D 210 -22.49 28.22 -44.62
C SER D 210 -22.51 26.80 -44.07
N TYR D 211 -21.33 26.20 -43.87
CA TYR D 211 -21.18 24.86 -43.22
C TYR D 211 -21.84 24.89 -41.83
N VAL D 212 -21.62 25.96 -41.07
CA VAL D 212 -22.13 26.11 -39.69
C VAL D 212 -23.66 26.10 -39.73
N TYR D 213 -24.28 26.62 -40.79
CA TYR D 213 -25.75 26.49 -40.96
C TYR D 213 -26.13 25.01 -40.87
N ASN D 214 -25.49 24.13 -41.64
CA ASN D 214 -25.86 22.68 -41.65
C ASN D 214 -25.52 22.01 -40.31
N MET D 215 -24.42 22.42 -39.67
CA MET D 215 -24.04 21.88 -38.35
C MET D 215 -25.11 22.26 -37.32
N ASN D 216 -25.59 23.52 -37.32
CA ASN D 216 -26.65 23.97 -36.38
C ASN D 216 -27.85 23.03 -36.49
N ASP D 217 -28.26 22.68 -37.72
CA ASP D 217 -29.48 21.86 -37.93
C ASP D 217 -29.21 20.43 -37.48
N TRP D 218 -27.97 19.97 -37.63
CA TRP D 218 -27.52 18.63 -37.16
C TRP D 218 -27.74 18.55 -35.64
N PHE D 219 -27.25 19.54 -34.90
CA PHE D 219 -27.36 19.61 -33.42
C PHE D 219 -28.85 19.66 -33.05
N ALA D 220 -29.62 20.52 -33.69
CA ALA D 220 -31.06 20.69 -33.38
C ALA D 220 -31.74 19.34 -33.57
N SER D 221 -31.35 18.57 -34.59
CA SER D 221 -31.95 17.22 -34.83
C SER D 221 -31.50 16.27 -33.72
N ALA D 222 -30.20 16.22 -33.41
CA ALA D 222 -29.60 15.29 -32.41
C ALA D 222 -30.23 15.52 -31.03
N PHE D 223 -30.36 16.78 -30.60
CA PHE D 223 -30.87 17.19 -29.27
C PHE D 223 -32.41 17.16 -29.23
N GLY D 224 -33.09 16.78 -30.32
CA GLY D 224 -34.56 16.69 -30.36
C GLY D 224 -35.21 18.05 -30.13
N LEU D 225 -34.67 19.10 -30.78
CA LEU D 225 -35.17 20.49 -30.68
C LEU D 225 -36.00 20.81 -31.93
N THR D 226 -36.84 21.84 -31.83
CA THR D 226 -37.72 22.36 -32.90
C THR D 226 -37.18 23.74 -33.30
N VAL D 227 -36.66 23.81 -34.52
CA VAL D 227 -36.07 25.06 -35.10
C VAL D 227 -37.18 26.09 -35.32
N ILE D 228 -36.98 27.32 -34.83
CA ILE D 228 -37.79 28.50 -35.26
C ILE D 228 -37.13 29.03 -36.54
N LYS D 229 -35.92 29.59 -36.40
CA LYS D 229 -35.16 30.17 -37.53
C LYS D 229 -33.66 29.92 -37.30
N THR D 230 -32.93 29.64 -38.38
CA THR D 230 -31.44 29.76 -38.42
C THR D 230 -31.09 30.97 -39.28
N GLU D 231 -30.50 32.02 -38.71
CA GLU D 231 -30.04 33.19 -39.50
C GLU D 231 -28.52 33.22 -39.47
N GLU D 232 -27.94 33.50 -40.63
CA GLU D 232 -26.49 33.75 -40.80
C GLU D 232 -26.25 35.26 -40.80
N VAL D 233 -25.21 35.69 -40.10
CA VAL D 233 -24.73 37.10 -40.07
C VAL D 233 -23.26 37.07 -40.48
N LYS D 234 -22.93 37.81 -41.53
CA LYS D 234 -21.59 37.77 -42.14
C LYS D 234 -20.91 39.10 -41.80
N THR D 235 -19.70 39.01 -41.26
CA THR D 235 -18.98 40.11 -40.59
C THR D 235 -17.53 40.04 -41.05
N PRO D 236 -16.89 41.17 -41.41
CA PRO D 236 -15.50 41.15 -41.78
C PRO D 236 -14.62 40.93 -40.54
N THR D 237 -13.41 40.39 -40.76
CA THR D 237 -12.29 40.36 -39.79
C THR D 237 -11.35 41.52 -40.12
N LYS D 238 -10.65 42.07 -39.12
CA LYS D 238 -9.62 43.12 -39.31
C LYS D 238 -8.42 42.77 -38.41
N ALA D 239 -7.28 43.44 -38.61
CA ALA D 239 -6.07 43.26 -37.78
C ALA D 239 -5.64 44.62 -37.24
N PRO D 240 -5.04 44.66 -36.03
CA PRO D 240 -4.56 45.92 -35.45
C PRO D 240 -3.26 46.40 -36.11
N ILE D 241 -2.67 45.57 -36.97
CA ILE D 241 -1.45 45.91 -37.78
C ILE D 241 -1.73 45.63 -39.26
N GLU D 242 -0.86 46.13 -40.13
CA GLU D 242 -0.79 45.79 -41.57
C GLU D 242 -0.42 44.32 -41.73
N LEU D 243 -1.25 43.55 -42.45
CA LEU D 243 -0.95 42.18 -42.93
C LEU D 243 -0.57 42.25 -44.41
N TYR D 244 0.01 41.18 -44.93
CA TYR D 244 0.19 40.92 -46.39
C TYR D 244 -0.60 39.66 -46.73
N SER D 245 -1.44 39.70 -47.76
CA SER D 245 -2.15 38.52 -48.30
C SER D 245 -1.38 37.99 -49.50
N GLU D 246 -0.91 36.73 -49.46
CA GLU D 246 -0.30 36.03 -50.62
C GLU D 246 -1.39 35.36 -51.49
N ALA D 247 -2.66 35.42 -51.08
CA ALA D 247 -3.80 34.92 -51.89
C ALA D 247 -4.21 35.97 -52.92
N ILE D 248 -4.43 37.22 -52.50
CA ILE D 248 -4.90 38.34 -53.37
C ILE D 248 -3.71 39.25 -53.72
N GLY D 249 -2.52 39.00 -53.15
CA GLY D 249 -1.26 39.63 -53.59
C GLY D 249 -1.19 41.12 -53.25
N ARG D 250 -1.72 41.54 -52.11
CA ARG D 250 -1.67 42.97 -51.69
C ARG D 250 -1.57 43.06 -50.17
N ALA D 251 -0.97 44.13 -49.66
CA ALA D 251 -1.00 44.52 -48.22
C ALA D 251 -2.44 44.80 -47.82
N ILE D 252 -2.81 44.51 -46.58
CA ILE D 252 -4.12 44.86 -45.98
C ILE D 252 -3.89 45.96 -44.94
N PRO D 253 -4.17 47.25 -45.24
CA PRO D 253 -4.06 48.31 -44.25
C PRO D 253 -4.96 48.05 -43.04
N VAL D 254 -4.57 48.64 -41.90
CA VAL D 254 -5.32 48.53 -40.61
C VAL D 254 -6.76 48.98 -40.89
N GLY D 255 -7.75 48.20 -40.48
CA GLY D 255 -9.17 48.57 -40.62
C GLY D 255 -9.76 48.11 -41.94
N GLN D 256 -8.93 47.64 -42.88
CA GLN D 256 -9.41 46.97 -44.13
C GLN D 256 -9.73 45.51 -43.79
N CYS D 257 -10.71 44.92 -44.48
CA CYS D 257 -11.18 43.51 -44.29
C CYS D 257 -10.05 42.50 -44.59
N THR D 258 -9.76 41.60 -43.66
CA THR D 258 -8.73 40.53 -43.77
C THR D 258 -9.38 39.16 -44.02
N GLY D 259 -10.71 39.08 -43.98
CA GLY D 259 -11.41 37.78 -44.03
C GLY D 259 -12.84 37.90 -43.51
N MET D 260 -13.46 36.78 -43.15
CA MET D 260 -14.92 36.73 -42.95
C MET D 260 -15.29 35.72 -41.84
N ILE D 261 -16.24 36.12 -41.00
CA ILE D 261 -16.94 35.27 -40.01
C ILE D 261 -18.39 35.14 -40.48
N VAL D 262 -18.85 33.90 -40.67
CA VAL D 262 -20.29 33.58 -40.77
C VAL D 262 -20.69 33.04 -39.40
N THR D 263 -21.59 33.75 -38.74
CA THR D 263 -22.17 33.33 -37.44
C THR D 263 -23.58 32.85 -37.75
N ALA D 264 -23.86 31.56 -37.53
CA ALA D 264 -25.19 30.93 -37.68
C ALA D 264 -25.76 30.84 -36.28
N THR D 265 -26.92 31.47 -36.06
CA THR D 265 -27.67 31.49 -34.80
C THR D 265 -29.00 30.78 -35.04
N THR D 266 -29.24 29.67 -34.36
CA THR D 266 -30.50 28.90 -34.39
C THR D 266 -31.25 29.15 -33.10
N THR D 267 -32.50 29.62 -33.22
CA THR D 267 -33.44 29.71 -32.09
C THR D 267 -34.40 28.54 -32.25
N THR D 268 -34.99 28.16 -31.13
CA THR D 268 -35.61 26.84 -30.95
C THR D 268 -36.88 27.06 -30.10
N GLU D 269 -37.92 26.25 -30.30
CA GLU D 269 -39.18 26.49 -29.56
C GLU D 269 -38.97 26.09 -28.09
N GLU D 270 -37.89 25.37 -27.77
CA GLU D 270 -37.53 24.93 -26.39
C GLU D 270 -36.69 26.00 -25.67
N GLY D 271 -36.27 27.07 -26.33
CA GLY D 271 -35.46 28.14 -25.71
C GLY D 271 -33.96 27.88 -25.77
N VAL D 272 -33.55 26.72 -26.31
CA VAL D 272 -32.11 26.36 -26.46
C VAL D 272 -31.53 27.14 -27.64
N ILE D 273 -30.40 27.80 -27.45
CA ILE D 273 -29.70 28.62 -28.47
C ILE D 273 -28.52 27.81 -29.01
N ILE D 274 -28.30 27.81 -30.32
CA ILE D 274 -27.15 27.15 -30.97
C ILE D 274 -26.44 28.21 -31.83
N VAL D 275 -25.23 28.61 -31.46
CA VAL D 275 -24.44 29.64 -32.19
C VAL D 275 -23.13 28.98 -32.65
N GLU D 276 -22.86 28.99 -33.94
CA GLU D 276 -21.60 28.44 -34.51
C GLU D 276 -21.01 29.47 -35.47
N LYS D 277 -19.70 29.69 -35.33
CA LYS D 277 -18.92 30.68 -36.09
C LYS D 277 -18.04 29.90 -37.08
N GLN D 278 -18.08 30.31 -38.35
CA GLN D 278 -17.14 29.84 -39.39
C GLN D 278 -16.19 31.02 -39.69
N VAL D 279 -14.91 30.89 -39.36
CA VAL D 279 -13.93 32.01 -39.49
C VAL D 279 -12.90 31.58 -40.53
N GLY D 280 -12.90 32.25 -41.71
CA GLY D 280 -11.88 32.18 -42.75
C GLY D 280 -11.17 33.52 -42.86
N LYS D 281 -9.89 33.60 -42.49
CA LYS D 281 -9.12 34.88 -42.48
C LYS D 281 -7.62 34.59 -42.65
N CYS D 282 -6.81 35.65 -42.72
CA CYS D 282 -5.41 35.60 -43.23
C CYS D 282 -4.39 35.15 -42.18
N TYR D 283 -4.63 35.45 -40.89
CA TYR D 283 -3.85 34.99 -39.70
C TYR D 283 -2.74 36.00 -39.38
N GLU D 284 -2.78 36.48 -38.13
CA GLU D 284 -1.70 37.22 -37.44
C GLU D 284 -0.80 36.19 -36.74
N ASP D 285 0.29 36.63 -36.13
CA ASP D 285 1.10 35.81 -35.18
C ASP D 285 0.15 35.16 -34.15
N GLY D 286 0.23 33.83 -33.99
CA GLY D 286 -0.48 33.09 -32.93
C GLY D 286 -1.79 32.46 -33.39
N ASP D 287 -2.36 32.88 -34.52
CA ASP D 287 -3.62 32.29 -35.08
C ASP D 287 -3.31 30.89 -35.60
N GLU D 288 -4.16 29.91 -35.28
CA GLU D 288 -4.04 28.51 -35.81
C GLU D 288 -5.42 28.00 -36.21
N ASP D 289 -5.44 27.03 -37.14
CA ASP D 289 -6.66 26.24 -37.46
C ASP D 289 -7.18 25.63 -36.15
N MET D 290 -8.50 25.58 -35.98
CA MET D 290 -9.13 25.31 -34.68
C MET D 290 -10.53 24.74 -34.89
N VAL D 291 -10.90 23.78 -34.03
CA VAL D 291 -12.31 23.41 -33.78
C VAL D 291 -12.54 23.68 -32.29
N PHE D 292 -13.67 24.27 -31.94
CA PHE D 292 -14.07 24.39 -30.53
C PHE D 292 -15.59 24.16 -30.46
N MET D 293 -16.00 23.52 -29.36
CA MET D 293 -17.42 23.28 -28.99
C MET D 293 -17.52 23.50 -27.49
N ASN D 294 -18.48 24.31 -27.06
CA ASN D 294 -18.69 24.59 -25.63
C ASN D 294 -20.18 24.46 -25.34
N LEU D 295 -20.53 23.84 -24.22
CA LEU D 295 -21.93 23.63 -23.81
C LEU D 295 -22.14 24.47 -22.54
N GLU D 296 -23.15 25.34 -22.57
CA GLU D 296 -23.59 26.13 -21.40
C GLU D 296 -24.90 25.54 -20.88
N GLY D 297 -24.99 25.38 -19.57
CA GLY D 297 -26.16 24.82 -18.90
C GLY D 297 -25.75 24.22 -17.59
N ASN D 298 -26.02 22.92 -17.41
CA ASN D 298 -25.68 22.15 -16.19
C ASN D 298 -25.20 20.79 -16.62
N PRO D 299 -23.94 20.37 -16.33
CA PRO D 299 -22.96 21.13 -15.53
C PRO D 299 -22.64 22.57 -16.00
N THR D 300 -22.34 23.45 -15.04
CA THR D 300 -22.25 24.92 -15.27
C THR D 300 -20.80 25.32 -15.58
N GLY D 301 -20.60 26.54 -16.06
CA GLY D 301 -19.27 27.15 -16.26
C GLY D 301 -18.61 26.73 -17.56
N GLY D 302 -19.25 25.88 -18.37
CA GLY D 302 -18.70 25.51 -19.69
C GLY D 302 -18.06 24.13 -19.70
N VAL D 303 -18.74 23.18 -20.36
CA VAL D 303 -18.20 21.85 -20.76
C VAL D 303 -17.80 21.96 -22.23
N GLY D 304 -16.51 22.05 -22.54
CA GLY D 304 -16.04 22.27 -23.92
C GLY D 304 -14.76 21.51 -24.23
N PHE D 305 -14.53 21.29 -25.52
CA PHE D 305 -13.24 20.78 -26.04
C PHE D 305 -12.73 21.73 -27.12
N THR D 306 -11.42 21.74 -27.33
CA THR D 306 -10.74 22.43 -28.44
C THR D 306 -9.83 21.41 -29.14
N MET D 307 -9.74 21.47 -30.47
CA MET D 307 -8.69 20.76 -31.26
C MET D 307 -7.84 21.86 -31.92
N LYS D 308 -6.56 21.96 -31.59
CA LYS D 308 -5.64 22.92 -32.25
C LYS D 308 -4.93 22.19 -33.42
N ASN D 309 -4.84 22.85 -34.56
CA ASN D 309 -4.04 22.41 -35.73
C ASN D 309 -4.48 21.01 -36.19
N PRO D 310 -5.79 20.69 -36.27
CA PRO D 310 -6.23 19.37 -36.70
C PRO D 310 -5.81 19.12 -38.13
N PRO D 311 -5.24 17.94 -38.47
CA PRO D 311 -4.99 17.60 -39.87
C PRO D 311 -6.31 17.30 -40.59
N THR D 312 -7.06 18.36 -40.94
CA THR D 312 -8.46 18.28 -41.42
C THR D 312 -8.54 17.43 -42.69
N PRO D 313 -7.63 17.59 -43.69
CA PRO D 313 -7.74 16.83 -44.94
C PRO D 313 -7.71 15.31 -44.70
N ALA D 314 -6.73 14.83 -43.92
CA ALA D 314 -6.58 13.39 -43.60
C ALA D 314 -7.77 12.93 -42.74
N MET D 315 -8.21 13.78 -41.81
CA MET D 315 -9.30 13.42 -40.87
C MET D 315 -10.61 13.30 -41.64
N THR D 316 -10.82 14.14 -42.64
CA THR D 316 -11.99 14.08 -43.57
C THR D 316 -12.08 12.66 -44.15
N ASN D 317 -10.95 12.13 -44.60
CA ASN D 317 -10.89 10.80 -45.26
C ASN D 317 -11.11 9.69 -44.25
N THR D 318 -10.50 9.76 -43.07
CA THR D 318 -10.63 8.67 -42.05
C THR D 318 -12.06 8.65 -41.51
N ILE D 319 -12.68 9.83 -41.32
CA ILE D 319 -14.11 9.92 -40.92
C ILE D 319 -14.96 9.15 -41.92
N ALA D 320 -14.79 9.48 -43.21
CA ALA D 320 -15.44 8.80 -44.34
C ALA D 320 -15.24 7.28 -44.24
N ILE D 321 -14.00 6.84 -44.07
CA ILE D 321 -13.67 5.39 -43.90
C ILE D 321 -14.45 4.80 -42.72
N SER D 322 -14.55 5.53 -41.62
CA SER D 322 -15.26 5.09 -40.38
C SER D 322 -16.77 4.97 -40.62
N ARG D 323 -17.29 5.41 -41.76
CA ARG D 323 -18.76 5.43 -41.99
C ARG D 323 -19.15 4.41 -43.08
N MET D 324 -18.19 3.73 -43.72
CA MET D 324 -18.42 2.87 -44.90
C MET D 324 -19.41 1.74 -44.55
N PHE D 325 -19.06 0.89 -43.59
CA PHE D 325 -19.85 -0.31 -43.23
C PHE D 325 -21.21 0.16 -42.66
N GLN D 326 -21.21 1.31 -41.98
CA GLN D 326 -22.42 1.90 -41.35
C GLN D 326 -23.37 2.33 -42.47
N THR D 327 -22.84 2.94 -43.53
CA THR D 327 -23.58 3.45 -44.70
C THR D 327 -24.20 2.25 -45.42
N VAL D 328 -23.42 1.21 -45.68
CA VAL D 328 -23.94 -0.03 -46.32
C VAL D 328 -25.08 -0.60 -45.48
N ASP D 329 -24.99 -0.54 -44.14
CA ASP D 329 -25.90 -1.26 -43.22
C ASP D 329 -27.05 -0.33 -42.78
N ALA D 330 -27.03 0.96 -43.15
CA ALA D 330 -28.05 1.93 -42.72
C ALA D 330 -29.38 1.64 -43.45
N PRO D 331 -30.52 2.15 -42.96
CA PRO D 331 -31.77 2.07 -43.71
C PRO D 331 -31.66 2.86 -45.03
N ALA D 332 -32.41 2.47 -46.07
CA ALA D 332 -32.39 3.15 -47.39
C ALA D 332 -32.81 4.62 -47.21
N GLY D 333 -32.26 5.51 -48.05
CA GLY D 333 -32.62 6.95 -48.07
C GLY D 333 -31.48 7.86 -47.61
N TYR D 334 -31.79 9.14 -47.39
CA TYR D 334 -30.84 10.16 -46.89
C TYR D 334 -30.79 10.02 -45.37
N ILE D 335 -29.68 9.50 -44.86
CA ILE D 335 -29.49 9.26 -43.41
C ILE D 335 -28.47 10.27 -42.89
N THR D 336 -28.91 11.25 -42.10
CA THR D 336 -28.02 12.15 -41.35
C THR D 336 -27.35 11.37 -40.20
N THR D 337 -26.18 11.82 -39.79
CA THR D 337 -25.20 11.07 -39.00
C THR D 337 -25.68 10.99 -37.54
N ASP D 338 -26.47 11.96 -37.08
CA ASP D 338 -27.16 11.91 -35.76
C ASP D 338 -28.05 10.66 -35.67
N LYS D 339 -28.40 10.00 -36.78
CA LYS D 339 -29.21 8.76 -36.77
C LYS D 339 -28.31 7.54 -36.77
N LEU D 340 -26.99 7.75 -36.83
CA LEU D 340 -25.99 6.67 -36.78
C LEU D 340 -25.39 6.57 -35.38
N PRO D 341 -24.76 5.41 -35.07
CA PRO D 341 -23.89 5.30 -33.89
C PRO D 341 -22.64 6.16 -34.12
N THR D 342 -21.77 6.29 -33.10
CA THR D 342 -20.45 6.95 -33.23
C THR D 342 -19.67 6.34 -34.41
N MET D 343 -18.77 7.12 -35.01
CA MET D 343 -17.79 6.63 -36.02
C MET D 343 -17.25 5.28 -35.54
N GLU D 344 -17.18 4.27 -36.41
CA GLU D 344 -16.63 2.94 -36.06
C GLU D 344 -15.27 3.07 -35.36
N ALA D 345 -15.12 2.46 -34.18
CA ALA D 345 -13.95 2.58 -33.27
C ALA D 345 -12.66 2.11 -33.95
N TYR D 346 -11.54 2.76 -33.64
CA TYR D 346 -10.18 2.30 -34.04
C TYR D 346 -9.92 0.95 -33.39
N VAL D 347 -9.36 0.03 -34.14
CA VAL D 347 -8.96 -1.30 -33.59
C VAL D 347 -7.71 -1.70 -34.39
N HIS D 348 -6.71 -2.28 -33.74
CA HIS D 348 -5.55 -2.88 -34.43
C HIS D 348 -6.02 -4.13 -35.19
N GLY D 349 -5.32 -4.47 -36.28
CA GLY D 349 -5.46 -5.74 -37.01
C GLY D 349 -6.17 -5.59 -38.34
N ARG D 350 -6.49 -4.37 -38.77
CA ARG D 350 -7.26 -4.11 -40.03
C ARG D 350 -6.29 -3.94 -41.19
N LEU D 351 -4.99 -3.70 -40.92
CA LEU D 351 -3.93 -3.40 -41.94
C LEU D 351 -2.93 -4.55 -42.07
PA NAP E . -17.69 11.08 0.27
O1A NAP E . -18.14 12.51 0.41
O2A NAP E . -16.64 10.53 1.17
O5B NAP E . -18.97 10.12 0.32
C5B NAP E . -18.87 8.69 0.24
C4B NAP E . -20.18 8.15 0.78
O4B NAP E . -20.12 6.70 0.88
C3B NAP E . -20.56 8.65 2.18
O3B NAP E . -21.96 8.85 2.34
C2B NAP E . -20.21 7.48 3.08
O2B NAP E . -21.00 7.48 4.29
C1B NAP E . -20.63 6.35 2.16
N9A NAP E . -20.07 5.06 2.48
C8A NAP E . -18.74 4.75 2.66
N7A NAP E . -18.54 3.48 2.85
C5A NAP E . -19.81 2.91 2.77
C6A NAP E . -20.26 1.60 2.89
N6A NAP E . -19.45 0.56 3.12
N1A NAP E . -21.58 1.37 2.78
C2A NAP E . -22.39 2.42 2.56
N3A NAP E . -22.08 3.71 2.43
C4A NAP E . -20.76 3.88 2.55
O3 NAP E . -17.08 10.81 -1.19
PN NAP E . -17.35 11.25 -2.70
O1N NAP E . -16.60 12.52 -3.00
O2N NAP E . -18.84 11.21 -2.83
O5D NAP E . -16.66 10.05 -3.52
C5D NAP E . -16.87 8.66 -3.16
C4D NAP E . -15.88 7.81 -3.93
O4D NAP E . -15.96 8.19 -5.31
C3D NAP E . -14.39 7.95 -3.56
O3D NAP E . -13.66 6.72 -3.68
C2D NAP E . -13.91 8.96 -4.60
O2D NAP E . -12.48 8.91 -4.72
C1D NAP E . -14.68 8.46 -5.82
N1N NAP E . -14.80 9.45 -6.95
C2N NAP E . -14.52 9.04 -8.24
C3N NAP E . -14.57 9.95 -9.30
C7N NAP E . -14.44 9.48 -10.72
O7N NAP E . -14.26 10.29 -11.61
N7N NAP E . -14.48 8.18 -10.96
C4N NAP E . -14.71 11.32 -9.00
C5N NAP E . -15.04 11.72 -7.71
C6N NAP E . -15.16 10.77 -6.73
P2B NAP E . -20.51 8.53 5.47
O1X NAP E . -19.12 8.09 5.88
O2X NAP E . -20.52 10.00 5.03
O3X NAP E . -21.57 8.19 6.51
PA NAP F . 19.03 5.71 6.40
O1A NAP F . 19.62 6.66 7.40
O2A NAP F . 18.01 6.23 5.44
O5B NAP F . 20.18 4.91 5.62
C5B NAP F . 19.90 3.91 4.60
C4B NAP F . 21.15 3.85 3.75
O4B NAP F . 21.03 2.88 2.67
C3B NAP F . 21.57 5.16 3.08
O3B NAP F . 22.97 5.29 3.24
C2B NAP F . 21.16 4.98 1.62
O2B NAP F . 21.97 5.75 0.74
C1B NAP F . 21.45 3.49 1.46
N9A NAP F . 20.72 2.81 0.40
C8A NAP F . 19.36 2.85 0.21
N7A NAP F . 18.96 2.07 -0.76
C5A NAP F . 20.11 1.45 -1.21
C6A NAP F . 20.35 0.51 -2.22
N6A NAP F . 19.38 -0.01 -2.98
N1A NAP F . 21.62 0.08 -2.41
C2A NAP F . 22.58 0.61 -1.64
N3A NAP F . 22.48 1.52 -0.67
C4A NAP F . 21.20 1.90 -0.49
O3 NAP F . 18.36 4.48 7.19
PN NAP F . 18.81 3.70 8.52
O1N NAP F . 18.41 4.53 9.69
O2N NAP F . 20.24 3.29 8.29
O5D NAP F . 17.89 2.42 8.43
C5D NAP F . 18.08 1.45 7.37
C4D NAP F . 16.92 0.47 7.40
O4D NAP F . 16.93 -0.22 8.67
C3D NAP F . 15.51 1.08 7.25
O3D NAP F . 14.59 0.28 6.47
C2D NAP F . 15.04 1.19 8.70
O2D NAP F . 13.62 1.21 8.89
C1D NAP F . 15.63 -0.09 9.28
N1N NAP F . 15.75 -0.08 10.77
C2N NAP F . 15.35 -1.20 11.48
C3N NAP F . 15.41 -1.22 12.86
C7N NAP F . 15.08 -2.50 13.58
O7N NAP F . 14.86 -2.47 14.77
N7N NAP F . 14.98 -3.63 12.89
C4N NAP F . 15.74 -0.05 13.56
C5N NAP F . 16.27 1.03 12.86
C6N NAP F . 16.23 1.01 11.47
P2B NAP F . 21.91 7.39 0.78
O1X NAP F . 20.47 7.64 0.43
O2X NAP F . 22.35 8.06 2.08
O3X NAP F . 22.88 7.76 -0.34
PA NAP G . 11.00 -26.98 52.68
O1A NAP G . 9.53 -26.84 52.43
O2A NAP G . 11.60 -26.73 54.01
O5B NAP G . 11.47 -28.39 52.09
C5B NAP G . 12.49 -29.14 52.77
C4B NAP G . 12.39 -30.56 52.26
O4B NAP G . 13.71 -31.15 52.26
C3B NAP G . 11.53 -31.49 53.14
O3B NAP G . 10.90 -32.54 52.38
C2B NAP G . 12.59 -31.95 54.13
O2B NAP G . 12.05 -33.05 54.88
C1B NAP G . 13.73 -32.25 53.14
N9A NAP G . 15.08 -32.39 53.69
C8A NAP G . 15.80 -31.52 54.47
N7A NAP G . 16.99 -31.98 54.79
C5A NAP G . 17.05 -33.23 54.17
C6A NAP G . 18.05 -34.24 54.11
N6A NAP G . 19.22 -34.17 54.71
N1A NAP G . 17.77 -35.36 53.39
C2A NAP G . 16.58 -35.46 52.80
N3A NAP G . 15.58 -34.58 52.77
C4A NAP G . 15.88 -33.48 53.49
O3 NAP G . 11.74 -25.95 51.71
PN NAP G . 11.49 -25.47 50.22
O1N NAP G . 10.55 -24.31 50.25
O2N NAP G . 11.19 -26.65 49.35
O5D NAP G . 12.98 -24.93 49.93
C5D NAP G . 14.02 -25.88 49.57
C4D NAP G . 15.34 -25.15 49.53
O4D NAP G . 15.35 -24.35 48.36
C3D NAP G . 15.63 -24.18 50.68
O3D NAP G . 17.03 -24.10 50.94
C2D NAP G . 15.09 -22.87 50.13
O2D NAP G . 15.60 -21.68 50.71
C1D NAP G . 15.60 -23.00 48.71
N1N NAP G . 14.92 -22.11 47.73
C2N NAP G . 15.66 -21.44 46.78
C3N NAP G . 15.06 -20.75 45.74
C7N NAP G . 15.88 -20.17 44.61
O7N NAP G . 15.46 -19.20 44.00
N7N NAP G . 17.06 -20.70 44.33
C4N NAP G . 13.69 -20.57 45.78
C5N NAP G . 12.96 -21.09 46.85
C6N NAP G . 13.58 -21.96 47.72
P2B NAP G . 11.13 -32.54 56.14
O1X NAP G . 11.96 -31.49 56.90
O2X NAP G . 9.84 -31.99 55.63
O3X NAP G . 10.88 -33.82 56.92
PA NAP H . -10.52 18.39 -55.96
O1A NAP H . -9.05 18.18 -55.71
O2A NAP H . -11.05 19.63 -56.62
O5B NAP H . -11.04 17.04 -56.66
C5B NAP H . -12.33 16.87 -57.29
C4B NAP H . -12.32 15.53 -57.99
O4B NAP H . -13.66 15.20 -58.39
C3B NAP H . -11.48 15.45 -59.28
O3B NAP H . -11.05 14.15 -59.64
C2B NAP H . -12.51 15.91 -60.32
O2B NAP H . -12.07 15.53 -61.63
C1B NAP H . -13.69 15.10 -59.80
N9A NAP H . -14.99 15.54 -60.30
C8A NAP H . -15.59 16.78 -60.24
N7A NAP H . -16.79 16.78 -60.79
C5A NAP H . -16.98 15.48 -61.24
C6A NAP H . -18.05 14.83 -61.89
N6A NAP H . -19.17 15.44 -62.25
N1A NAP H . -17.90 13.51 -62.19
C2A NAP H . -16.75 12.89 -61.83
N3A NAP H . -15.70 13.39 -61.19
C4A NAP H . -15.88 14.70 -60.93
O3 NAP H . -11.32 18.38 -54.58
PN NAP H . -11.00 17.70 -53.16
O1N NAP H . -9.92 18.47 -52.48
O2N NAP H . -10.79 16.23 -53.40
O5D NAP H . -12.43 18.06 -52.46
C5D NAP H . -13.68 17.43 -52.91
C4D NAP H . -14.88 18.11 -52.28
O4D NAP H . -14.93 17.78 -50.87
C3D NAP H . -14.91 19.65 -52.34
O3D NAP H . -16.24 20.10 -52.60
C2D NAP H . -14.43 20.07 -50.95
O2D NAP H . -14.85 21.34 -50.48
C1D NAP H . -15.05 18.96 -50.10
N1N NAP H . -14.31 18.75 -48.83
C2N NAP H . -15.01 18.64 -47.65
C3N NAP H . -14.34 18.58 -46.44
C7N NAP H . -15.14 18.42 -45.19
O7N NAP H . -14.80 19.04 -44.18
N7N NAP H . -16.19 17.61 -45.22
C4N NAP H . -12.94 18.71 -46.43
C5N NAP H . -12.26 18.55 -47.61
C6N NAP H . -12.94 18.64 -48.80
P2B NAP H . -11.14 16.68 -62.37
O1X NAP H . -11.86 18.04 -62.23
O2X NAP H . -9.76 16.71 -61.74
O3X NAP H . -11.04 16.21 -63.79
#